data_2BP3
# 
_entry.id   2BP3 
# 
_audit_conform.dict_name       mmcif_pdbx.dic 
_audit_conform.dict_version    5.382 
_audit_conform.dict_location   http://mmcif.pdb.org/dictionaries/ascii/mmcif_pdbx.dic 
# 
loop_
_database_2.database_id 
_database_2.database_code 
_database_2.pdbx_database_accession 
_database_2.pdbx_DOI 
PDB   2BP3         pdb_00002bp3 10.2210/pdb2bp3/pdb 
PDBE  EBI-23647    ?            ?                   
WWPDB D_1290023647 ?            ?                   
# 
loop_
_pdbx_database_related.db_name 
_pdbx_database_related.db_id 
_pdbx_database_related.content_type 
_pdbx_database_related.details 
PDB 1GWB unspecified 'STRUCTURE OF GLYCOPROTEIN 1B' 
PDB 1K13 unspecified 'SEVEN TANDEM LEUCINE-RICH REPEATS OF HUMAN GLYCOPROTEIN 1BALPHA' 
PDB 1M0Z unspecified 'CRYSTAL STRUCTURE OF THE VON WILLEBRAND FACTOR BINDINGDOMAIN OF GLYCOPROTEIN IB ALPHA' 
PDB 1M10 unspecified 'CRYSTAL STRUCTURE OF THE COMPLEX OF GLYCOPROTEIN IB ALPHAAND THE VON WILLEBRAND FACTOR A1 DOMAIN' 
PDB 1OOK unspecified 'CRYSTAL STRUCTURE OF THE COMPLEX OF PLATELET RECEPTOR GPIB-ALPHA AND HUMAN ALPHA- THROMBIN' 
PDB 1P8V unspecified 'CRYSTAL STRUCTURE OF THE COMPLEX OF PLATELET RECEPTOR GPIB-ALPHA AND ALPHA-THROMBIN AT 2.6A' 
PDB 1P9A unspecified 
'CRYSTAL STRUCTURE OF N-TERMINAL DOMAIN OF HUMAN PLATELETRECEPTOR GLYCOPROTEIN IB-ALPHA AT 1.7 ANGSTROM RESOLUTION' 
PDB 1QYY unspecified 
'CRYSTAL STRUCTURE OF N-TERMINAL DOMAIN OF HUMAN PLATELETRECEPTOR GLYCOPROTEIN IB-ALPHA AT 2.8 ANGSTROM RESOLUTION' 
PDB 1SQ0 unspecified 
;CRYSTAL STRUCTURE OF THE COMPLEX OF THE WILD-TYPE VONWILLEBRAND FACTOR A1 DOMAIN AND GLYCOPROTEIN IB ALPHA AT2.6 ANGSTROM RESOLUTION
;
PDB 2BRQ unspecified 'CRYSTAL STRUCTURE OF THE FILAMIN A REPEAT 21 COMPLEXED WITH THE INTEGRIN BETA7 CYTOPLASMIC TAIL PEPTIDE' 
# 
_pdbx_database_status.status_code                     REL 
_pdbx_database_status.entry_id                        2BP3 
_pdbx_database_status.deposit_site                    PDBE 
_pdbx_database_status.process_site                    PDBE 
_pdbx_database_status.SG_entry                        . 
_pdbx_database_status.recvd_initial_deposition_date   2005-04-18 
_pdbx_database_status.pdb_format_compatible           Y 
_pdbx_database_status.status_code_sf                  REL 
_pdbx_database_status.status_code_mr                  ? 
_pdbx_database_status.status_code_cs                  ? 
_pdbx_database_status.methods_development_category    ? 
_pdbx_database_status.status_code_nmr_data            ? 
# 
loop_
_audit_author.name 
_audit_author.pdbx_ordinal 
'Pudas, R.'  1 
'Ylanne, J.' 2 
# 
_citation.id                        primary 
_citation.title                     'The Structure of the Gpib-Filamin a Complex.' 
_citation.journal_abbrev            Blood 
_citation.journal_volume            107 
_citation.page_first                1925 
_citation.page_last                 ? 
_citation.year                      2006 
_citation.journal_id_ASTM           ? 
_citation.country                   US 
_citation.journal_id_ISSN           0006-4971 
_citation.journal_id_CSD            ? 
_citation.book_publisher            ? 
_citation.pdbx_database_id_PubMed   16293600 
_citation.pdbx_database_id_DOI      10.1182/BLOOD-2005-10-3964 
# 
loop_
_citation_author.citation_id 
_citation_author.name 
_citation_author.ordinal 
_citation_author.identifier_ORCID 
primary 'Nakamura, F.'    1 ? 
primary 'Pudas, R.'       2 ? 
primary 'Heikkinen, O.'   3 ? 
primary 'Permi, P.'       4 ? 
primary 'Kilpelainen, I.' 5 ? 
primary 'Munday, A.D.'    6 ? 
primary 'Hartwig, J.H.'   7 ? 
primary 'Stossel, T.P.'   8 ? 
primary 'Ylanne, J.'      9 ? 
# 
_cell.entry_id           2BP3 
_cell.length_a           41.900 
_cell.length_b           62.800 
_cell.length_c           122.800 
_cell.angle_alpha        90.00 
_cell.angle_beta         90.00 
_cell.angle_gamma        90.00 
_cell.Z_PDB              8 
_cell.pdbx_unique_axis   ? 
# 
_symmetry.entry_id                         2BP3 
_symmetry.space_group_name_H-M             'P 21 21 21' 
_symmetry.pdbx_full_space_group_name_H-M   ? 
_symmetry.cell_setting                     ? 
_symmetry.Int_Tables_number                19 
# 
loop_
_entity.id 
_entity.type 
_entity.src_method 
_entity.pdbx_description 
_entity.formula_weight 
_entity.pdbx_number_of_molecules 
_entity.pdbx_ec 
_entity.pdbx_mutation 
_entity.pdbx_fragment 
_entity.details 
1 polymer     man 'FILAMIN A'                            9976.017 2  ? ? 'ROD DOMAIN, RESIDUES 1863-1956'       ? 
2 polymer     syn 'PLATELET GLYCOPROTEIN IB ALPHA CHAIN' 2563.014 2  ? ? 'CYTOPLASMIC DOMAIN, RESIDUES 572-593' ? 
3 non-polymer syn GLYCEROL                               92.094   2  ? ? ?                                      ? 
4 water       nat water                                  18.015   28 ? ? ?                                      ? 
# 
loop_
_entity_name_com.entity_id 
_entity_name_com.name 
1 'ALPHA-FILAMIN, FILAMIN 1, ENDOTHELIAL ACTIN-BINDING PROTEIN, ACTIN-BINDING PROTEIN 280, ABP-280, NONMUSCLE FILAMIN' 
2 'GLYCOPROTEIN B ALPHA, GLYCOPROTEIN IBALPHA, GP-IB ALPHA, GPIBA, GPIB-ALPHA, CD42B-ALPHA, CD42B'                     
# 
loop_
_entity_poly.entity_id 
_entity_poly.type 
_entity_poly.nstd_linkage 
_entity_poly.nstd_monomer 
_entity_poly.pdbx_seq_one_letter_code 
_entity_poly.pdbx_seq_one_letter_code_can 
_entity_poly.pdbx_strand_id 
_entity_poly.pdbx_target_identifier 
1 'polypeptide(L)' no no 
;GAMVNCGHVTAYGPGLTHGVVNKPATFTVNTKDAGEGGLSLAIEGPSKAEISCTDNQDGTCSVSYLPVLPGDYSILVKYN
EQHVPGSPFTARVTGDD
;
;GAMVNCGHVTAYGPGLTHGVVNKPATFTVNTKDAGEGGLSLAIEGPSKAEISCTDNQDGTCSVSYLPVLPGDYSILVKYN
EQHVPGSPFTARVTGDD
;
A,B ? 
2 'polypeptide(L)' no no LRGSLPTFRSSLFLWVRPNGRV                                                                               
LRGSLPTFRSSLFLWVRPNGRV                                                                               S,T ? 
# 
loop_
_entity_poly_seq.entity_id 
_entity_poly_seq.num 
_entity_poly_seq.mon_id 
_entity_poly_seq.hetero 
1 1  GLY n 
1 2  ALA n 
1 3  MET n 
1 4  VAL n 
1 5  ASN n 
1 6  CYS n 
1 7  GLY n 
1 8  HIS n 
1 9  VAL n 
1 10 THR n 
1 11 ALA n 
1 12 TYR n 
1 13 GLY n 
1 14 PRO n 
1 15 GLY n 
1 16 LEU n 
1 17 THR n 
1 18 HIS n 
1 19 GLY n 
1 20 VAL n 
1 21 VAL n 
1 22 ASN n 
1 23 LYS n 
1 24 PRO n 
1 25 ALA n 
1 26 THR n 
1 27 PHE n 
1 28 THR n 
1 29 VAL n 
1 30 ASN n 
1 31 THR n 
1 32 LYS n 
1 33 ASP n 
1 34 ALA n 
1 35 GLY n 
1 36 GLU n 
1 37 GLY n 
1 38 GLY n 
1 39 LEU n 
1 40 SER n 
1 41 LEU n 
1 42 ALA n 
1 43 ILE n 
1 44 GLU n 
1 45 GLY n 
1 46 PRO n 
1 47 SER n 
1 48 LYS n 
1 49 ALA n 
1 50 GLU n 
1 51 ILE n 
1 52 SER n 
1 53 CYS n 
1 54 THR n 
1 55 ASP n 
1 56 ASN n 
1 57 GLN n 
1 58 ASP n 
1 59 GLY n 
1 60 THR n 
1 61 CYS n 
1 62 SER n 
1 63 VAL n 
1 64 SER n 
1 65 TYR n 
1 66 LEU n 
1 67 PRO n 
1 68 VAL n 
1 69 LEU n 
1 70 PRO n 
1 71 GLY n 
1 72 ASP n 
1 73 TYR n 
1 74 SER n 
1 75 ILE n 
1 76 LEU n 
1 77 VAL n 
1 78 LYS n 
1 79 TYR n 
1 80 ASN n 
1 81 GLU n 
1 82 GLN n 
1 83 HIS n 
1 84 VAL n 
1 85 PRO n 
1 86 GLY n 
1 87 SER n 
1 88 PRO n 
1 89 PHE n 
1 90 THR n 
1 91 ALA n 
1 92 ARG n 
1 93 VAL n 
1 94 THR n 
1 95 GLY n 
1 96 ASP n 
1 97 ASP n 
2 1  LEU n 
2 2  ARG n 
2 3  GLY n 
2 4  SER n 
2 5  LEU n 
2 6  PRO n 
2 7  THR n 
2 8  PHE n 
2 9  ARG n 
2 10 SER n 
2 11 SER n 
2 12 LEU n 
2 13 PHE n 
2 14 LEU n 
2 15 TRP n 
2 16 VAL n 
2 17 ARG n 
2 18 PRO n 
2 19 ASN n 
2 20 GLY n 
2 21 ARG n 
2 22 VAL n 
# 
_entity_src_gen.entity_id                          1 
_entity_src_gen.pdbx_src_id                        1 
_entity_src_gen.pdbx_alt_source_flag               sample 
_entity_src_gen.pdbx_seq_type                      ? 
_entity_src_gen.pdbx_beg_seq_num                   ? 
_entity_src_gen.pdbx_end_seq_num                   ? 
_entity_src_gen.gene_src_common_name               HUMAN 
_entity_src_gen.gene_src_genus                     ? 
_entity_src_gen.pdbx_gene_src_gene                 ? 
_entity_src_gen.gene_src_species                   ? 
_entity_src_gen.gene_src_strain                    ? 
_entity_src_gen.gene_src_tissue                    ? 
_entity_src_gen.gene_src_tissue_fraction           ? 
_entity_src_gen.gene_src_details                   ? 
_entity_src_gen.pdbx_gene_src_fragment             ? 
_entity_src_gen.pdbx_gene_src_scientific_name      'HOMO SAPIENS' 
_entity_src_gen.pdbx_gene_src_ncbi_taxonomy_id     9606 
_entity_src_gen.pdbx_gene_src_variant              ? 
_entity_src_gen.pdbx_gene_src_cell_line            ? 
_entity_src_gen.pdbx_gene_src_atcc                 ? 
_entity_src_gen.pdbx_gene_src_organ                ? 
_entity_src_gen.pdbx_gene_src_organelle            ? 
_entity_src_gen.pdbx_gene_src_cell                 ? 
_entity_src_gen.pdbx_gene_src_cellular_location    ? 
_entity_src_gen.host_org_common_name               ? 
_entity_src_gen.pdbx_host_org_scientific_name      'ESCHERICHIA COLI' 
_entity_src_gen.pdbx_host_org_ncbi_taxonomy_id     511693 
_entity_src_gen.host_org_genus                     ? 
_entity_src_gen.pdbx_host_org_gene                 ? 
_entity_src_gen.pdbx_host_org_organ                ? 
_entity_src_gen.host_org_species                   ? 
_entity_src_gen.pdbx_host_org_tissue               ? 
_entity_src_gen.pdbx_host_org_tissue_fraction      ? 
_entity_src_gen.pdbx_host_org_strain               BL21 
_entity_src_gen.pdbx_host_org_variant              ? 
_entity_src_gen.pdbx_host_org_cell_line            ? 
_entity_src_gen.pdbx_host_org_atcc                 ? 
_entity_src_gen.pdbx_host_org_culture_collection   ? 
_entity_src_gen.pdbx_host_org_cell                 ? 
_entity_src_gen.pdbx_host_org_organelle            ? 
_entity_src_gen.pdbx_host_org_cellular_location    ? 
_entity_src_gen.pdbx_host_org_vector_type          ? 
_entity_src_gen.pdbx_host_org_vector               ? 
_entity_src_gen.host_org_details                   ? 
_entity_src_gen.expression_system_id               ? 
_entity_src_gen.plasmid_name                       PGEX4T-3 
_entity_src_gen.plasmid_details                    ? 
_entity_src_gen.pdbx_description                   ? 
# 
_pdbx_entity_src_syn.entity_id              2 
_pdbx_entity_src_syn.pdbx_src_id            1 
_pdbx_entity_src_syn.pdbx_alt_source_flag   sample 
_pdbx_entity_src_syn.pdbx_beg_seq_num       ? 
_pdbx_entity_src_syn.pdbx_end_seq_num       ? 
_pdbx_entity_src_syn.organism_scientific    'HOMO SAPIENS' 
_pdbx_entity_src_syn.organism_common_name   HUMAN 
_pdbx_entity_src_syn.ncbi_taxonomy_id       9606 
_pdbx_entity_src_syn.details                ? 
# 
loop_
_struct_ref.id 
_struct_ref.db_name 
_struct_ref.db_code 
_struct_ref.entity_id 
_struct_ref.pdbx_seq_one_letter_code 
_struct_ref.pdbx_align_begin 
_struct_ref.pdbx_db_accession 
_struct_ref.pdbx_db_isoform 
1 PDB 2BP3        1 ? ? 2BP3   ? 
2 UNP FLNA_HUMAN  1 ? ? P21333 ? 
3 UNP GP1BA_HUMAN 2 ? ? P07359 ? 
# 
loop_
_struct_ref_seq.align_id 
_struct_ref_seq.ref_id 
_struct_ref_seq.pdbx_PDB_id_code 
_struct_ref_seq.pdbx_strand_id 
_struct_ref_seq.seq_align_beg 
_struct_ref_seq.pdbx_seq_align_beg_ins_code 
_struct_ref_seq.seq_align_end 
_struct_ref_seq.pdbx_seq_align_end_ins_code 
_struct_ref_seq.pdbx_db_accession 
_struct_ref_seq.db_align_beg 
_struct_ref_seq.pdbx_db_align_beg_ins_code 
_struct_ref_seq.db_align_end 
_struct_ref_seq.pdbx_db_align_end_ins_code 
_struct_ref_seq.pdbx_auth_seq_align_beg 
_struct_ref_seq.pdbx_auth_seq_align_end 
1 1 2BP3 A 1 ? 3  ? 2BP3   -3   ? -1   ? -3   -1   
2 2 2BP3 A 4 ? 97 ? P21333 1863 ? 1956 ? 1863 1956 
3 1 2BP3 B 1 ? 3  ? 2BP3   -3   ? -1   ? -3   -1   
4 2 2BP3 B 4 ? 97 ? P21333 1863 ? 1956 ? 1863 1956 
5 3 2BP3 S 1 ? 22 ? P07359 572  ? 593  ? 556  577  
6 3 2BP3 T 1 ? 22 ? P07359 572  ? 593  ? 556  577  
# 
loop_
_chem_comp.id 
_chem_comp.type 
_chem_comp.mon_nstd_flag 
_chem_comp.name 
_chem_comp.pdbx_synonyms 
_chem_comp.formula 
_chem_comp.formula_weight 
ALA 'L-peptide linking' y ALANINE         ?                               'C3 H7 N O2'     89.093  
ARG 'L-peptide linking' y ARGININE        ?                               'C6 H15 N4 O2 1' 175.209 
ASN 'L-peptide linking' y ASPARAGINE      ?                               'C4 H8 N2 O3'    132.118 
ASP 'L-peptide linking' y 'ASPARTIC ACID' ?                               'C4 H7 N O4'     133.103 
CYS 'L-peptide linking' y CYSTEINE        ?                               'C3 H7 N O2 S'   121.158 
GLN 'L-peptide linking' y GLUTAMINE       ?                               'C5 H10 N2 O3'   146.144 
GLU 'L-peptide linking' y 'GLUTAMIC ACID' ?                               'C5 H9 N O4'     147.129 
GLY 'peptide linking'   y GLYCINE         ?                               'C2 H5 N O2'     75.067  
GOL non-polymer         . GLYCEROL        'GLYCERIN; PROPANE-1,2,3-TRIOL' 'C3 H8 O3'       92.094  
HIS 'L-peptide linking' y HISTIDINE       ?                               'C6 H10 N3 O2 1' 156.162 
HOH non-polymer         . WATER           ?                               'H2 O'           18.015  
ILE 'L-peptide linking' y ISOLEUCINE      ?                               'C6 H13 N O2'    131.173 
LEU 'L-peptide linking' y LEUCINE         ?                               'C6 H13 N O2'    131.173 
LYS 'L-peptide linking' y LYSINE          ?                               'C6 H15 N2 O2 1' 147.195 
MET 'L-peptide linking' y METHIONINE      ?                               'C5 H11 N O2 S'  149.211 
PHE 'L-peptide linking' y PHENYLALANINE   ?                               'C9 H11 N O2'    165.189 
PRO 'L-peptide linking' y PROLINE         ?                               'C5 H9 N O2'     115.130 
SER 'L-peptide linking' y SERINE          ?                               'C3 H7 N O3'     105.093 
THR 'L-peptide linking' y THREONINE       ?                               'C4 H9 N O3'     119.119 
TRP 'L-peptide linking' y TRYPTOPHAN      ?                               'C11 H12 N2 O2'  204.225 
TYR 'L-peptide linking' y TYROSINE        ?                               'C9 H11 N O3'    181.189 
VAL 'L-peptide linking' y VALINE          ?                               'C5 H11 N O2'    117.146 
# 
_exptl.entry_id          2BP3 
_exptl.method            'X-RAY DIFFRACTION' 
_exptl.crystals_number   1 
# 
_exptl_crystal.id                    1 
_exptl_crystal.density_meas          ? 
_exptl_crystal.density_Matthews      3.62 
_exptl_crystal.density_percent_sol   65.78 
_exptl_crystal.description           ? 
# 
_exptl_crystal_grow.crystal_id      1 
_exptl_crystal_grow.method          ? 
_exptl_crystal_grow.temp            ? 
_exptl_crystal_grow.temp_details    ? 
_exptl_crystal_grow.pH              8.20 
_exptl_crystal_grow.pdbx_pH_range   ? 
_exptl_crystal_grow.pdbx_details    '1.75M AMMONIUM PHOSPHATE, PH 8.2, AFTER MICROSEEDING: 1.25M AMMONIUM SULFATE PH 8.2' 
# 
_diffrn.id                     1 
_diffrn.ambient_temp           100.0 
_diffrn.ambient_temp_details   ? 
_diffrn.crystal_id             1 
# 
_diffrn_detector.diffrn_id              1 
_diffrn_detector.detector               CCD 
_diffrn_detector.type                   MARRESEARCH 
_diffrn_detector.pdbx_collection_date   2004-12-05 
_diffrn_detector.details                'TOROIDAL MIRROR' 
# 
_diffrn_radiation.diffrn_id                        1 
_diffrn_radiation.wavelength_id                    1 
_diffrn_radiation.pdbx_monochromatic_or_laue_m_l   M 
_diffrn_radiation.monochromator                    'SILICON (1 1 1) CHANNEL-CUT' 
_diffrn_radiation.pdbx_diffrn_protocol             'SINGLE WAVELENGTH' 
_diffrn_radiation.pdbx_scattering_type             x-ray 
# 
_diffrn_radiation_wavelength.id           1 
_diffrn_radiation_wavelength.wavelength   0.9795 
_diffrn_radiation_wavelength.wt           1.0 
# 
_diffrn_source.diffrn_id                   1 
_diffrn_source.source                      SYNCHROTRON 
_diffrn_source.type                        'ESRF BEAMLINE ID23-1' 
_diffrn_source.pdbx_synchrotron_site       ESRF 
_diffrn_source.pdbx_synchrotron_beamline   ID23-1 
_diffrn_source.pdbx_wavelength             0.9795 
_diffrn_source.pdbx_wavelength_list        ? 
# 
_reflns.pdbx_diffrn_id               1 
_reflns.pdbx_ordinal                 1 
_reflns.entry_id                     2BP3 
_reflns.observed_criterion_sigma_I   ? 
_reflns.observed_criterion_sigma_F   ? 
_reflns.d_resolution_low             19.880 
_reflns.d_resolution_high            2.320 
_reflns.number_obs                   12876 
_reflns.number_all                   ? 
_reflns.percent_possible_obs         86.9 
_reflns.pdbx_Rmerge_I_obs            0.09000 
_reflns.pdbx_Rsym_value              ? 
_reflns.pdbx_netI_over_sigmaI        14.0000 
_reflns.B_iso_Wilson_estimate        ? 
_reflns.pdbx_redundancy              6.000 
# 
_reflns_shell.pdbx_diffrn_id         1 
_reflns_shell.pdbx_ordinal           1 
_reflns_shell.d_res_high             2.31 
_reflns_shell.d_res_low              2.45 
_reflns_shell.percent_possible_all   56.7 
_reflns_shell.Rmerge_I_obs           0.53000 
_reflns_shell.pdbx_Rsym_value        ? 
_reflns_shell.meanI_over_sigI_obs    3.130 
_reflns_shell.pdbx_redundancy        3.70 
# 
_refine.pdbx_refine_id                           'X-RAY DIFFRACTION' 
_refine.entry_id                                 2BP3 
_refine.pdbx_diffrn_id                           1 
_refine.pdbx_TLS_residual_ADP_flag               ? 
_refine.ls_number_reflns_obs                     12211 
_refine.ls_number_reflns_all                     ? 
_refine.pdbx_ls_sigma_I                          ? 
_refine.pdbx_ls_sigma_F                          ? 
_refine.pdbx_data_cutoff_high_absF               ? 
_refine.pdbx_data_cutoff_low_absF                ? 
_refine.pdbx_data_cutoff_high_rms_absF           ? 
_refine.ls_d_res_low                             19.88 
_refine.ls_d_res_high                            2.32 
_refine.ls_percent_reflns_obs                    100.0 
_refine.ls_R_factor_obs                          0.216 
_refine.ls_R_factor_all                          ? 
_refine.ls_R_factor_R_work                       0.214 
_refine.ls_R_factor_R_free                       0.256 
_refine.ls_R_factor_R_free_error                 ? 
_refine.ls_R_factor_R_free_error_details         ? 
_refine.ls_percent_reflns_R_free                 5.000 
_refine.ls_number_reflns_R_free                  645 
_refine.ls_number_parameters                     ? 
_refine.ls_number_restraints                     ? 
_refine.occupancy_min                            ? 
_refine.occupancy_max                            ? 
_refine.correlation_coeff_Fo_to_Fc               0.940 
_refine.correlation_coeff_Fo_to_Fc_free          0.920 
_refine.B_iso_mean                               57.94 
_refine.aniso_B[1][1]                            -2.78000 
_refine.aniso_B[2][2]                            4.30000 
_refine.aniso_B[3][3]                            -1.52000 
_refine.aniso_B[1][2]                            0.00000 
_refine.aniso_B[1][3]                            0.00000 
_refine.aniso_B[2][3]                            0.00000 
_refine.solvent_model_details                    'BABINET MODEL WITH MASK' 
_refine.solvent_model_param_ksol                 ? 
_refine.solvent_model_param_bsol                 ? 
_refine.pdbx_solvent_vdw_probe_radii             1.20 
_refine.pdbx_solvent_ion_probe_radii             0.80 
_refine.pdbx_solvent_shrinkage_radii             0.80 
_refine.pdbx_ls_cross_valid_method               THROUGHOUT 
_refine.details                                  
;HYDROGENS HAVE BEEN ADDED IN THE RIDING POSITIONS. FLEXIBLE SIDE CHAINS OF SOME RESIDUES LOCATED IN THE LOOP REGIONS COULD NOT BE BUILD USING AVAILABLE DENSITY AND THESE RESIDUES WERE MODELED: A 1881 ASN, A 1882 LYS, A 1892 ASP, A 1916 GLN, B 1891 LYS, B 1892 ASP, B 1909 GLU, B 1916 GLN, B 1917 ASP
;
_refine.pdbx_starting_model                      'PDB ENTRY 1V05' 
_refine.pdbx_method_to_determine_struct          'MOLECULAR REPLACEMENT' 
_refine.pdbx_isotropic_thermal_model             ? 
_refine.pdbx_stereochemistry_target_values       'MAXIMUM LIKELIHOOD' 
_refine.pdbx_stereochem_target_val_spec_case     ? 
_refine.pdbx_R_Free_selection_details            RANDOM 
_refine.pdbx_overall_ESU_R                       0.263 
_refine.pdbx_overall_ESU_R_Free                  0.217 
_refine.overall_SU_ML                            0.147 
_refine.pdbx_overall_phase_error                 ? 
_refine.overall_SU_B                             5.978 
_refine.overall_SU_R_Cruickshank_DPI             ? 
_refine.pdbx_overall_SU_R_free_Cruickshank_DPI   ? 
_refine.pdbx_overall_SU_R_Blow_DPI               ? 
_refine.pdbx_overall_SU_R_free_Blow_DPI          ? 
# 
_refine_hist.pdbx_refine_id                   'X-RAY DIFFRACTION' 
_refine_hist.cycle_id                         LAST 
_refine_hist.pdbx_number_atoms_protein        1553 
_refine_hist.pdbx_number_atoms_nucleic_acid   0 
_refine_hist.pdbx_number_atoms_ligand         12 
_refine_hist.number_atoms_solvent             28 
_refine_hist.number_atoms_total               1593 
_refine_hist.d_res_high                       2.32 
_refine_hist.d_res_low                        19.88 
# 
loop_
_refine_ls_restr.type 
_refine_ls_restr.dev_ideal 
_refine_ls_restr.dev_ideal_target 
_refine_ls_restr.weight 
_refine_ls_restr.number 
_refine_ls_restr.pdbx_refine_id 
_refine_ls_restr.pdbx_restraint_function 
r_bond_refined_d             0.012  0.022  ? 1600 'X-RAY DIFFRACTION' ? 
r_bond_other_d               ?      ?      ? ?    'X-RAY DIFFRACTION' ? 
r_angle_refined_deg          1.463  1.974  ? 2181 'X-RAY DIFFRACTION' ? 
r_angle_other_deg            ?      ?      ? ?    'X-RAY DIFFRACTION' ? 
r_dihedral_angle_1_deg       6.753  5.000  ? 204  'X-RAY DIFFRACTION' ? 
r_dihedral_angle_2_deg       35.701 23.559 ? 59   'X-RAY DIFFRACTION' ? 
r_dihedral_angle_3_deg       19.462 15.000 ? 227  'X-RAY DIFFRACTION' ? 
r_dihedral_angle_4_deg       19.175 15.000 ? 7    'X-RAY DIFFRACTION' ? 
r_chiral_restr               0.097  0.200  ? 248  'X-RAY DIFFRACTION' ? 
r_gen_planes_refined         0.005  0.020  ? 1223 'X-RAY DIFFRACTION' ? 
r_gen_planes_other           ?      ?      ? ?    'X-RAY DIFFRACTION' ? 
r_nbd_refined                0.219  0.200  ? 570  'X-RAY DIFFRACTION' ? 
r_nbd_other                  ?      ?      ? ?    'X-RAY DIFFRACTION' ? 
r_nbtor_refined              0.309  0.200  ? 1037 'X-RAY DIFFRACTION' ? 
r_nbtor_other                ?      ?      ? ?    'X-RAY DIFFRACTION' ? 
r_xyhbond_nbd_refined        0.128  0.200  ? 70   'X-RAY DIFFRACTION' ? 
r_xyhbond_nbd_other          ?      ?      ? ?    'X-RAY DIFFRACTION' ? 
r_metal_ion_refined          ?      ?      ? ?    'X-RAY DIFFRACTION' ? 
r_metal_ion_other            ?      ?      ? ?    'X-RAY DIFFRACTION' ? 
r_symmetry_vdw_refined       0.251  0.200  ? 33   'X-RAY DIFFRACTION' ? 
r_symmetry_vdw_other         ?      ?      ? ?    'X-RAY DIFFRACTION' ? 
r_symmetry_hbond_refined     0.198  0.200  ? 4    'X-RAY DIFFRACTION' ? 
r_symmetry_hbond_other       ?      ?      ? ?    'X-RAY DIFFRACTION' ? 
r_symmetry_metal_ion_refined ?      ?      ? ?    'X-RAY DIFFRACTION' ? 
r_symmetry_metal_ion_other   ?      ?      ? ?    'X-RAY DIFFRACTION' ? 
r_mcbond_it                  2.655  4.000  ? 1056 'X-RAY DIFFRACTION' ? 
r_mcbond_other               ?      ?      ? ?    'X-RAY DIFFRACTION' ? 
r_mcangle_it                 4.170  6.000  ? 1674 'X-RAY DIFFRACTION' ? 
r_mcangle_other              ?      ?      ? ?    'X-RAY DIFFRACTION' ? 
r_scbond_it                  3.095  4.000  ? 609  'X-RAY DIFFRACTION' ? 
r_scbond_other               ?      ?      ? ?    'X-RAY DIFFRACTION' ? 
r_scangle_it                 4.346  6.000  ? 507  'X-RAY DIFFRACTION' ? 
r_scangle_other              ?      ?      ? ?    'X-RAY DIFFRACTION' ? 
r_long_range_B_refined       ?      ?      ? ?    'X-RAY DIFFRACTION' ? 
r_long_range_B_other         ?      ?      ? ?    'X-RAY DIFFRACTION' ? 
r_rigid_bond_restr           ?      ?      ? ?    'X-RAY DIFFRACTION' ? 
r_sphericity_free            ?      ?      ? ?    'X-RAY DIFFRACTION' ? 
r_sphericity_bonded          ?      ?      ? ?    'X-RAY DIFFRACTION' ? 
# 
_refine_ls_shell.pdbx_refine_id                   'X-RAY DIFFRACTION' 
_refine_ls_shell.pdbx_total_number_of_bins_used   20 
_refine_ls_shell.d_res_high                       2.31 
_refine_ls_shell.d_res_low                        2.38 
_refine_ls_shell.number_reflns_R_work             503 
_refine_ls_shell.R_factor_R_work                  0.2560 
_refine_ls_shell.percent_reflns_obs               100.00 
_refine_ls_shell.R_factor_R_free                  0.3010 
_refine_ls_shell.R_factor_R_free_error            ? 
_refine_ls_shell.percent_reflns_R_free            ? 
_refine_ls_shell.number_reflns_R_free             27 
_refine_ls_shell.number_reflns_all                ? 
_refine_ls_shell.R_factor_all                     ? 
# 
_struct.entry_id                  2BP3 
_struct.title                     'Crystal structure of Filamin A domain 17 and GPIb alpha cytoplasmic domain complex' 
_struct.pdbx_model_details        ? 
_struct.pdbx_CASP_flag            ? 
_struct.pdbx_model_type_details   ? 
# 
_struct_keywords.entry_id        2BP3 
_struct_keywords.pdbx_keywords   'STRUCTURAL PROTEIN' 
_struct_keywords.text            'STRUCTURAL PROTEIN, CYTOSKELETON-COMPLEX, ACTIN BINDING PROTEIN, CYTOSKELETON, COMPLEX' 
# 
loop_
_struct_asym.id 
_struct_asym.pdbx_blank_PDB_chainid_flag 
_struct_asym.pdbx_modified 
_struct_asym.entity_id 
_struct_asym.details 
A N N 1 ? 
B N N 1 ? 
C N N 2 ? 
D N N 2 ? 
E N N 3 ? 
F N N 3 ? 
G N N 4 ? 
H N N 4 ? 
I N N 4 ? 
J N N 4 ? 
# 
_struct_biol.id   1 
# 
loop_
_struct_conf.conf_type_id 
_struct_conf.id 
_struct_conf.pdbx_PDB_helix_id 
_struct_conf.beg_label_comp_id 
_struct_conf.beg_label_asym_id 
_struct_conf.beg_label_seq_id 
_struct_conf.pdbx_beg_PDB_ins_code 
_struct_conf.end_label_comp_id 
_struct_conf.end_label_asym_id 
_struct_conf.end_label_seq_id 
_struct_conf.pdbx_end_PDB_ins_code 
_struct_conf.beg_auth_comp_id 
_struct_conf.beg_auth_asym_id 
_struct_conf.beg_auth_seq_id 
_struct_conf.end_auth_comp_id 
_struct_conf.end_auth_asym_id 
_struct_conf.end_auth_seq_id 
_struct_conf.pdbx_PDB_helix_class 
_struct_conf.details 
_struct_conf.pdbx_PDB_helix_length 
HELX_P HELX_P1 1 GLY A 13 ? LEU A 16 ? GLY A 1872 LEU A 1875 5 ? 4 
HELX_P HELX_P2 2 GLY B 13 ? LEU B 16 ? GLY B 1872 LEU B 1875 5 ? 4 
# 
_struct_conf_type.id          HELX_P 
_struct_conf_type.criteria    ? 
_struct_conf_type.reference   ? 
# 
loop_
_struct_mon_prot_cis.pdbx_id 
_struct_mon_prot_cis.label_comp_id 
_struct_mon_prot_cis.label_seq_id 
_struct_mon_prot_cis.label_asym_id 
_struct_mon_prot_cis.label_alt_id 
_struct_mon_prot_cis.pdbx_PDB_ins_code 
_struct_mon_prot_cis.auth_comp_id 
_struct_mon_prot_cis.auth_seq_id 
_struct_mon_prot_cis.auth_asym_id 
_struct_mon_prot_cis.pdbx_label_comp_id_2 
_struct_mon_prot_cis.pdbx_label_seq_id_2 
_struct_mon_prot_cis.pdbx_label_asym_id_2 
_struct_mon_prot_cis.pdbx_PDB_ins_code_2 
_struct_mon_prot_cis.pdbx_auth_comp_id_2 
_struct_mon_prot_cis.pdbx_auth_seq_id_2 
_struct_mon_prot_cis.pdbx_auth_asym_id_2 
_struct_mon_prot_cis.pdbx_PDB_model_num 
_struct_mon_prot_cis.pdbx_omega_angle 
1 SER 87 A . ? SER 1946 A PRO 88 A ? PRO 1947 A 1 -2.11 
2 SER 87 B . ? SER 1946 B PRO 88 B ? PRO 1947 B 1 10.79 
# 
loop_
_struct_sheet.id 
_struct_sheet.type 
_struct_sheet.number_strands 
_struct_sheet.details 
AA ? 4 ? 
AB ? 5 ? 
AC ? 4 ? 
BA ? 4 ? 
BB ? 5 ? 
BC ? 4 ? 
# 
loop_
_struct_sheet_order.sheet_id 
_struct_sheet_order.range_id_1 
_struct_sheet_order.range_id_2 
_struct_sheet_order.offset 
_struct_sheet_order.sense 
AA 1 2 ? anti-parallel 
AA 2 3 ? anti-parallel 
AA 3 4 ? anti-parallel 
AB 1 2 ? parallel      
AB 2 3 ? anti-parallel 
AB 3 4 ? anti-parallel 
AB 4 5 ? anti-parallel 
AC 1 2 ? parallel      
AC 2 3 ? anti-parallel 
AC 3 4 ? anti-parallel 
BA 1 2 ? anti-parallel 
BA 2 3 ? anti-parallel 
BA 3 4 ? anti-parallel 
BB 1 2 ? parallel      
BB 2 3 ? anti-parallel 
BB 3 4 ? anti-parallel 
BB 4 5 ? anti-parallel 
BC 1 2 ? parallel      
BC 2 3 ? anti-parallel 
BC 3 4 ? anti-parallel 
# 
loop_
_struct_sheet_range.sheet_id 
_struct_sheet_range.id 
_struct_sheet_range.beg_label_comp_id 
_struct_sheet_range.beg_label_asym_id 
_struct_sheet_range.beg_label_seq_id 
_struct_sheet_range.pdbx_beg_PDB_ins_code 
_struct_sheet_range.end_label_comp_id 
_struct_sheet_range.end_label_asym_id 
_struct_sheet_range.end_label_seq_id 
_struct_sheet_range.pdbx_end_PDB_ins_code 
_struct_sheet_range.beg_auth_comp_id 
_struct_sheet_range.beg_auth_asym_id 
_struct_sheet_range.beg_auth_seq_id 
_struct_sheet_range.end_auth_comp_id 
_struct_sheet_range.end_auth_asym_id 
_struct_sheet_range.end_auth_seq_id 
AA 1 THR A 10 ? TYR A 12 ? THR A 1869 TYR A 1871 
AA 2 ALA A 25 ? ASN A 30 ? ALA A 1884 ASN A 1889 
AA 3 THR A 60 ? LEU A 66 ? THR A 1919 LEU A 1925 
AA 4 GLU A 50 ? ASP A 55 ? GLU A 1909 ASP A 1914 
AB 1 HIS A 18 ? VAL A 20 ? HIS A 1877 VAL A 1879 
AB 2 PHE A 89 ? THR A 94 ? PHE A 1948 THR A 1953 
AB 3 GLY A 71 ? TYR A 79 ? GLY A 1930 TYR A 1938 
AB 4 GLY A 37 ? GLY A 45 ? GLY A 1896 GLY A 1904 
AB 5 PHE D 8  ? VAL D 16 ? PHE T 563  VAL T 571  
AC 1 HIS A 18 ? VAL A 20 ? HIS A 1877 VAL A 1879 
AC 2 PHE A 89 ? THR A 94 ? PHE A 1948 THR A 1953 
AC 3 GLY A 71 ? TYR A 79 ? GLY A 1930 TYR A 1938 
AC 4 GLN A 82 ? HIS A 83 ? GLN A 1941 HIS A 1942 
BA 1 THR B 10 ? TYR B 12 ? THR B 1869 TYR B 1871 
BA 2 ALA B 25 ? ASN B 30 ? ALA B 1884 ASN B 1889 
BA 3 THR B 60 ? LEU B 66 ? THR B 1919 LEU B 1925 
BA 4 GLU B 50 ? ASP B 55 ? GLU B 1909 ASP B 1914 
BB 1 HIS B 18 ? VAL B 20 ? HIS B 1877 VAL B 1879 
BB 2 PHE B 89 ? THR B 94 ? PHE B 1948 THR B 1953 
BB 3 GLY B 71 ? TYR B 79 ? GLY B 1930 TYR B 1938 
BB 4 GLY B 37 ? GLY B 45 ? GLY B 1896 GLY B 1904 
BB 5 PHE C 8  ? VAL C 16 ? PHE S 563  VAL S 571  
BC 1 HIS B 18 ? VAL B 20 ? HIS B 1877 VAL B 1879 
BC 2 PHE B 89 ? THR B 94 ? PHE B 1948 THR B 1953 
BC 3 GLY B 71 ? TYR B 79 ? GLY B 1930 TYR B 1938 
BC 4 GLN B 82 ? HIS B 83 ? GLN B 1941 HIS B 1942 
# 
loop_
_pdbx_struct_sheet_hbond.sheet_id 
_pdbx_struct_sheet_hbond.range_id_1 
_pdbx_struct_sheet_hbond.range_id_2 
_pdbx_struct_sheet_hbond.range_1_label_atom_id 
_pdbx_struct_sheet_hbond.range_1_label_comp_id 
_pdbx_struct_sheet_hbond.range_1_label_asym_id 
_pdbx_struct_sheet_hbond.range_1_label_seq_id 
_pdbx_struct_sheet_hbond.range_1_PDB_ins_code 
_pdbx_struct_sheet_hbond.range_1_auth_atom_id 
_pdbx_struct_sheet_hbond.range_1_auth_comp_id 
_pdbx_struct_sheet_hbond.range_1_auth_asym_id 
_pdbx_struct_sheet_hbond.range_1_auth_seq_id 
_pdbx_struct_sheet_hbond.range_2_label_atom_id 
_pdbx_struct_sheet_hbond.range_2_label_comp_id 
_pdbx_struct_sheet_hbond.range_2_label_asym_id 
_pdbx_struct_sheet_hbond.range_2_label_seq_id 
_pdbx_struct_sheet_hbond.range_2_PDB_ins_code 
_pdbx_struct_sheet_hbond.range_2_auth_atom_id 
_pdbx_struct_sheet_hbond.range_2_auth_comp_id 
_pdbx_struct_sheet_hbond.range_2_auth_asym_id 
_pdbx_struct_sheet_hbond.range_2_auth_seq_id 
AA 1 2 N TYR A 12 ? N TYR A 1871 O THR A 28 ? O THR A 1887 
AA 2 3 N VAL A 29 ? N VAL A 1888 O CYS A 61 ? O CYS A 1920 
AA 3 4 N LEU A 66 ? N LEU A 1925 O GLU A 50 ? O GLU A 1909 
AB 1 2 N GLY A 19 ? N GLY A 1878 O ARG A 92 ? O ARG A 1951 
AB 2 3 N VAL A 93 ? N VAL A 1952 O GLY A 71 ? O GLY A 1930 
AB 3 4 N LYS A 78 ? N LYS A 1937 O SER A 40 ? O SER A 1899 
AB 4 5 N GLY A 45 ? N GLY A 1904 O PHE D 8  ? O PHE T 563  
AC 1 2 N GLY A 19 ? N GLY A 1878 O ARG A 92 ? O ARG A 1951 
AC 2 3 N VAL A 93 ? N VAL A 1952 O GLY A 71 ? O GLY A 1930 
AC 3 4 N TYR A 79 ? N TYR A 1938 O GLN A 82 ? O GLN A 1941 
BA 1 2 N TYR B 12 ? N TYR B 1871 O THR B 28 ? O THR B 1887 
BA 2 3 N VAL B 29 ? N VAL B 1888 O CYS B 61 ? O CYS B 1920 
BA 3 4 N LEU B 66 ? N LEU B 1925 O GLU B 50 ? O GLU B 1909 
BB 1 2 N GLY B 19 ? N GLY B 1878 O ARG B 92 ? O ARG B 1951 
BB 2 3 N VAL B 93 ? N VAL B 1952 O GLY B 71 ? O GLY B 1930 
BB 3 4 N LYS B 78 ? N LYS B 1937 O SER B 40 ? O SER B 1899 
BB 4 5 N GLY B 45 ? N GLY B 1904 O PHE C 8  ? O PHE S 563  
BC 1 2 N GLY B 19 ? N GLY B 1878 O ARG B 92 ? O ARG B 1951 
BC 2 3 N VAL B 93 ? N VAL B 1952 O GLY B 71 ? O GLY B 1930 
BC 3 4 N TYR B 79 ? N TYR B 1938 O GLN B 82 ? O GLN B 1941 
# 
loop_
_struct_site.id 
_struct_site.pdbx_evidence_code 
_struct_site.pdbx_auth_asym_id 
_struct_site.pdbx_auth_comp_id 
_struct_site.pdbx_auth_seq_id 
_struct_site.pdbx_auth_ins_code 
_struct_site.pdbx_num_residues 
_struct_site.details 
AC1 Software ? ? ? ? 8 'BINDING SITE FOR RESIDUE GOL A2955' 
AC2 Software ? ? ? ? 3 'BINDING SITE FOR RESIDUE GOL B2955' 
# 
loop_
_struct_site_gen.id 
_struct_site_gen.site_id 
_struct_site_gen.pdbx_num_res 
_struct_site_gen.label_comp_id 
_struct_site_gen.label_asym_id 
_struct_site_gen.label_seq_id 
_struct_site_gen.pdbx_auth_ins_code 
_struct_site_gen.auth_comp_id 
_struct_site_gen.auth_asym_id 
_struct_site_gen.auth_seq_id 
_struct_site_gen.label_atom_id 
_struct_site_gen.label_alt_id 
_struct_site_gen.symmetry 
_struct_site_gen.details 
1  AC1 8 THR A 31 ? THR A 1890 . ? 1_555 ? 
2  AC1 8 ALA A 34 ? ALA A 1893 . ? 1_555 ? 
3  AC1 8 GLY A 35 ? GLY A 1894 . ? 1_555 ? 
4  AC1 8 GLY A 59 ? GLY A 1918 . ? 1_555 ? 
5  AC1 8 ASN B 80 ? ASN B 1939 . ? 1_555 ? 
6  AC1 8 GLU B 81 ? GLU B 1940 . ? 1_555 ? 
7  AC1 8 VAL D 16 ? VAL T 571  . ? 1_555 ? 
8  AC1 8 PRO D 18 ? PRO T 573  . ? 1_555 ? 
9  AC2 3 LYS A 32 ? LYS A 1891 . ? 1_555 ? 
10 AC2 3 GLN B 82 ? GLN B 1941 . ? 1_555 ? 
11 AC2 3 HOH H .  ? HOH B 2010 . ? 1_555 ? 
# 
_atom_sites.entry_id                    2BP3 
_atom_sites.fract_transf_matrix[1][1]   -0.01939770 
_atom_sites.fract_transf_matrix[1][2]   0.00022519 
_atom_sites.fract_transf_matrix[1][3]   -0.01390196 
_atom_sites.fract_transf_matrix[2][1]   0.00927462 
_atom_sites.fract_transf_matrix[2][2]   -0.00014768 
_atom_sites.fract_transf_matrix[2][3]   -0.01294347 
_atom_sites.fract_transf_matrix[3][1]   -0.00010644 
_atom_sites.fract_transf_matrix[3][2]   -0.00814229 
_atom_sites.fract_transf_matrix[3][3]   0.00001663 
_atom_sites.fract_transf_vector[1]      -0.037558 
_atom_sites.fract_transf_vector[2]      0.229007 
_atom_sites.fract_transf_vector[3]      0.137566 
# 
loop_
_atom_type.symbol 
C 
N 
O 
S 
# 
loop_
_atom_site.group_PDB 
_atom_site.id 
_atom_site.type_symbol 
_atom_site.label_atom_id 
_atom_site.label_alt_id 
_atom_site.label_comp_id 
_atom_site.label_asym_id 
_atom_site.label_entity_id 
_atom_site.label_seq_id 
_atom_site.pdbx_PDB_ins_code 
_atom_site.Cartn_x 
_atom_site.Cartn_y 
_atom_site.Cartn_z 
_atom_site.occupancy 
_atom_site.B_iso_or_equiv 
_atom_site.pdbx_formal_charge 
_atom_site.auth_seq_id 
_atom_site.auth_comp_id 
_atom_site.auth_asym_id 
_atom_site.auth_atom_id 
_atom_site.pdbx_PDB_model_num 
ATOM   1    N N   . MET A 1 3  ? 18.584  10.307  0.918   1.00 88.80  ? -1   MET A N   1 
ATOM   2    C CA  . MET A 1 3  ? 17.306  11.041  0.686   1.00 88.35  ? -1   MET A CA  1 
ATOM   3    C C   . MET A 1 3  ? 17.371  12.446  1.298   1.00 87.26  ? -1   MET A C   1 
ATOM   4    O O   . MET A 1 3  ? 17.362  12.608  2.524   1.00 84.35  ? -1   MET A O   1 
ATOM   5    C CB  . MET A 1 3  ? 16.120  10.242  1.236   1.00 88.94  ? -1   MET A CB  1 
ATOM   6    N N   . VAL A 1 4  ? 17.425  13.447  0.416   1.00 88.05  ? 1863 VAL A N   1 
ATOM   7    C CA  . VAL A 1 4  ? 17.764  14.830  0.768   1.00 88.49  ? 1863 VAL A CA  1 
ATOM   8    C C   . VAL A 1 4  ? 16.929  15.864  0.025   1.00 87.76  ? 1863 VAL A C   1 
ATOM   9    O O   . VAL A 1 4  ? 16.182  15.531  -0.898  1.00 89.71  ? 1863 VAL A O   1 
ATOM   10   C CB  . VAL A 1 4  ? 19.246  15.091  0.492   1.00 90.24  ? 1863 VAL A CB  1 
ATOM   11   N N   . ASN A 1 5  ? 17.075  17.123  0.437   1.00 84.95  ? 1864 ASN A N   1 
ATOM   12   C CA  . ASN A 1 5  ? 16.433  18.260  -0.213  1.00 82.53  ? 1864 ASN A CA  1 
ATOM   13   C C   . ASN A 1 5  ? 17.272  19.520  0.049   1.00 83.35  ? 1864 ASN A C   1 
ATOM   14   O O   . ASN A 1 5  ? 17.817  19.688  1.143   1.00 81.98  ? 1864 ASN A O   1 
ATOM   15   C CB  . ASN A 1 5  ? 15.003  18.440  0.303   1.00 80.73  ? 1864 ASN A CB  1 
ATOM   16   N N   . CYS A 1 6  ? 17.431  20.399  -0.809  1.00 81.80  ? 1865 CYS A N   1 
ATOM   17   N N   . HIS A 1 8  ? 10.502  23.123  -0.177  1.00 70.68  ? 1867 HIS A N   1 
ATOM   18   C CA  . HIS A 1 8  ? 10.340  21.651  0.037   1.00 69.88  ? 1867 HIS A CA  1 
ATOM   19   C C   . HIS A 1 8  ? 9.693   21.344  1.393   1.00 63.65  ? 1867 HIS A C   1 
ATOM   20   O O   . HIS A 1 8  ? 10.100  21.892  2.401   1.00 66.03  ? 1867 HIS A O   1 
ATOM   21   C CB  . HIS A 1 8  ? 11.695  20.938  -0.101  1.00 75.26  ? 1867 HIS A CB  1 
ATOM   22   C CG  . HIS A 1 8  ? 12.279  21.006  -1.486  1.00 80.75  ? 1867 HIS A CG  1 
ATOM   23   N ND1 . HIS A 1 8  ? 12.339  19.913  -2.327  1.00 82.58  ? 1867 HIS A ND1 1 
ATOM   24   C CD2 . HIS A 1 8  ? 12.822  22.039  -2.178  1.00 82.69  ? 1867 HIS A CD2 1 
ATOM   25   C CE1 . HIS A 1 8  ? 12.891  20.269  -3.474  1.00 83.34  ? 1867 HIS A CE1 1 
ATOM   26   N NE2 . HIS A 1 8  ? 13.191  21.554  -3.411  1.00 83.33  ? 1867 HIS A NE2 1 
ATOM   27   N N   . VAL A 1 9  ? 8.681   20.477  1.401   1.00 56.30  ? 1868 VAL A N   1 
ATOM   28   C CA  . VAL A 1 9  ? 7.993   20.040  2.632   1.00 49.98  ? 1868 VAL A CA  1 
ATOM   29   C C   . VAL A 1 9  ? 8.812   18.977  3.384   1.00 48.21  ? 1868 VAL A C   1 
ATOM   30   O O   . VAL A 1 9  ? 9.531   18.186  2.752   1.00 47.90  ? 1868 VAL A O   1 
ATOM   31   C CB  . VAL A 1 9  ? 6.537   19.544  2.294   1.00 47.62  ? 1868 VAL A CB  1 
ATOM   32   C CG1 . VAL A 1 9  ? 5.932   18.714  3.389   1.00 44.58  ? 1868 VAL A CG1 1 
ATOM   33   C CG2 . VAL A 1 9  ? 5.639   20.734  2.030   1.00 48.75  ? 1868 VAL A CG2 1 
ATOM   34   N N   . THR A 1 10 ? 8.725   18.973  4.718   1.00 41.43  ? 1869 THR A N   1 
ATOM   35   C CA  . THR A 1 10 ? 9.372   17.936  5.530   1.00 43.15  ? 1869 THR A CA  1 
ATOM   36   C C   . THR A 1 10 ? 8.468   17.342  6.622   1.00 44.52  ? 1869 THR A C   1 
ATOM   37   O O   . THR A 1 10 ? 7.470   17.946  7.049   1.00 41.97  ? 1869 THR A O   1 
ATOM   38   C CB  . THR A 1 10 ? 10.691  18.409  6.224   1.00 43.94  ? 1869 THR A CB  1 
ATOM   39   O OG1 . THR A 1 10 ? 10.397  19.477  7.119   1.00 46.36  ? 1869 THR A OG1 1 
ATOM   40   C CG2 . THR A 1 10 ? 11.788  18.850  5.209   1.00 46.58  ? 1869 THR A CG2 1 
ATOM   41   N N   . ALA A 1 11 ? 8.848   16.154  7.085   1.00 43.21  ? 1870 ALA A N   1 
ATOM   42   C CA  . ALA A 1 11 ? 8.046   15.441  8.062   1.00 47.77  ? 1870 ALA A CA  1 
ATOM   43   C C   . ALA A 1 11 ? 8.942   14.844  9.141   1.00 44.36  ? 1870 ALA A C   1 
ATOM   44   O O   . ALA A 1 11 ? 9.969   14.255  8.845   1.00 43.77  ? 1870 ALA A O   1 
ATOM   45   C CB  . ALA A 1 11 ? 7.190   14.355  7.363   1.00 44.14  ? 1870 ALA A CB  1 
ATOM   46   N N   . TYR A 1 12 ? 8.553   15.027  10.392  1.00 45.76  ? 1871 TYR A N   1 
ATOM   47   C CA  . TYR A 1 12 ? 9.298   14.474  11.531  1.00 48.35  ? 1871 TYR A CA  1 
ATOM   48   C C   . TYR A 1 12 ? 8.326   14.182  12.669  1.00 45.27  ? 1871 TYR A C   1 
ATOM   49   O O   . TYR A 1 12 ? 7.234   14.712  12.673  1.00 44.41  ? 1871 TYR A O   1 
ATOM   50   C CB  . TYR A 1 12 ? 10.420  15.426  11.994  1.00 48.55  ? 1871 TYR A CB  1 
ATOM   51   C CG  . TYR A 1 12 ? 10.039  16.888  11.939  1.00 50.92  ? 1871 TYR A CG  1 
ATOM   52   C CD1 . TYR A 1 12 ? 9.467   17.518  13.048  1.00 49.64  ? 1871 TYR A CD1 1 
ATOM   53   C CD2 . TYR A 1 12 ? 10.246  17.647  10.769  1.00 48.72  ? 1871 TYR A CD2 1 
ATOM   54   C CE1 . TYR A 1 12 ? 9.114   18.849  13.007  1.00 51.38  ? 1871 TYR A CE1 1 
ATOM   55   C CE2 . TYR A 1 12 ? 9.889   18.983  10.713  1.00 48.85  ? 1871 TYR A CE2 1 
ATOM   56   C CZ  . TYR A 1 12 ? 9.328   19.580  11.842  1.00 53.25  ? 1871 TYR A CZ  1 
ATOM   57   O OH  . TYR A 1 12 ? 8.960   20.915  11.815  1.00 55.76  ? 1871 TYR A OH  1 
ATOM   58   N N   . GLY A 1 13 ? 8.722   13.332  13.615  1.00 48.80  ? 1872 GLY A N   1 
ATOM   59   C CA  . GLY A 1 13 ? 7.848   12.981  14.742  1.00 52.21  ? 1872 GLY A CA  1 
ATOM   60   C C   . GLY A 1 13 ? 7.858   11.503  15.099  1.00 51.13  ? 1872 GLY A C   1 
ATOM   61   O O   . GLY A 1 13 ? 8.231   10.668  14.280  1.00 48.30  ? 1872 GLY A O   1 
ATOM   62   N N   . PRO A 1 14 ? 7.444   11.171  16.334  1.00 53.79  ? 1873 PRO A N   1 
ATOM   63   C CA  . PRO A 1 14 ? 7.523   9.781   16.830  1.00 52.26  ? 1873 PRO A CA  1 
ATOM   64   C C   . PRO A 1 14 ? 6.682   8.820   15.978  1.00 49.38  ? 1873 PRO A C   1 
ATOM   65   O O   . PRO A 1 14 ? 7.157   7.756   15.607  1.00 48.39  ? 1873 PRO A O   1 
ATOM   66   C CB  . PRO A 1 14 ? 6.966   9.878   18.253  1.00 49.86  ? 1873 PRO A CB  1 
ATOM   67   C CG  . PRO A 1 14 ? 6.091   11.128  18.236  1.00 54.43  ? 1873 PRO A CG  1 
ATOM   68   C CD  . PRO A 1 14 ? 6.851   12.082  17.334  1.00 54.76  ? 1873 PRO A CD  1 
ATOM   69   N N   . GLY A 1 15 ? 5.471   9.229   15.613  1.00 49.11  ? 1874 GLY A N   1 
ATOM   70   C CA  . GLY A 1 15 ? 4.595   8.389   14.793  1.00 51.17  ? 1874 GLY A CA  1 
ATOM   71   C C   . GLY A 1 15 ? 5.140   7.948   13.443  1.00 51.47  ? 1874 GLY A C   1 
ATOM   72   O O   . GLY A 1 15 ? 4.527   7.126   12.762  1.00 50.75  ? 1874 GLY A O   1 
ATOM   73   N N   . LEU A 1 16 ? 6.266   8.522   13.031  1.00 50.66  ? 1875 LEU A N   1 
ATOM   74   C CA  . LEU A 1 16 ? 6.901   8.150   11.780  1.00 47.90  ? 1875 LEU A CA  1 
ATOM   75   C C   . LEU A 1 16 ? 7.698   6.891   11.977  1.00 47.97  ? 1875 LEU A C   1 
ATOM   76   O O   . LEU A 1 16 ? 7.972   6.163   11.027  1.00 54.60  ? 1875 LEU A O   1 
ATOM   77   C CB  . LEU A 1 16 ? 7.813   9.271   11.299  1.00 47.05  ? 1875 LEU A CB  1 
ATOM   78   C CG  . LEU A 1 16 ? 7.387   10.162  10.123  1.00 47.87  ? 1875 LEU A CG  1 
ATOM   79   C CD1 . LEU A 1 16 ? 5.875   10.107  9.775   1.00 46.08  ? 1875 LEU A CD1 1 
ATOM   80   C CD2 . LEU A 1 16 ? 7.828   11.557  10.380  1.00 41.37  ? 1875 LEU A CD2 1 
ATOM   81   N N   . THR A 1 17 ? 8.055   6.613   13.220  1.00 51.06  ? 1876 THR A N   1 
ATOM   82   C CA  . THR A 1 17 ? 8.974   5.517   13.505  1.00 54.51  ? 1876 THR A CA  1 
ATOM   83   C C   . THR A 1 17 ? 8.406   4.399   14.408  1.00 54.44  ? 1876 THR A C   1 
ATOM   84   O O   . THR A 1 17 ? 8.755   3.234   14.232  1.00 53.45  ? 1876 THR A O   1 
ATOM   85   C CB  . THR A 1 17 ? 10.333  6.066   14.043  1.00 56.46  ? 1876 THR A CB  1 
ATOM   86   O OG1 . THR A 1 17 ? 11.233  4.980   14.287  1.00 62.08  ? 1876 THR A OG1 1 
ATOM   87   C CG2 . THR A 1 17 ? 10.137  6.830   15.323  1.00 56.21  ? 1876 THR A CG2 1 
ATOM   88   N N   . HIS A 1 18 ? 7.537   4.755   15.355  1.00 54.34  ? 1877 HIS A N   1 
ATOM   89   C CA  . HIS A 1 18 ? 6.973   3.788   16.301  1.00 56.75  ? 1877 HIS A CA  1 
ATOM   90   C C   . HIS A 1 18 ? 5.616   4.261   16.791  1.00 56.28  ? 1877 HIS A C   1 
ATOM   91   O O   . HIS A 1 18 ? 5.295   5.445   16.685  1.00 53.17  ? 1877 HIS A O   1 
ATOM   92   C CB  . HIS A 1 18 ? 7.922   3.563   17.496  1.00 61.89  ? 1877 HIS A CB  1 
ATOM   93   C CG  . HIS A 1 18 ? 8.227   4.807   18.275  1.00 65.32  ? 1877 HIS A CG  1 
ATOM   94   N ND1 . HIS A 1 18 ? 9.392   5.523   18.103  1.00 68.33  ? 1877 HIS A ND1 1 
ATOM   95   C CD2 . HIS A 1 18 ? 7.516   5.471   19.219  1.00 68.99  ? 1877 HIS A CD2 1 
ATOM   96   C CE1 . HIS A 1 18 ? 9.387   6.574   18.908  1.00 70.59  ? 1877 HIS A CE1 1 
ATOM   97   N NE2 . HIS A 1 18 ? 8.258   6.567   19.596  1.00 70.93  ? 1877 HIS A NE2 1 
ATOM   98   N N   . GLY A 1 19 ? 4.823   3.332   17.335  1.00 58.20  ? 1878 GLY A N   1 
ATOM   99   C CA  . GLY A 1 19 ? 3.523   3.649   17.949  1.00 57.71  ? 1878 GLY A CA  1 
ATOM   100  C C   . GLY A 1 19 ? 3.072   2.518   18.858  1.00 60.52  ? 1878 GLY A C   1 
ATOM   101  O O   . GLY A 1 19 ? 3.786   1.522   19.009  1.00 60.58  ? 1878 GLY A O   1 
ATOM   102  N N   . VAL A 1 20 ? 1.910   2.683   19.494  1.00 62.57  ? 1879 VAL A N   1 
ATOM   103  C CA  . VAL A 1 20 ? 1.271   1.589   20.260  1.00 65.26  ? 1879 VAL A CA  1 
ATOM   104  C C   . VAL A 1 20 ? -0.193  1.440   19.860  1.00 63.81  ? 1879 VAL A C   1 
ATOM   105  O O   . VAL A 1 20 ? -0.880  2.433   19.614  1.00 62.00  ? 1879 VAL A O   1 
ATOM   106  C CB  . VAL A 1 20 ? 1.396   1.720   21.829  1.00 66.95  ? 1879 VAL A CB  1 
ATOM   107  C CG1 . VAL A 1 20 ? 2.837   2.017   22.267  1.00 68.79  ? 1879 VAL A CG1 1 
ATOM   108  C CG2 . VAL A 1 20 ? 0.445   2.761   22.379  1.00 66.98  ? 1879 VAL A CG2 1 
ATOM   109  N N   . VAL A 1 21 ? -0.656  0.193   19.804  1.00 66.14  ? 1880 VAL A N   1 
ATOM   110  C CA  . VAL A 1 21 ? -2.005  -0.133  19.330  1.00 67.65  ? 1880 VAL A CA  1 
ATOM   111  C C   . VAL A 1 21 ? -3.104  0.590   20.133  1.00 69.01  ? 1880 VAL A C   1 
ATOM   112  O O   . VAL A 1 21 ? -3.043  0.678   21.358  1.00 68.36  ? 1880 VAL A O   1 
ATOM   113  C CB  . VAL A 1 21 ? -2.213  -1.689  19.238  1.00 68.42  ? 1880 VAL A CB  1 
ATOM   114  C CG1 . VAL A 1 21 ? -2.427  -2.322  20.605  1.00 69.26  ? 1880 VAL A CG1 1 
ATOM   115  C CG2 . VAL A 1 21 ? -3.351  -2.026  18.327  1.00 67.74  ? 1880 VAL A CG2 1 
ATOM   116  N N   . ASN A 1 22 ? -4.066  1.156   19.411  1.00 72.25  ? 1881 ASN A N   1 
ATOM   117  C CA  . ASN A 1 22 ? -5.202  1.902   19.982  1.00 75.95  ? 1881 ASN A CA  1 
ATOM   118  C C   . ASN A 1 22 ? -4.918  3.265   20.636  1.00 77.44  ? 1881 ASN A C   1 
ATOM   119  O O   . ASN A 1 22 ? -5.844  3.901   21.143  1.00 79.91  ? 1881 ASN A O   1 
ATOM   120  C CB  . ASN A 1 22 ? -6.060  1.009   20.888  1.00 78.61  ? 1881 ASN A CB  1 
ATOM   121  C CG  . ASN A 1 22 ? -6.653  -0.169  20.136  1.00 81.42  ? 1881 ASN A CG  1 
ATOM   122  O OD1 . ASN A 1 22 ? -7.307  0.005   19.096  1.00 81.66  ? 1881 ASN A OD1 1 
ATOM   123  N ND2 . ASN A 1 22 ? -6.408  -1.379  20.639  1.00 79.64  ? 1881 ASN A ND2 1 
ATOM   124  N N   . LYS A 1 23 ? -3.668  3.719   20.617  1.00 76.75  ? 1882 LYS A N   1 
ATOM   125  C CA  . LYS A 1 23 ? -3.347  5.095   21.017  1.00 78.56  ? 1882 LYS A CA  1 
ATOM   126  C C   . LYS A 1 23 ? -2.861  5.905   19.808  1.00 75.07  ? 1882 LYS A C   1 
ATOM   127  O O   . LYS A 1 23 ? -2.132  5.369   18.973  1.00 75.44  ? 1882 LYS A O   1 
ATOM   128  C CB  . LYS A 1 23 ? -2.309  5.113   22.148  1.00 79.34  ? 1882 LYS A CB  1 
ATOM   129  C CG  . LYS A 1 23 ? -2.825  4.527   23.455  1.00 82.07  ? 1882 LYS A CG  1 
ATOM   130  C CD  . LYS A 1 23 ? -1.836  4.717   24.599  1.00 84.04  ? 1882 LYS A CD  1 
ATOM   131  C CE  . LYS A 1 23 ? -2.464  4.353   25.947  1.00 87.26  ? 1882 LYS A CE  1 
ATOM   132  N NZ  . LYS A 1 23 ? -1.626  4.801   27.112  1.00 88.84  ? 1882 LYS A NZ  1 
ATOM   133  N N   . PRO A 1 24 ? -3.261  7.193   19.704  1.00 72.66  ? 1883 PRO A N   1 
ATOM   134  C CA  . PRO A 1 24 ? -2.882  8.020   18.544  1.00 70.96  ? 1883 PRO A CA  1 
ATOM   135  C C   . PRO A 1 24 ? -1.365  8.157   18.382  1.00 66.72  ? 1883 PRO A C   1 
ATOM   136  O O   . PRO A 1 24 ? -0.663  8.414   19.354  1.00 68.57  ? 1883 PRO A O   1 
ATOM   137  C CB  . PRO A 1 24 ? -3.524  9.378   18.849  1.00 71.90  ? 1883 PRO A CB  1 
ATOM   138  C CG  . PRO A 1 24 ? -3.753  9.368   20.322  1.00 73.53  ? 1883 PRO A CG  1 
ATOM   139  C CD  . PRO A 1 24 ? -4.083  7.955   20.659  1.00 72.84  ? 1883 PRO A CD  1 
ATOM   140  N N   . ALA A 1 25 ? -0.873  7.919   17.173  1.00 60.80  ? 1884 ALA A N   1 
ATOM   141  C CA  . ALA A 1 25 ? 0.537   8.084   16.862  1.00 59.32  ? 1884 ALA A CA  1 
ATOM   142  C C   . ALA A 1 25 ? 0.679   9.376   16.053  1.00 59.49  ? 1884 ALA A C   1 
ATOM   143  O O   . ALA A 1 25 ? -0.069  9.586   15.100  1.00 58.21  ? 1884 ALA A O   1 
ATOM   144  C CB  . ALA A 1 25 ? 1.048   6.892   16.078  1.00 59.59  ? 1884 ALA A CB  1 
ATOM   145  N N   . THR A 1 26 ? 1.609   10.248  16.454  1.00 58.13  ? 1885 THR A N   1 
ATOM   146  C CA  . THR A 1 26 ? 1.665   11.619  15.922  1.00 58.65  ? 1885 THR A CA  1 
ATOM   147  C C   . THR A 1 26 ? 2.994   11.997  15.267  1.00 54.21  ? 1885 THR A C   1 
ATOM   148  O O   . THR A 1 26 ? 4.063   11.527  15.651  1.00 48.90  ? 1885 THR A O   1 
ATOM   149  C CB  . THR A 1 26 ? 1.388   12.678  17.018  1.00 61.67  ? 1885 THR A CB  1 
ATOM   150  O OG1 . THR A 1 26 ? 2.304   12.478  18.105  1.00 67.78  ? 1885 THR A OG1 1 
ATOM   151  C CG2 . THR A 1 26 ? -0.041  12.587  17.534  1.00 62.86  ? 1885 THR A CG2 1 
ATOM   152  N N   . PHE A 1 27 ? 2.906   12.861  14.272  1.00 52.27  ? 1886 PHE A N   1 
ATOM   153  C CA  . PHE A 1 27 ? 4.095   13.454  13.690  1.00 50.82  ? 1886 PHE A CA  1 
ATOM   154  C C   . PHE A 1 27 ? 3.704   14.801  13.098  1.00 51.04  ? 1886 PHE A C   1 
ATOM   155  O O   . PHE A 1 27 ? 2.516   15.141  13.054  1.00 47.38  ? 1886 PHE A O   1 
ATOM   156  C CB  . PHE A 1 27 ? 4.733   12.532  12.648  1.00 46.72  ? 1886 PHE A CB  1 
ATOM   157  C CG  . PHE A 1 27 ? 3.843   12.218  11.482  1.00 48.42  ? 1886 PHE A CG  1 
ATOM   158  C CD1 . PHE A 1 27 ? 3.810   13.049  10.372  1.00 48.42  ? 1886 PHE A CD1 1 
ATOM   159  C CD2 . PHE A 1 27 ? 3.059   11.074  11.480  1.00 48.47  ? 1886 PHE A CD2 1 
ATOM   160  C CE1 . PHE A 1 27 ? 3.003   12.749  9.277   1.00 47.26  ? 1886 PHE A CE1 1 
ATOM   161  C CE2 . PHE A 1 27 ? 2.247   10.780  10.401  1.00 49.43  ? 1886 PHE A CE2 1 
ATOM   162  C CZ  . PHE A 1 27 ? 2.220   11.624  9.293   1.00 47.06  ? 1886 PHE A CZ  1 
ATOM   163  N N   . THR A 1 28 ? 4.708   15.556  12.656  1.00 49.93  ? 1887 THR A N   1 
ATOM   164  C CA  . THR A 1 28 ? 4.517   16.918  12.190  1.00 49.16  ? 1887 THR A CA  1 
ATOM   165  C C   . THR A 1 28 ? 4.883   16.994  10.697  1.00 48.90  ? 1887 THR A C   1 
ATOM   166  O O   . THR A 1 28 ? 5.810   16.306  10.236  1.00 48.25  ? 1887 THR A O   1 
ATOM   167  C CB  . THR A 1 28 ? 5.441   17.865  12.984  1.00 51.40  ? 1887 THR A CB  1 
ATOM   168  O OG1 . THR A 1 28 ? 5.418   17.512  14.373  1.00 54.98  ? 1887 THR A OG1 1 
ATOM   169  C CG2 . THR A 1 28 ? 5.031   19.298  12.831  1.00 49.50  ? 1887 THR A CG2 1 
ATOM   170  N N   . VAL A 1 29 ? 4.144   17.828  9.962   1.00 48.31  ? 1888 VAL A N   1 
ATOM   171  C CA  . VAL A 1 29 ? 4.425   18.143  8.564   1.00 43.76  ? 1888 VAL A CA  1 
ATOM   172  C C   . VAL A 1 29 ? 4.704   19.641  8.427   1.00 45.07  ? 1888 VAL A C   1 
ATOM   173  O O   . VAL A 1 29 ? 3.824   20.482  8.566   1.00 48.02  ? 1888 VAL A O   1 
ATOM   174  C CB  . VAL A 1 29 ? 3.281   17.707  7.641   1.00 44.31  ? 1888 VAL A CB  1 
ATOM   175  C CG1 . VAL A 1 29 ? 3.544   18.117  6.204   1.00 42.10  ? 1888 VAL A CG1 1 
ATOM   176  C CG2 . VAL A 1 29 ? 3.064   16.183  7.726   1.00 47.00  ? 1888 VAL A CG2 1 
ATOM   177  N N   . ASN A 1 30 ? 5.950   19.969  8.156   1.00 40.63  ? 1889 ASN A N   1 
ATOM   178  C CA  . ASN A 1 30 ? 6.378   21.344  8.128   1.00 39.75  ? 1889 ASN A CA  1 
ATOM   179  C C   . ASN A 1 30 ? 6.292   21.900  6.686   1.00 42.44  ? 1889 ASN A C   1 
ATOM   180  O O   . ASN A 1 30 ? 7.022   21.468  5.779   1.00 38.28  ? 1889 ASN A O   1 
ATOM   181  C CB  . ASN A 1 30 ? 7.806   21.394  8.667   1.00 42.64  ? 1889 ASN A CB  1 
ATOM   182  C CG  . ASN A 1 30 ? 8.372   22.795  8.745   1.00 44.09  ? 1889 ASN A CG  1 
ATOM   183  O OD1 . ASN A 1 30 ? 7.899   23.728  8.083   1.00 46.73  ? 1889 ASN A OD1 1 
ATOM   184  N ND2 . ASN A 1 30 ? 9.387   22.957  9.581   1.00 43.29  ? 1889 ASN A ND2 1 
ATOM   185  N N   . THR A 1 31 ? 5.370   22.832  6.472   1.00 41.96  ? 1890 THR A N   1 
ATOM   186  C CA  . THR A 1 31 ? 5.255   23.456  5.163   1.00 50.29  ? 1890 THR A CA  1 
ATOM   187  C C   . THR A 1 31 ? 5.780   24.898  5.168   1.00 48.82  ? 1890 THR A C   1 
ATOM   188  O O   . THR A 1 31 ? 5.361   25.692  4.348   1.00 47.21  ? 1890 THR A O   1 
ATOM   189  C CB  . THR A 1 31 ? 3.801   23.440  4.625   1.00 49.47  ? 1890 THR A CB  1 
ATOM   190  O OG1 . THR A 1 31 ? 2.994   24.280  5.446   1.00 52.83  ? 1890 THR A OG1 1 
ATOM   191  C CG2 . THR A 1 31 ? 3.215   22.014  4.632   1.00 52.57  ? 1890 THR A CG2 1 
ATOM   192  N N   . LYS A 1 32 ? 6.673   25.238  6.096   1.00 49.28  ? 1891 LYS A N   1 
ATOM   193  C CA  . LYS A 1 32 ? 7.217   26.602  6.117   1.00 54.85  ? 1891 LYS A CA  1 
ATOM   194  C C   . LYS A 1 32 ? 8.036   26.847  4.852   1.00 56.08  ? 1891 LYS A C   1 
ATOM   195  O O   . LYS A 1 32 ? 8.994   26.128  4.580   1.00 56.08  ? 1891 LYS A O   1 
ATOM   196  C CB  . LYS A 1 32 ? 8.074   26.854  7.359   1.00 54.01  ? 1891 LYS A CB  1 
ATOM   197  C CG  . LYS A 1 32 ? 7.328   26.858  8.683   1.00 54.60  ? 1891 LYS A CG  1 
ATOM   198  C CD  . LYS A 1 32 ? 8.329   27.144  9.769   1.00 57.06  ? 1891 LYS A CD  1 
ATOM   199  C CE  . LYS A 1 32 ? 7.975   26.476  11.062  1.00 59.84  ? 1891 LYS A CE  1 
ATOM   200  N NZ  . LYS A 1 32 ? 9.228   25.891  11.655  1.00 61.62  ? 1891 LYS A NZ  1 
ATOM   201  N N   . ASP A 1 33 ? 7.644   27.859  4.087   1.00 60.71  ? 1892 ASP A N   1 
ATOM   202  C CA  . ASP A 1 33 ? 8.277   28.185  2.792   1.00 66.82  ? 1892 ASP A CA  1 
ATOM   203  C C   . ASP A 1 33 ? 8.383   27.011  1.802   1.00 65.11  ? 1892 ASP A C   1 
ATOM   204  O O   . ASP A 1 33 ? 9.396   26.812  1.139   1.00 64.33  ? 1892 ASP A O   1 
ATOM   205  C CB  . ASP A 1 33 ? 9.614   28.927  2.982   1.00 74.28  ? 1892 ASP A CB  1 
ATOM   206  C CG  . ASP A 1 33 ? 9.417   30.434  3.177   1.00 81.71  ? 1892 ASP A CG  1 
ATOM   207  O OD1 . ASP A 1 33 ? 8.538   31.013  2.486   1.00 85.19  ? 1892 ASP A OD1 1 
ATOM   208  O OD2 . ASP A 1 33 ? 10.128  31.043  4.018   1.00 83.45  ? 1892 ASP A OD2 1 
ATOM   209  N N   . ALA A 1 34 ? 7.317   26.224  1.740   1.00 63.09  ? 1893 ALA A N   1 
ATOM   210  C CA  . ALA A 1 34 ? 7.074   25.314  0.649   1.00 60.64  ? 1893 ALA A CA  1 
ATOM   211  C C   . ALA A 1 34 ? 6.431   26.172  -0.439  1.00 60.90  ? 1893 ALA A C   1 
ATOM   212  O O   . ALA A 1 34 ? 6.013   27.295  -0.176  1.00 59.22  ? 1893 ALA A O   1 
ATOM   213  C CB  . ALA A 1 34 ? 6.119   24.231  1.103   1.00 58.13  ? 1893 ALA A CB  1 
ATOM   214  N N   . GLY A 1 35 ? 6.322   25.672  -1.661  1.00 64.40  ? 1894 GLY A N   1 
ATOM   215  C CA  . GLY A 1 35 ? 5.617   26.463  -2.678  1.00 66.79  ? 1894 GLY A CA  1 
ATOM   216  C C   . GLY A 1 35 ? 4.151   26.671  -2.302  1.00 65.01  ? 1894 GLY A C   1 
ATOM   217  O O   . GLY A 1 35 ? 3.814   27.054  -1.172  1.00 64.95  ? 1894 GLY A O   1 
ATOM   218  N N   . GLU A 1 36 ? 3.281   26.480  -3.275  1.00 59.87  ? 1895 GLU A N   1 
ATOM   219  C CA  . GLU A 1 36 ? 1.932   26.070  -2.968  1.00 60.15  ? 1895 GLU A CA  1 
ATOM   220  C C   . GLU A 1 36 ? 1.896   24.727  -3.664  1.00 54.61  ? 1895 GLU A C   1 
ATOM   221  O O   . GLU A 1 36 ? 2.696   24.491  -4.589  1.00 51.54  ? 1895 GLU A O   1 
ATOM   222  C CB  . GLU A 1 36 ? 0.876   27.079  -3.456  1.00 59.64  ? 1895 GLU A CB  1 
ATOM   223  C CG  . GLU A 1 36 ? 0.311   26.874  -4.844  1.00 60.70  ? 1895 GLU A CG  1 
ATOM   224  C CD  . GLU A 1 36 ? -0.785  27.898  -5.156  1.00 64.25  ? 1895 GLU A CD  1 
ATOM   225  O OE1 . GLU A 1 36 ? -0.438  29.044  -5.556  1.00 64.85  ? 1895 GLU A OE1 1 
ATOM   226  O OE2 . GLU A 1 36 ? -1.989  27.565  -4.994  1.00 62.49  ? 1895 GLU A OE2 1 
ATOM   227  N N   . GLY A 1 37 ? 1.048   23.817  -3.203  1.00 50.23  ? 1896 GLY A N   1 
ATOM   228  C CA  . GLY A 1 37 ? 1.050   22.489  -3.816  1.00 46.36  ? 1896 GLY A CA  1 
ATOM   229  C C   . GLY A 1 37 ? 0.189   21.481  -3.104  1.00 47.57  ? 1896 GLY A C   1 
ATOM   230  O O   . GLY A 1 37 ? -0.399  21.784  -2.062  1.00 44.50  ? 1896 GLY A O   1 
ATOM   231  N N   . GLY A 1 38 ? 0.100   20.288  -3.697  1.00 49.03  ? 1897 GLY A N   1 
ATOM   232  C CA  . GLY A 1 38 ? -0.727  19.210  -3.172  1.00 48.68  ? 1897 GLY A CA  1 
ATOM   233  C C   . GLY A 1 38 ? 0.018   18.351  -2.166  1.00 47.82  ? 1897 GLY A C   1 
ATOM   234  O O   . GLY A 1 38 ? 1.050   17.737  -2.475  1.00 45.29  ? 1897 GLY A O   1 
ATOM   235  N N   . LEU A 1 39 ? -0.492  18.311  -0.949  1.00 45.74  ? 1898 LEU A N   1 
ATOM   236  C CA  . LEU A 1 39 ? 0.116   17.450  0.056   1.00 48.59  ? 1898 LEU A CA  1 
ATOM   237  C C   . LEU A 1 39 ? -0.715  16.171  0.194   1.00 44.51  ? 1898 LEU A C   1 
ATOM   238  O O   . LEU A 1 39 ? -1.872  16.252  0.575   1.00 45.60  ? 1898 LEU A O   1 
ATOM   239  C CB  . LEU A 1 39 ? 0.269   18.196  1.383   1.00 46.43  ? 1898 LEU A CB  1 
ATOM   240  C CG  . LEU A 1 39 ? 0.791   17.486  2.640   1.00 50.12  ? 1898 LEU A CG  1 
ATOM   241  C CD1 . LEU A 1 39 ? 2.189   16.893  2.488   1.00 50.42  ? 1898 LEU A CD1 1 
ATOM   242  C CD2 . LEU A 1 39 ? 0.764   18.480  3.772   1.00 53.23  ? 1898 LEU A CD2 1 
ATOM   243  N N   . SER A 1 40 ? -0.134  15.022  -0.174  1.00 44.72  ? 1899 SER A N   1 
ATOM   244  C CA  . SER A 1 40 ? -0.747  13.697  0.061   1.00 50.87  ? 1899 SER A CA  1 
ATOM   245  C C   . SER A 1 40 ? -0.214  13.028  1.311   1.00 49.48  ? 1899 SER A C   1 
ATOM   246  O O   . SER A 1 40 ? 0.990   12.907  1.494   1.00 45.66  ? 1899 SER A O   1 
ATOM   247  C CB  . SER A 1 40 ? -0.476  12.727  -1.088  1.00 51.51  ? 1899 SER A CB  1 
ATOM   248  O OG  . SER A 1 40 ? -1.435  12.867  -2.103  1.00 63.63  ? 1899 SER A OG  1 
ATOM   249  N N   . LEU A 1 41 ? -1.135  12.563  2.144   1.00 51.55  ? 1900 LEU A N   1 
ATOM   250  C CA  . LEU A 1 41 ? -0.805  11.713  3.284   1.00 50.09  ? 1900 LEU A CA  1 
ATOM   251  C C   . LEU A 1 41 ? -1.510  10.367  3.108   1.00 50.10  ? 1900 LEU A C   1 
ATOM   252  O O   . LEU A 1 41 ? -2.719  10.318  2.887   1.00 50.42  ? 1900 LEU A O   1 
ATOM   253  C CB  . LEU A 1 41 ? -1.221  12.407  4.601   1.00 52.99  ? 1900 LEU A CB  1 
ATOM   254  C CG  . LEU A 1 41 ? -0.526  13.765  4.903   1.00 53.83  ? 1900 LEU A CG  1 
ATOM   255  C CD1 . LEU A 1 41 ? -1.307  14.650  5.868   1.00 55.26  ? 1900 LEU A CD1 1 
ATOM   256  C CD2 . LEU A 1 41 ? 0.907   13.585  5.386   1.00 49.93  ? 1900 LEU A CD2 1 
ATOM   257  N N   . ALA A 1 42 ? -0.760  9.272   3.176   1.00 47.64  ? 1901 ALA A N   1 
ATOM   258  C CA  . ALA A 1 42 ? -1.383  7.957   3.210   1.00 43.09  ? 1901 ALA A CA  1 
ATOM   259  C C   . ALA A 1 42 ? -0.715  7.064   4.244   1.00 45.41  ? 1901 ALA A C   1 
ATOM   260  O O   . ALA A 1 42 ? 0.431   7.270   4.627   1.00 45.04  ? 1901 ALA A O   1 
ATOM   261  C CB  . ALA A 1 42 ? -1.390  7.303   1.828   1.00 44.74  ? 1901 ALA A CB  1 
ATOM   262  N N   . ILE A 1 43 ? -1.469  6.094   4.736   1.00 46.24  ? 1902 ILE A N   1 
ATOM   263  C CA  . ILE A 1 43 ? -0.954  5.132   5.700   1.00 46.61  ? 1902 ILE A CA  1 
ATOM   264  C C   . ILE A 1 43 ? -1.450  3.763   5.258   1.00 45.27  ? 1902 ILE A C   1 
ATOM   265  O O   . ILE A 1 43 ? -2.646  3.577   5.033   1.00 42.62  ? 1902 ILE A O   1 
ATOM   266  C CB  . ILE A 1 43 ? -1.465  5.340   7.151   1.00 42.06  ? 1902 ILE A CB  1 
ATOM   267  C CG1 . ILE A 1 43 ? -1.561  6.825   7.535   1.00 44.86  ? 1902 ILE A CG1 1 
ATOM   268  C CG2 . ILE A 1 43 ? -0.588  4.525   8.112   1.00 40.46  ? 1902 ILE A CG2 1 
ATOM   269  C CD1 . ILE A 1 43 ? -0.515  7.340   8.538   1.00 44.97  ? 1902 ILE A CD1 1 
ATOM   270  N N   . GLU A 1 44 ? -0.535  2.811   5.162   1.00 42.53  ? 1903 GLU A N   1 
ATOM   271  C CA  . GLU A 1 44 ? -0.893  1.456   4.795   1.00 45.71  ? 1903 GLU A CA  1 
ATOM   272  C C   . GLU A 1 44 ? -0.414  0.534   5.904   1.00 42.59  ? 1903 GLU A C   1 
ATOM   273  O O   . GLU A 1 44 ? 0.697   0.722   6.444   1.00 38.68  ? 1903 GLU A O   1 
ATOM   274  C CB  . GLU A 1 44 ? -0.255  1.085   3.457   1.00 45.45  ? 1903 GLU A CB  1 
ATOM   275  C CG  . GLU A 1 44 ? -0.790  1.912   2.262   1.00 55.08  ? 1903 GLU A CG  1 
ATOM   276  C CD  . GLU A 1 44 ? 0.119   1.838   1.002   1.00 60.06  ? 1903 GLU A CD  1 
ATOM   277  O OE1 . GLU A 1 44 ? 1.279   1.364   1.104   1.00 64.40  ? 1903 GLU A OE1 1 
ATOM   278  O OE2 . GLU A 1 44 ? -0.321  2.256   -0.100  1.00 63.96  ? 1903 GLU A OE2 1 
ATOM   279  N N   . GLY A 1 45 ? -1.254  -0.431  6.290   1.00 38.45  ? 1904 GLY A N   1 
ATOM   280  C CA  . GLY A 1 45 ? -0.792  -1.471  7.224   1.00 36.89  ? 1904 GLY A CA  1 
ATOM   281  C C   . GLY A 1 45 ? -1.866  -2.494  7.509   1.00 38.27  ? 1904 GLY A C   1 
ATOM   282  O O   . GLY A 1 45 ? -2.903  -2.494  6.857   1.00 37.77  ? 1904 GLY A O   1 
ATOM   283  N N   . PRO A 1 46 ? -1.651  -3.325  8.535   1.00 41.15  ? 1905 PRO A N   1 
ATOM   284  C CA  . PRO A 1 46 ? -2.587  -4.410  8.897   1.00 43.22  ? 1905 PRO A CA  1 
ATOM   285  C C   . PRO A 1 46 ? -3.992  -3.934  9.349   1.00 45.24  ? 1905 PRO A C   1 
ATOM   286  O O   . PRO A 1 46 ? -4.892  -4.748  9.430   1.00 48.70  ? 1905 PRO A O   1 
ATOM   287  C CB  . PRO A 1 46 ? -1.845  -5.163  10.005  1.00 42.28  ? 1905 PRO A CB  1 
ATOM   288  C CG  . PRO A 1 46 ? -0.857  -4.168  10.569  1.00 43.61  ? 1905 PRO A CG  1 
ATOM   289  C CD  . PRO A 1 46 ? -0.491  -3.242  9.447   1.00 43.20  ? 1905 PRO A CD  1 
ATOM   290  N N   . SER A 1 47 ? -4.185  -2.638  9.615   1.00 44.62  ? 1906 SER A N   1 
ATOM   291  C CA  . SER A 1 47 ? -5.544  -2.101  9.797   1.00 44.23  ? 1906 SER A CA  1 
ATOM   292  C C   . SER A 1 47 ? -5.734  -0.745  9.150   1.00 44.51  ? 1906 SER A C   1 
ATOM   293  O O   . SER A 1 47 ? -4.780  -0.046  8.906   1.00 45.18  ? 1906 SER A O   1 
ATOM   294  C CB  . SER A 1 47 ? -5.929  -1.993  11.281  1.00 44.54  ? 1906 SER A CB  1 
ATOM   295  O OG  . SER A 1 47 ? -5.137  -1.049  11.977  1.00 40.32  ? 1906 SER A OG  1 
ATOM   296  N N   . LYS A 1 48 ? -6.987  -0.394  8.898   1.00 48.26  ? 1907 LYS A N   1 
ATOM   297  C CA  . LYS A 1 48 ? -7.392  0.913   8.415   1.00 52.12  ? 1907 LYS A CA  1 
ATOM   298  C C   . LYS A 1 48 ? -7.281  1.920   9.578   1.00 54.16  ? 1907 LYS A C   1 
ATOM   299  O O   . LYS A 1 48 ? -8.165  2.002   10.427  1.00 52.54  ? 1907 LYS A O   1 
ATOM   300  C CB  . LYS A 1 48 ? -8.823  0.817   7.851   1.00 54.04  ? 1907 LYS A CB  1 
ATOM   301  C CG  . LYS A 1 48 ? -9.504  2.116   7.431   1.00 59.19  ? 1907 LYS A CG  1 
ATOM   302  C CD  . LYS A 1 48 ? -9.048  2.579   6.063   1.00 60.43  ? 1907 LYS A CD  1 
ATOM   303  C CE  . LYS A 1 48 ? -9.498  4.020   5.791   1.00 65.41  ? 1907 LYS A CE  1 
ATOM   304  N NZ  . LYS A 1 48 ? -10.881 4.138   5.228   1.00 68.71  ? 1907 LYS A NZ  1 
ATOM   305  N N   . ALA A 1 49 ? -6.170  2.656   9.614   1.00 53.90  ? 1908 ALA A N   1 
ATOM   306  C CA  . ALA A 1 49 ? -5.891  3.644   10.660  1.00 56.76  ? 1908 ALA A CA  1 
ATOM   307  C C   . ALA A 1 49 ? -6.570  4.998   10.385  1.00 61.23  ? 1908 ALA A C   1 
ATOM   308  O O   . ALA A 1 49 ? -6.332  5.619   9.349   1.00 61.69  ? 1908 ALA A O   1 
ATOM   309  C CB  . ALA A 1 49 ? -4.383  3.824   10.817  1.00 50.99  ? 1908 ALA A CB  1 
ATOM   310  N N   . GLU A 1 50 ? -7.421  5.453   11.308  1.00 66.01  ? 1909 GLU A N   1 
ATOM   311  C CA  . GLU A 1 50 ? -8.026  6.792   11.193  1.00 66.83  ? 1909 GLU A CA  1 
ATOM   312  C C   . GLU A 1 50 ? -6.948  7.887   11.249  1.00 61.28  ? 1909 GLU A C   1 
ATOM   313  O O   . GLU A 1 50 ? -6.147  7.914   12.173  1.00 57.88  ? 1909 GLU A O   1 
ATOM   314  C CB  . GLU A 1 50 ? -9.064  7.029   12.298  1.00 72.47  ? 1909 GLU A CB  1 
ATOM   315  C CG  . GLU A 1 50 ? -10.477 6.551   11.968  1.00 81.50  ? 1909 GLU A CG  1 
ATOM   316  C CD  . GLU A 1 50 ? -11.563 7.518   12.466  1.00 86.42  ? 1909 GLU A CD  1 
ATOM   317  O OE1 . GLU A 1 50 ? -11.445 8.033   13.610  1.00 88.10  ? 1909 GLU A OE1 1 
ATOM   318  O OE2 . GLU A 1 50 ? -12.538 7.764   11.705  1.00 87.72  ? 1909 GLU A OE2 1 
ATOM   319  N N   . ILE A 1 51 ? -6.929  8.768   10.251  1.00 58.41  ? 1910 ILE A N   1 
ATOM   320  C CA  . ILE A 1 51 ? -6.009  9.904   10.226  1.00 58.25  ? 1910 ILE A CA  1 
ATOM   321  C C   . ILE A 1 51 ? -6.733  11.165  10.682  1.00 59.67  ? 1910 ILE A C   1 
ATOM   322  O O   . ILE A 1 51 ? -7.824  11.460  10.203  1.00 57.36  ? 1910 ILE A O   1 
ATOM   323  C CB  . ILE A 1 51 ? -5.481  10.199  8.796   1.00 60.01  ? 1910 ILE A CB  1 
ATOM   324  C CG1 . ILE A 1 51 ? -4.830  8.975   8.160   1.00 58.00  ? 1910 ILE A CG1 1 
ATOM   325  C CG2 . ILE A 1 51 ? -4.492  11.402  8.788   1.00 60.38  ? 1910 ILE A CG2 1 
ATOM   326  C CD1 . ILE A 1 51 ? -4.621  9.151   6.656   1.00 55.04  ? 1910 ILE A CD1 1 
ATOM   327  N N   . SER A 1 52 ? -6.138  11.914  11.600  1.00 60.42  ? 1911 SER A N   1 
ATOM   328  C CA  . SER A 1 52 ? -6.606  13.283  11.833  1.00 65.03  ? 1911 SER A CA  1 
ATOM   329  C C   . SER A 1 52 ? -5.467  14.297  11.683  1.00 65.81  ? 1911 SER A C   1 
ATOM   330  O O   . SER A 1 52 ? -4.303  14.003  11.956  1.00 64.90  ? 1911 SER A O   1 
ATOM   331  C CB  . SER A 1 52 ? -7.308  13.426  13.182  1.00 66.39  ? 1911 SER A CB  1 
ATOM   332  O OG  . SER A 1 52 ? -6.384  13.357  14.251  1.00 68.82  ? 1911 SER A OG  1 
ATOM   333  N N   . CYS A 1 53 ? -5.829  15.494  11.253  1.00 69.42  ? 1912 CYS A N   1 
ATOM   334  C CA  . CYS A 1 53 ? -4.869  16.500  10.865  1.00 68.48  ? 1912 CYS A CA  1 
ATOM   335  C C   . CYS A 1 53 ? -5.372  17.890  11.273  1.00 69.26  ? 1912 CYS A C   1 
ATOM   336  O O   . CYS A 1 53 ? -6.453  18.313  10.856  1.00 66.09  ? 1912 CYS A O   1 
ATOM   337  C CB  . CYS A 1 53 ? -4.674  16.422  9.355   1.00 68.02  ? 1912 CYS A CB  1 
ATOM   338  S SG  . CYS A 1 53 ? -3.385  17.477  8.720   1.00 75.30  ? 1912 CYS A SG  1 
ATOM   339  N N   . THR A 1 54 ? -4.595  18.582  12.100  1.00 68.96  ? 1913 THR A N   1 
ATOM   340  C CA  . THR A 1 54 ? -4.892  19.973  12.456  1.00 71.34  ? 1913 THR A CA  1 
ATOM   341  C C   . THR A 1 54 ? -3.821  20.974  12.010  1.00 70.00  ? 1913 THR A C   1 
ATOM   342  O O   . THR A 1 54 ? -2.620  20.772  12.221  1.00 68.55  ? 1913 THR A O   1 
ATOM   343  C CB  . THR A 1 54 ? -5.130  20.141  13.967  1.00 72.77  ? 1913 THR A CB  1 
ATOM   344  O OG1 . THR A 1 54 ? -4.289  19.232  14.684  1.00 71.17  ? 1913 THR A OG1 1 
ATOM   345  C CG2 . THR A 1 54 ? -6.594  19.847  14.307  1.00 75.91  ? 1913 THR A CG2 1 
ATOM   346  N N   . ASP A 1 55 ? -4.268  22.059  11.392  1.00 71.26  ? 1914 ASP A N   1 
ATOM   347  C CA  . ASP A 1 55 ? -3.373  23.164  11.089  1.00 73.28  ? 1914 ASP A CA  1 
ATOM   348  C C   . ASP A 1 55 ? -3.051  23.912  12.375  1.00 71.47  ? 1914 ASP A C   1 
ATOM   349  O O   . ASP A 1 55 ? -3.943  24.456  13.010  1.00 70.63  ? 1914 ASP A O   1 
ATOM   350  C CB  . ASP A 1 55 ? -3.996  24.116  10.069  1.00 75.45  ? 1914 ASP A CB  1 
ATOM   351  C CG  . ASP A 1 55 ? -2.951  24.895  9.286   1.00 77.09  ? 1914 ASP A CG  1 
ATOM   352  O OD1 . ASP A 1 55 ? -2.150  25.632  9.903   1.00 75.21  ? 1914 ASP A OD1 1 
ATOM   353  O OD2 . ASP A 1 55 ? -2.931  24.761  8.040   1.00 80.60  ? 1914 ASP A OD2 1 
ATOM   354  N N   . ASN A 1 56 ? -1.772  23.904  12.746  1.00 72.86  ? 1915 ASN A N   1 
ATOM   355  C CA  . ASN A 1 56 ? -1.249  24.611  13.915  1.00 72.49  ? 1915 ASN A CA  1 
ATOM   356  C C   . ASN A 1 56 ? -1.099  26.117  13.698  1.00 73.81  ? 1915 ASN A C   1 
ATOM   357  O O   . ASN A 1 56 ? -0.588  26.824  14.572  1.00 72.59  ? 1915 ASN A O   1 
ATOM   358  C CB  . ASN A 1 56 ? 0.116   24.042  14.300  1.00 72.71  ? 1915 ASN A CB  1 
ATOM   359  C CG  . ASN A 1 56 ? 0.049   22.597  14.741  1.00 73.24  ? 1915 ASN A CG  1 
ATOM   360  O OD1 . ASN A 1 56 ? -0.801  22.215  15.545  1.00 74.53  ? 1915 ASN A OD1 1 
ATOM   361  N ND2 . ASN A 1 56 ? 0.964   21.790  14.235  1.00 70.94  ? 1915 ASN A ND2 1 
ATOM   362  N N   . GLN A 1 57 ? -1.518  26.597  12.525  1.00 73.36  ? 1916 GLN A N   1 
ATOM   363  C CA  . GLN A 1 57 ? -1.531  28.032  12.203  1.00 76.63  ? 1916 GLN A CA  1 
ATOM   364  C C   . GLN A 1 57 ? -0.160  28.670  11.890  1.00 74.43  ? 1916 GLN A C   1 
ATOM   365  O O   . GLN A 1 57 ? -0.103  29.815  11.444  1.00 75.71  ? 1916 GLN A O   1 
ATOM   366  C CB  . GLN A 1 57 ? -2.271  28.836  13.295  1.00 79.04  ? 1916 GLN A CB  1 
ATOM   367  C CG  . GLN A 1 57 ? -3.735  28.435  13.509  1.00 82.60  ? 1916 GLN A CG  1 
ATOM   368  C CD  . GLN A 1 57 ? -4.649  28.882  12.372  1.00 84.44  ? 1916 GLN A CD  1 
ATOM   369  O OE1 . GLN A 1 57 ? -4.491  28.462  11.219  1.00 84.22  ? 1916 GLN A OE1 1 
ATOM   370  N NE2 . GLN A 1 57 ? -5.618  29.734  12.698  1.00 84.47  ? 1916 GLN A NE2 1 
ATOM   371  N N   . ASP A 1 58 ? 0.923   27.925  12.104  1.00 71.68  ? 1917 ASP A N   1 
ATOM   372  C CA  . ASP A 1 58 ? 2.287   28.435  11.941  1.00 67.73  ? 1917 ASP A CA  1 
ATOM   373  C C   . ASP A 1 58 ? 3.072   27.777  10.780  1.00 64.91  ? 1917 ASP A C   1 
ATOM   374  O O   . ASP A 1 58 ? 4.300   27.694  10.814  1.00 60.03  ? 1917 ASP A O   1 
ATOM   375  C CB  . ASP A 1 58 ? 3.043   28.236  13.256  1.00 69.32  ? 1917 ASP A CB  1 
ATOM   376  C CG  . ASP A 1 58 ? 3.141   26.773  13.653  1.00 70.90  ? 1917 ASP A CG  1 
ATOM   377  O OD1 . ASP A 1 58 ? 2.348   25.970  13.109  1.00 70.58  ? 1917 ASP A OD1 1 
ATOM   378  O OD2 . ASP A 1 58 ? 4.010   26.423  14.495  1.00 70.09  ? 1917 ASP A OD2 1 
ATOM   379  N N   . GLY A 1 59 ? 2.354   27.306  9.767   1.00 65.83  ? 1918 GLY A N   1 
ATOM   380  C CA  . GLY A 1 59 ? 2.955   26.577  8.644   1.00 66.46  ? 1918 GLY A CA  1 
ATOM   381  C C   . GLY A 1 59 ? 3.311   25.141  8.978   1.00 67.35  ? 1918 GLY A C   1 
ATOM   382  O O   . GLY A 1 59 ? 4.109   24.510  8.283   1.00 67.45  ? 1918 GLY A O   1 
ATOM   383  N N   . THR A 1 60 ? 2.707   24.631  10.048  1.00 67.84  ? 1919 THR A N   1 
ATOM   384  C CA  . THR A 1 60 ? 2.975   23.289  10.558  1.00 66.03  ? 1919 THR A CA  1 
ATOM   385  C C   . THR A 1 60 ? 1.659   22.547  10.747  1.00 64.33  ? 1919 THR A C   1 
ATOM   386  O O   . THR A 1 60 ? 0.669   23.124  11.206  1.00 65.09  ? 1919 THR A O   1 
ATOM   387  C CB  . THR A 1 60 ? 3.792   23.363  11.866  1.00 66.52  ? 1919 THR A CB  1 
ATOM   388  O OG1 . THR A 1 60 ? 5.184   23.499  11.547  1.00 70.53  ? 1919 THR A OG1 1 
ATOM   389  C CG2 . THR A 1 60 ? 3.626   22.140  12.695  1.00 67.46  ? 1919 THR A CG2 1 
ATOM   390  N N   . CYS A 1 61 ? 1.646   21.281  10.344  1.00 62.08  ? 1920 CYS A N   1 
ATOM   391  C CA  . CYS A 1 61 ? 0.489   20.414  10.523  1.00 62.44  ? 1920 CYS A CA  1 
ATOM   392  C C   . CYS A 1 61 ? 0.792   19.306  11.506  1.00 60.16  ? 1920 CYS A C   1 
ATOM   393  O O   . CYS A 1 61 ? 1.835   18.655  11.427  1.00 61.65  ? 1920 CYS A O   1 
ATOM   394  C CB  . CYS A 1 61 ? 0.049   19.817  9.200   1.00 63.38  ? 1920 CYS A CB  1 
ATOM   395  S SG  . CYS A 1 61 ? -1.057  20.892  8.365   1.00 75.14  ? 1920 CYS A SG  1 
ATOM   396  N N   . SER A 1 62 ? -0.130  19.096  12.429  1.00 58.93  ? 1921 SER A N   1 
ATOM   397  C CA  . SER A 1 62 ? 0.031   18.068  13.444  1.00 57.79  ? 1921 SER A CA  1 
ATOM   398  C C   . SER A 1 62 ? -0.878  16.919  13.050  1.00 56.76  ? 1921 SER A C   1 
ATOM   399  O O   . SER A 1 62 ? -2.110  17.069  12.994  1.00 55.24  ? 1921 SER A O   1 
ATOM   400  C CB  . SER A 1 62 ? -0.329  18.630  14.811  1.00 58.45  ? 1921 SER A CB  1 
ATOM   401  O OG  . SER A 1 62 ? 0.755   18.452  15.707  1.00 62.95  ? 1921 SER A OG  1 
ATOM   402  N N   . VAL A 1 63 ? -0.261  15.788  12.725  1.00 54.51  ? 1922 VAL A N   1 
ATOM   403  C CA  . VAL A 1 63 ? -0.979  14.653  12.154  1.00 54.51  ? 1922 VAL A CA  1 
ATOM   404  C C   . VAL A 1 63 ? -0.925  13.449  13.087  1.00 55.42  ? 1922 VAL A C   1 
ATOM   405  O O   . VAL A 1 63 ? 0.152   13.092  13.589  1.00 55.01  ? 1922 VAL A O   1 
ATOM   406  C CB  . VAL A 1 63 ? -0.402  14.263  10.777  1.00 55.50  ? 1922 VAL A CB  1 
ATOM   407  C CG1 . VAL A 1 63 ? -1.169  13.075  10.175  1.00 56.80  ? 1922 VAL A CG1 1 
ATOM   408  C CG2 . VAL A 1 63 ? -0.444  15.452  9.824   1.00 55.58  ? 1922 VAL A CG2 1 
ATOM   409  N N   . SER A 1 64 ? -2.084  12.835  13.326  1.00 54.89  ? 1923 SER A N   1 
ATOM   410  C CA  . SER A 1 64 ? -2.125  11.570  14.056  1.00 58.11  ? 1923 SER A CA  1 
ATOM   411  C C   . SER A 1 64 ? -2.922  10.477  13.353  1.00 56.91  ? 1923 SER A C   1 
ATOM   412  O O   . SER A 1 64 ? -3.929  10.738  12.695  1.00 57.23  ? 1923 SER A O   1 
ATOM   413  C CB  . SER A 1 64 ? -2.685  11.766  15.461  1.00 61.27  ? 1923 SER A CB  1 
ATOM   414  O OG  . SER A 1 64 ? -4.067  12.059  15.394  1.00 63.14  ? 1923 SER A OG  1 
ATOM   415  N N   . TYR A 1 65 ? -2.471  9.240   13.512  1.00 56.01  ? 1924 TYR A N   1 
ATOM   416  C CA  . TYR A 1 65 ? -3.253  8.119   13.049  1.00 55.37  ? 1924 TYR A CA  1 
ATOM   417  C C   . TYR A 1 65 ? -3.530  7.141   14.189  1.00 56.16  ? 1924 TYR A C   1 
ATOM   418  O O   . TYR A 1 65 ? -2.782  7.071   15.157  1.00 55.15  ? 1924 TYR A O   1 
ATOM   419  C CB  . TYR A 1 65 ? -2.580  7.437   11.855  1.00 52.98  ? 1924 TYR A CB  1 
ATOM   420  C CG  . TYR A 1 65 ? -1.203  6.883   12.140  1.00 50.11  ? 1924 TYR A CG  1 
ATOM   421  C CD1 . TYR A 1 65 ? -0.070  7.701   12.085  1.00 49.13  ? 1924 TYR A CD1 1 
ATOM   422  C CD2 . TYR A 1 65 ? -1.031  5.537   12.446  1.00 48.95  ? 1924 TYR A CD2 1 
ATOM   423  C CE1 . TYR A 1 65 ? 1.206   7.190   12.340  1.00 49.51  ? 1924 TYR A CE1 1 
ATOM   424  C CE2 . TYR A 1 65 ? 0.231   5.010   12.691  1.00 50.32  ? 1924 TYR A CE2 1 
ATOM   425  C CZ  . TYR A 1 65 ? 1.354   5.845   12.634  1.00 51.73  ? 1924 TYR A CZ  1 
ATOM   426  O OH  . TYR A 1 65 ? 2.611   5.319   12.882  1.00 51.83  ? 1924 TYR A OH  1 
ATOM   427  N N   . LEU A 1 66 ? -4.620  6.397   14.075  1.00 58.14  ? 1925 LEU A N   1 
ATOM   428  C CA  . LEU A 1 66 ? -5.017  5.496   15.148  1.00 61.82  ? 1925 LEU A CA  1 
ATOM   429  C C   . LEU A 1 66 ? -4.987  4.053   14.642  1.00 57.71  ? 1925 LEU A C   1 
ATOM   430  O O   . LEU A 1 66 ? -5.934  3.587   14.002  1.00 58.91  ? 1925 LEU A O   1 
ATOM   431  C CB  . LEU A 1 66 ? -6.392  5.904   15.699  1.00 63.73  ? 1925 LEU A CB  1 
ATOM   432  C CG  . LEU A 1 66 ? -6.977  5.202   16.927  1.00 67.85  ? 1925 LEU A CG  1 
ATOM   433  C CD1 . LEU A 1 66 ? -6.299  5.654   18.210  1.00 67.81  ? 1925 LEU A CD1 1 
ATOM   434  C CD2 . LEU A 1 66 ? -8.472  5.490   16.990  1.00 67.92  ? 1925 LEU A CD2 1 
ATOM   435  N N   . PRO A 1 67 ? -3.876  3.356   14.896  1.00 54.31  ? 1926 PRO A N   1 
ATOM   436  C CA  . PRO A 1 67 ? -3.722  1.977   14.451  1.00 55.59  ? 1926 PRO A CA  1 
ATOM   437  C C   . PRO A 1 67 ? -4.412  1.009   15.413  1.00 57.87  ? 1926 PRO A C   1 
ATOM   438  O O   . PRO A 1 67 ? -4.157  1.066   16.616  1.00 57.98  ? 1926 PRO A O   1 
ATOM   439  C CB  . PRO A 1 67 ? -2.208  1.763   14.491  1.00 51.83  ? 1926 PRO A CB  1 
ATOM   440  C CG  . PRO A 1 67 ? -1.725  2.692   15.566  1.00 52.65  ? 1926 PRO A CG  1 
ATOM   441  C CD  . PRO A 1 67 ? -2.700  3.843   15.641  1.00 53.81  ? 1926 PRO A CD  1 
ATOM   442  N N   . VAL A 1 68 ? -5.263  0.124   14.888  1.00 58.00  ? 1927 VAL A N   1 
ATOM   443  C CA  . VAL A 1 68 ? -6.004  -0.801  15.754  1.00 54.48  ? 1927 VAL A CA  1 
ATOM   444  C C   . VAL A 1 68 ? -5.416  -2.207  15.868  1.00 57.40  ? 1927 VAL A C   1 
ATOM   445  O O   . VAL A 1 68 ? -5.688  -2.909  16.839  1.00 63.19  ? 1927 VAL A O   1 
ATOM   446  C CB  . VAL A 1 68 ? -7.522  -0.806  15.477  1.00 52.36  ? 1927 VAL A CB  1 
ATOM   447  C CG1 . VAL A 1 68 ? -8.117  0.600   15.759  1.00 51.38  ? 1927 VAL A CG1 1 
ATOM   448  C CG2 . VAL A 1 68 ? -7.841  -1.264  14.064  1.00 44.93  ? 1927 VAL A CG2 1 
ATOM   449  N N   . LEU A 1 69 ? -4.594  -2.605  14.898  1.00 55.97  ? 1928 LEU A N   1 
ATOM   450  C CA  . LEU A 1 69 ? -3.802  -3.833  15.000  1.00 51.93  ? 1928 LEU A CA  1 
ATOM   451  C C   . LEU A 1 69 ? -2.319  -3.468  15.103  1.00 51.50  ? 1928 LEU A C   1 
ATOM   452  O O   . LEU A 1 69 ? -1.885  -2.500  14.494  1.00 52.03  ? 1928 LEU A O   1 
ATOM   453  C CB  . LEU A 1 69 ? -3.991  -4.721  13.757  1.00 53.80  ? 1928 LEU A CB  1 
ATOM   454  C CG  . LEU A 1 69 ? -5.251  -5.531  13.471  1.00 56.28  ? 1928 LEU A CG  1 
ATOM   455  C CD1 . LEU A 1 69 ? -4.987  -6.518  12.321  1.00 56.40  ? 1928 LEU A CD1 1 
ATOM   456  C CD2 . LEU A 1 69 ? -5.698  -6.279  14.701  1.00 56.78  ? 1928 LEU A CD2 1 
ATOM   457  N N   . PRO A 1 70 ? -1.529  -4.249  15.859  1.00 51.79  ? 1929 PRO A N   1 
ATOM   458  C CA  . PRO A 1 70 ? -0.078  -4.039  15.854  1.00 50.64  ? 1929 PRO A CA  1 
ATOM   459  C C   . PRO A 1 70 ? 0.501   -4.524  14.522  1.00 49.62  ? 1929 PRO A C   1 
ATOM   460  O O   . PRO A 1 70 ? -0.223  -5.159  13.766  1.00 49.12  ? 1929 PRO A O   1 
ATOM   461  C CB  . PRO A 1 70 ? 0.408   -4.943  16.993  1.00 51.75  ? 1929 PRO A CB  1 
ATOM   462  C CG  . PRO A 1 70 ? -0.603  -6.062  17.018  1.00 53.37  ? 1929 PRO A CG  1 
ATOM   463  C CD  . PRO A 1 70 ? -1.922  -5.370  16.736  1.00 52.86  ? 1929 PRO A CD  1 
ATOM   464  N N   . GLY A 1 71 ? 1.786   -4.257  14.266  1.00 48.68  ? 1930 GLY A N   1 
ATOM   465  C CA  . GLY A 1 71 ? 2.443   -4.570  12.983  1.00 49.97  ? 1930 GLY A CA  1 
ATOM   466  C C   . GLY A 1 71 ? 3.210   -3.377  12.396  1.00 49.62  ? 1930 GLY A C   1 
ATOM   467  O O   . GLY A 1 71 ? 3.427   -2.371  13.078  1.00 48.22  ? 1930 GLY A O   1 
ATOM   468  N N   . ASP A 1 72 ? 3.622   -3.504  11.135  1.00 48.89  ? 1931 ASP A N   1 
ATOM   469  C CA  . ASP A 1 72 ? 4.322   -2.451  10.399  1.00 52.23  ? 1931 ASP A CA  1 
ATOM   470  C C   . ASP A 1 72 ? 3.369   -1.609  9.568   1.00 50.62  ? 1931 ASP A C   1 
ATOM   471  O O   . ASP A 1 72 ? 2.619   -2.142  8.756   1.00 53.53  ? 1931 ASP A O   1 
ATOM   472  C CB  . ASP A 1 72 ? 5.359   -3.048  9.446   1.00 55.76  ? 1931 ASP A CB  1 
ATOM   473  C CG  . ASP A 1 72 ? 6.577   -3.612  10.169  1.00 64.22  ? 1931 ASP A CG  1 
ATOM   474  O OD1 . ASP A 1 72 ? 6.790   -3.301  11.366  1.00 65.84  ? 1931 ASP A OD1 1 
ATOM   475  O OD2 . ASP A 1 72 ? 7.338   -4.370  9.524   1.00 67.71  ? 1931 ASP A OD2 1 
ATOM   476  N N   . TYR A 1 73 ? 3.451   -0.294  9.733   1.00 44.28  ? 1932 TYR A N   1 
ATOM   477  C CA  . TYR A 1 73 ? 2.654   0.627   8.963   1.00 43.09  ? 1932 TYR A CA  1 
ATOM   478  C C   . TYR A 1 73 ? 3.576   1.509   8.111   1.00 43.59  ? 1932 TYR A C   1 
ATOM   479  O O   . TYR A 1 73 ? 4.560   2.065   8.631   1.00 42.90  ? 1932 TYR A O   1 
ATOM   480  C CB  . TYR A 1 73 ? 1.809   1.512   9.900   1.00 41.40  ? 1932 TYR A CB  1 
ATOM   481  C CG  . TYR A 1 73 ? 0.644   0.805   10.552  1.00 42.87  ? 1932 TYR A CG  1 
ATOM   482  C CD1 . TYR A 1 73 ? -0.664  1.051   10.144  1.00 43.01  ? 1932 TYR A CD1 1 
ATOM   483  C CD2 . TYR A 1 73 ? 0.851   -0.131  11.568  1.00 40.49  ? 1932 TYR A CD2 1 
ATOM   484  C CE1 . TYR A 1 73 ? -1.744  0.405   10.763  1.00 45.65  ? 1932 TYR A CE1 1 
ATOM   485  C CE2 . TYR A 1 73 ? -0.207  -0.799  12.160  1.00 42.19  ? 1932 TYR A CE2 1 
ATOM   486  C CZ  . TYR A 1 73 ? -1.497  -0.525  11.768  1.00 44.25  ? 1932 TYR A CZ  1 
ATOM   487  O OH  . TYR A 1 73 ? -2.543  -1.172  12.386  1.00 45.58  ? 1932 TYR A OH  1 
ATOM   488  N N   . SER A 1 74 ? 3.251   1.634   6.828   1.00 39.02  ? 1933 SER A N   1 
ATOM   489  C CA  . SER A 1 74 ? 3.938   2.564   5.926   1.00 43.81  ? 1933 SER A CA  1 
ATOM   490  C C   . SER A 1 74 ? 3.206   3.880   5.922   1.00 44.30  ? 1933 SER A C   1 
ATOM   491  O O   . SER A 1 74 ? 1.996   3.912   5.681   1.00 39.20  ? 1933 SER A O   1 
ATOM   492  C CB  . SER A 1 74 ? 3.948   2.033   4.501   1.00 44.04  ? 1933 SER A CB  1 
ATOM   493  O OG  . SER A 1 74 ? 4.851   0.955   4.426   1.00 48.64  ? 1933 SER A OG  1 
ATOM   494  N N   . ILE A 1 75 ? 3.942   4.952   6.220   1.00 44.14  ? 1934 ILE A N   1 
ATOM   495  C CA  . ILE A 1 75 ? 3.429   6.304   6.151   1.00 43.75  ? 1934 ILE A CA  1 
ATOM   496  C C   . ILE A 1 75 ? 4.019   6.948   4.887   1.00 44.90  ? 1934 ILE A C   1 
ATOM   497  O O   . ILE A 1 75 ? 5.228   7.050   4.743   1.00 43.43  ? 1934 ILE A O   1 
ATOM   498  C CB  . ILE A 1 75 ? 3.785   7.148   7.408   1.00 45.01  ? 1934 ILE A CB  1 
ATOM   499  C CG1 . ILE A 1 75 ? 3.291   6.490   8.699   1.00 46.46  ? 1934 ILE A CG1 1 
ATOM   500  C CG2 . ILE A 1 75 ? 3.159   8.552   7.307   1.00 44.51  ? 1934 ILE A CG2 1 
ATOM   501  C CD1 . ILE A 1 75 ? 4.268   5.560   9.365   1.00 48.11  ? 1934 ILE A CD1 1 
ATOM   502  N N   . LEU A 1 76 ? 3.156   7.372   3.972   1.00 44.77  ? 1935 LEU A N   1 
ATOM   503  C CA  . LEU A 1 76 ? 3.607   7.953   2.713   1.00 44.09  ? 1935 LEU A CA  1 
ATOM   504  C C   . LEU A 1 76 ? 3.268   9.418   2.687   1.00 43.15  ? 1935 LEU A C   1 
ATOM   505  O O   . LEU A 1 76 ? 2.111   9.777   2.862   1.00 40.50  ? 1935 LEU A O   1 
ATOM   506  C CB  . LEU A 1 76 ? 2.972   7.237   1.514   1.00 46.76  ? 1935 LEU A CB  1 
ATOM   507  C CG  . LEU A 1 76 ? 3.538   5.820   1.316   1.00 53.39  ? 1935 LEU A CG  1 
ATOM   508  C CD1 . LEU A 1 76 ? 2.725   4.750   2.119   1.00 53.01  ? 1935 LEU A CD1 1 
ATOM   509  C CD2 . LEU A 1 76 ? 3.602   5.457   -0.168  1.00 54.33  ? 1935 LEU A CD2 1 
ATOM   510  N N   . VAL A 1 77 ? 4.280   10.264  2.485   1.00 44.84  ? 1936 VAL A N   1 
ATOM   511  C CA  . VAL A 1 77 ? 4.069   11.713  2.473   1.00 45.71  ? 1936 VAL A CA  1 
ATOM   512  C C   . VAL A 1 77 ? 4.664   12.290  1.213   1.00 48.52  ? 1936 VAL A C   1 
ATOM   513  O O   . VAL A 1 77 ? 5.884   12.258  1.024   1.00 49.80  ? 1936 VAL A O   1 
ATOM   514  C CB  . VAL A 1 77 ? 4.725   12.426  3.677   1.00 44.41  ? 1936 VAL A CB  1 
ATOM   515  C CG1 . VAL A 1 77 ? 4.345   13.916  3.677   1.00 41.23  ? 1936 VAL A CG1 1 
ATOM   516  C CG2 . VAL A 1 77 ? 4.355   11.743  5.006   1.00 39.94  ? 1936 VAL A CG2 1 
ATOM   517  N N   . LYS A 1 78 ? 3.798   12.826  0.361   1.00 48.59  ? 1937 LYS A N   1 
ATOM   518  C CA  . LYS A 1 78 ? 4.209   13.371  -0.924  1.00 50.64  ? 1937 LYS A CA  1 
ATOM   519  C C   . LYS A 1 78 ? 3.800   14.823  -1.082  1.00 50.49  ? 1937 LYS A C   1 
ATOM   520  O O   . LYS A 1 78 ? 2.705   15.228  -0.690  1.00 47.22  ? 1937 LYS A O   1 
ATOM   521  C CB  . LYS A 1 78 ? 3.594   12.563  -2.063  1.00 53.59  ? 1937 LYS A CB  1 
ATOM   522  C CG  . LYS A 1 78 ? 4.353   11.302  -2.408  1.00 59.01  ? 1937 LYS A CG  1 
ATOM   523  C CD  . LYS A 1 78 ? 3.620   10.500  -3.471  1.00 63.65  ? 1937 LYS A CD  1 
ATOM   524  C CE  . LYS A 1 78 ? 2.581   9.574   -2.838  1.00 66.83  ? 1937 LYS A CE  1 
ATOM   525  N NZ  . LYS A 1 78 ? 1.554   9.110   -3.820  1.00 70.49  ? 1937 LYS A NZ  1 
ATOM   526  N N   . TYR A 1 79 ? 4.695   15.608  -1.664  1.00 52.35  ? 1938 TYR A N   1 
ATOM   527  C CA  . TYR A 1 79 ? 4.382   16.977  -1.998  1.00 52.24  ? 1938 TYR A CA  1 
ATOM   528  C C   . TYR A 1 79 ? 4.496   17.117  -3.495  1.00 54.08  ? 1938 TYR A C   1 
ATOM   529  O O   . TYR A 1 79 ? 5.587   16.945  -4.056  1.00 54.55  ? 1938 TYR A O   1 
ATOM   530  C CB  . TYR A 1 79 ? 5.346   17.926  -1.317  1.00 51.35  ? 1938 TYR A CB  1 
ATOM   531  C CG  . TYR A 1 79 ? 4.920   19.366  -1.395  1.00 51.52  ? 1938 TYR A CG  1 
ATOM   532  C CD1 . TYR A 1 79 ? 3.712   19.789  -0.834  1.00 46.05  ? 1938 TYR A CD1 1 
ATOM   533  C CD2 . TYR A 1 79 ? 5.757   20.325  -1.964  1.00 53.94  ? 1938 TYR A CD2 1 
ATOM   534  C CE1 . TYR A 1 79 ? 3.327   21.112  -0.885  1.00 47.32  ? 1938 TYR A CE1 1 
ATOM   535  C CE2 . TYR A 1 79 ? 5.382   21.663  -2.013  1.00 53.22  ? 1938 TYR A CE2 1 
ATOM   536  C CZ  . TYR A 1 79 ? 4.162   22.044  -1.473  1.00 51.65  ? 1938 TYR A CZ  1 
ATOM   537  O OH  . TYR A 1 79 ? 3.786   23.369  -1.522  1.00 55.31  ? 1938 TYR A OH  1 
ATOM   538  N N   . ASN A 1 80 ? 3.365   17.421  -4.126  1.00 55.29  ? 1939 ASN A N   1 
ATOM   539  C CA  . ASN A 1 80 ? 3.266   17.538  -5.570  1.00 60.51  ? 1939 ASN A CA  1 
ATOM   540  C C   . ASN A 1 80 ? 3.793   16.272  -6.242  1.00 65.51  ? 1939 ASN A C   1 
ATOM   541  O O   . ASN A 1 80 ? 4.706   16.344  -7.073  1.00 66.06  ? 1939 ASN A O   1 
ATOM   542  C CB  . ASN A 1 80 ? 4.041   18.767  -6.085  1.00 56.50  ? 1939 ASN A CB  1 
ATOM   543  C CG  . ASN A 1 80 ? 3.321   20.068  -5.842  1.00 52.14  ? 1939 ASN A CG  1 
ATOM   544  O OD1 . ASN A 1 80 ? 2.101   20.172  -6.002  1.00 53.05  ? 1939 ASN A OD1 1 
ATOM   545  N ND2 . ASN A 1 80 ? 4.079   21.080  -5.458  1.00 49.93  ? 1939 ASN A ND2 1 
ATOM   546  N N   . GLU A 1 81 ? 3.242   15.121  -5.853  1.00 66.53  ? 1940 GLU A N   1 
ATOM   547  C CA  . GLU A 1 81 ? 3.624   13.812  -6.422  1.00 69.06  ? 1940 GLU A CA  1 
ATOM   548  C C   . GLU A 1 81 ? 5.064   13.327  -6.107  1.00 65.66  ? 1940 GLU A C   1 
ATOM   549  O O   . GLU A 1 81 ? 5.473   12.259  -6.557  1.00 65.37  ? 1940 GLU A O   1 
ATOM   550  C CB  . GLU A 1 81 ? 3.296   13.743  -7.940  1.00 71.34  ? 1940 GLU A CB  1 
ATOM   551  C CG  . GLU A 1 81 ? 4.297   14.438  -8.877  1.00 74.22  ? 1940 GLU A CG  1 
ATOM   552  C CD  . GLU A 1 81 ? 3.703   14.810  -10.233 1.00 75.86  ? 1940 GLU A CD  1 
ATOM   553  O OE1 . GLU A 1 81 ? 3.582   13.910  -11.100 1.00 77.71  ? 1940 GLU A OE1 1 
ATOM   554  O OE2 . GLU A 1 81 ? 3.383   16.008  -10.440 1.00 78.17  ? 1940 GLU A OE2 1 
ATOM   555  N N   . GLN A 1 82 ? 5.818   14.094  -5.327  1.00 63.97  ? 1941 GLN A N   1 
ATOM   556  C CA  . GLN A 1 82 ? 7.177   13.696  -4.966  1.00 63.13  ? 1941 GLN A CA  1 
ATOM   557  C C   . GLN A 1 82 ? 7.271   13.354  -3.480  1.00 61.15  ? 1941 GLN A C   1 
ATOM   558  O O   . GLN A 1 82 ? 6.641   14.003  -2.635  1.00 61.99  ? 1941 GLN A O   1 
ATOM   559  C CB  . GLN A 1 82 ? 8.182   14.798  -5.288  1.00 66.76  ? 1941 GLN A CB  1 
ATOM   560  C CG  . GLN A 1 82 ? 7.875   15.597  -6.546  1.00 72.26  ? 1941 GLN A CG  1 
ATOM   561  C CD  . GLN A 1 82 ? 7.941   17.102  -6.294  1.00 75.00  ? 1941 GLN A CD  1 
ATOM   562  O OE1 . GLN A 1 82 ? 8.799   17.581  -5.545  1.00 75.82  ? 1941 GLN A OE1 1 
ATOM   563  N NE2 . GLN A 1 82 ? 7.022   17.851  -6.909  1.00 74.64  ? 1941 GLN A NE2 1 
ATOM   564  N N   . HIS A 1 83 ? 8.076   12.344  -3.174  1.00 57.95  ? 1942 HIS A N   1 
ATOM   565  C CA  . HIS A 1 83 ? 8.290   11.909  -1.810  1.00 55.08  ? 1942 HIS A CA  1 
ATOM   566  C C   . HIS A 1 83 ? 9.141   12.890  -1.051  1.00 52.91  ? 1942 HIS A C   1 
ATOM   567  O O   . HIS A 1 83 ? 10.218  13.279  -1.488  1.00 53.65  ? 1942 HIS A O   1 
ATOM   568  C CB  . HIS A 1 83 ? 8.936   10.518  -1.757  1.00 55.58  ? 1942 HIS A CB  1 
ATOM   569  C CG  . HIS A 1 83 ? 7.976   9.407   -2.038  1.00 59.19  ? 1942 HIS A CG  1 
ATOM   570  N ND1 . HIS A 1 83 ? 6.988   9.034   -1.151  1.00 60.07  ? 1942 HIS A ND1 1 
ATOM   571  C CD2 . HIS A 1 83 ? 7.831   8.607   -3.120  1.00 59.47  ? 1942 HIS A CD2 1 
ATOM   572  C CE1 . HIS A 1 83 ? 6.279   8.049   -1.671  1.00 58.41  ? 1942 HIS A CE1 1 
ATOM   573  N NE2 . HIS A 1 83 ? 6.775   7.766   -2.862  1.00 59.78  ? 1942 HIS A NE2 1 
ATOM   574  N N   . VAL A 1 84 ? 8.615   13.284  0.093   1.00 46.75  ? 1943 VAL A N   1 
ATOM   575  C CA  . VAL A 1 84 ? 9.323   14.002  1.115   1.00 43.39  ? 1943 VAL A CA  1 
ATOM   576  C C   . VAL A 1 84 ? 10.519  13.133  1.548   1.00 46.61  ? 1943 VAL A C   1 
ATOM   577  O O   . VAL A 1 84 ? 10.460  11.901  1.404   1.00 49.62  ? 1943 VAL A O   1 
ATOM   578  C CB  . VAL A 1 84 ? 8.283   14.271  2.228   1.00 45.51  ? 1943 VAL A CB  1 
ATOM   579  C CG1 . VAL A 1 84 ? 8.755   13.942  3.619   1.00 43.58  ? 1943 VAL A CG1 1 
ATOM   580  C CG2 . VAL A 1 84 ? 7.711   15.670  2.091   1.00 46.12  ? 1943 VAL A CG2 1 
ATOM   581  N N   . PRO A 1 85 ? 11.640  13.763  2.006   1.00 45.26  ? 1944 PRO A N   1 
ATOM   582  C CA  . PRO A 1 85 ? 12.834  13.056  2.485   1.00 42.70  ? 1944 PRO A CA  1 
ATOM   583  C C   . PRO A 1 85 ? 12.464  11.994  3.531   1.00 44.24  ? 1944 PRO A C   1 
ATOM   584  O O   . PRO A 1 85 ? 11.896  12.320  4.565   1.00 41.87  ? 1944 PRO A O   1 
ATOM   585  C CB  . PRO A 1 85 ? 13.626  14.154  3.173   1.00 43.53  ? 1944 PRO A CB  1 
ATOM   586  C CG  . PRO A 1 85 ? 13.206  15.388  2.479   1.00 43.49  ? 1944 PRO A CG  1 
ATOM   587  C CD  . PRO A 1 85 ? 11.808  15.226  2.072   1.00 41.64  ? 1944 PRO A CD  1 
ATOM   588  N N   . GLY A 1 86 ? 12.775  10.740  3.239   1.00 45.16  ? 1945 GLY A N   1 
ATOM   589  C CA  . GLY A 1 86 ? 12.477  9.643   4.137   1.00 44.77  ? 1945 GLY A CA  1 
ATOM   590  C C   . GLY A 1 86 ? 11.176  8.940   3.824   1.00 45.11  ? 1945 GLY A C   1 
ATOM   591  O O   . GLY A 1 86 ? 10.974  7.818   4.265   1.00 44.55  ? 1945 GLY A O   1 
ATOM   592  N N   . SER A 1 87 ? 10.287  9.583   3.067   1.00 41.37  ? 1946 SER A N   1 
ATOM   593  C CA  . SER A 1 87 ? 9.062   8.910   2.654   1.00 42.89  ? 1946 SER A CA  1 
ATOM   594  C C   . SER A 1 87 ? 9.346   7.862   1.547   1.00 45.20  ? 1946 SER A C   1 
ATOM   595  O O   . SER A 1 87 ? 10.126  8.130   0.639   1.00 53.85  ? 1946 SER A O   1 
ATOM   596  C CB  . SER A 1 87 ? 8.030   9.925   2.190   1.00 33.84  ? 1946 SER A CB  1 
ATOM   597  O OG  . SER A 1 87 ? 6.914   9.258   1.644   1.00 40.35  ? 1946 SER A OG  1 
ATOM   598  N N   . PRO A 1 88 ? 8.726   6.668   1.616   1.00 48.26  ? 1947 PRO A N   1 
ATOM   599  C CA  . PRO A 1 88 ? 7.796   6.140   2.651   1.00 45.41  ? 1947 PRO A CA  1 
ATOM   600  C C   . PRO A 1 88 ? 8.490   5.739   3.944   1.00 44.32  ? 1947 PRO A C   1 
ATOM   601  O O   . PRO A 1 88 ? 9.518   5.080   3.923   1.00 45.35  ? 1947 PRO A O   1 
ATOM   602  C CB  . PRO A 1 88 ? 7.165   4.904   1.987   1.00 46.10  ? 1947 PRO A CB  1 
ATOM   603  C CG  . PRO A 1 88 ? 8.092   4.490   0.913   1.00 47.59  ? 1947 PRO A CG  1 
ATOM   604  C CD  . PRO A 1 88 ? 8.946   5.702   0.517   1.00 49.00  ? 1947 PRO A CD  1 
ATOM   605  N N   . PHE A 1 89 ? 7.921   6.171   5.057   1.00 43.67  ? 1948 PHE A N   1 
ATOM   606  C CA  . PHE A 1 89 ? 8.407   5.834   6.387   1.00 42.31  ? 1948 PHE A CA  1 
ATOM   607  C C   . PHE A 1 89 ? 7.829   4.477   6.825   1.00 43.03  ? 1948 PHE A C   1 
ATOM   608  O O   . PHE A 1 89 ? 6.894   3.986   6.200   1.00 46.89  ? 1948 PHE A O   1 
ATOM   609  C CB  . PHE A 1 89 ? 8.010   6.942   7.359   1.00 38.29  ? 1948 PHE A CB  1 
ATOM   610  C CG  . PHE A 1 89 ? 8.478   8.302   6.937   1.00 42.35  ? 1948 PHE A CG  1 
ATOM   611  C CD1 . PHE A 1 89 ? 7.594   9.194   6.299   1.00 41.68  ? 1948 PHE A CD1 1 
ATOM   612  C CD2 . PHE A 1 89 ? 9.805   8.698   7.143   1.00 39.11  ? 1948 PHE A CD2 1 
ATOM   613  C CE1 . PHE A 1 89 ? 8.020   10.478  5.870   1.00 39.28  ? 1948 PHE A CE1 1 
ATOM   614  C CE2 . PHE A 1 89 ? 10.243  9.982   6.717   1.00 42.44  ? 1948 PHE A CE2 1 
ATOM   615  C CZ  . PHE A 1 89 ? 9.347   10.875  6.096   1.00 40.59  ? 1948 PHE A CZ  1 
ATOM   616  N N   . THR A 1 90 ? 8.402   3.863   7.863   1.00 43.08  ? 1949 THR A N   1 
ATOM   617  C CA  . THR A 1 90 ? 7.868   2.604   8.426   1.00 47.12  ? 1949 THR A CA  1 
ATOM   618  C C   . THR A 1 90 ? 7.779   2.667   9.951   1.00 45.78  ? 1949 THR A C   1 
ATOM   619  O O   . THR A 1 90 ? 8.793   2.757   10.633  1.00 41.75  ? 1949 THR A O   1 
ATOM   620  C CB  . THR A 1 90 ? 8.692   1.375   8.008   1.00 53.18  ? 1949 THR A CB  1 
ATOM   621  O OG1 . THR A 1 90 ? 8.758   1.318   6.583   1.00 57.85  ? 1949 THR A OG1 1 
ATOM   622  C CG2 . THR A 1 90 ? 8.023   0.087   8.508   1.00 58.84  ? 1949 THR A CG2 1 
ATOM   623  N N   . ALA A 1 91 ? 6.559   2.651   10.472  1.00 45.75  ? 1950 ALA A N   1 
ATOM   624  C CA  . ALA A 1 91 ? 6.350   2.679   11.893  1.00 47.76  ? 1950 ALA A CA  1 
ATOM   625  C C   . ALA A 1 91 ? 6.086   1.265   12.406  1.00 50.97  ? 1950 ALA A C   1 
ATOM   626  O O   . ALA A 1 91 ? 5.164   0.593   11.926  1.00 49.78  ? 1950 ALA A O   1 
ATOM   627  C CB  . ALA A 1 91 ? 5.205   3.611   12.232  1.00 49.63  ? 1950 ALA A CB  1 
ATOM   628  N N   . ARG A 1 92 ? 6.926   0.803   13.344  1.00 55.51  ? 1951 ARG A N   1 
ATOM   629  C CA  . ARG A 1 92 ? 6.674   -0.444  14.096  1.00 58.22  ? 1951 ARG A CA  1 
ATOM   630  C C   . ARG A 1 92 ? 5.612   -0.117  15.135  1.00 56.39  ? 1951 ARG A C   1 
ATOM   631  O O   . ARG A 1 92 ? 5.880   0.639   16.061  1.00 57.80  ? 1951 ARG A O   1 
ATOM   632  C CB  . ARG A 1 92 ? 7.917   -0.932  14.844  1.00 64.01  ? 1951 ARG A CB  1 
ATOM   633  C CG  . ARG A 1 92 ? 9.276   -0.798  14.135  1.00 74.03  ? 1951 ARG A CG  1 
ATOM   634  C CD  . ARG A 1 92 ? 10.351  -0.312  15.153  1.00 81.13  ? 1951 ARG A CD  1 
ATOM   635  N NE  . ARG A 1 92 ? 11.581  -1.117  15.186  1.00 87.25  ? 1951 ARG A NE  1 
ATOM   636  C CZ  . ARG A 1 92 ? 11.705  -2.304  15.791  1.00 90.97  ? 1951 ARG A CZ  1 
ATOM   637  N NH1 . ARG A 1 92 ? 10.674  -2.872  16.411  1.00 92.22  ? 1951 ARG A NH1 1 
ATOM   638  N NH2 . ARG A 1 92 ? 12.867  -2.944  15.763  1.00 92.96  ? 1951 ARG A NH2 1 
ATOM   639  N N   . VAL A 1 93 ? 4.402   -0.640  14.969  1.00 54.85  ? 1952 VAL A N   1 
ATOM   640  C CA  . VAL A 1 93 ? 3.343   -0.428  15.963  1.00 53.56  ? 1952 VAL A CA  1 
ATOM   641  C C   . VAL A 1 93 ? 3.216   -1.678  16.851  1.00 56.23  ? 1952 VAL A C   1 
ATOM   642  O O   . VAL A 1 93 ? 2.780   -2.728  16.390  1.00 54.85  ? 1952 VAL A O   1 
ATOM   643  C CB  . VAL A 1 93 ? 2.018   -0.103  15.279  1.00 51.20  ? 1952 VAL A CB  1 
ATOM   644  C CG1 . VAL A 1 93 ? 0.847   -0.030  16.292  1.00 53.50  ? 1952 VAL A CG1 1 
ATOM   645  C CG2 . VAL A 1 93 ? 2.146   1.205   14.537  1.00 49.98  ? 1952 VAL A CG2 1 
ATOM   646  N N   . THR A 1 94 ? 3.630   -1.581  18.110  1.00 60.47  ? 1953 THR A N   1 
ATOM   647  C CA  . THR A 1 94 ? 3.501   -2.727  19.035  1.00 64.59  ? 1953 THR A CA  1 
ATOM   648  C C   . THR A 1 94 ? 2.157   -2.781  19.768  1.00 65.02  ? 1953 THR A C   1 
ATOM   649  O O   . THR A 1 94 ? 1.415   -1.793  19.815  1.00 61.98  ? 1953 THR A O   1 
ATOM   650  C CB  . THR A 1 94 ? 4.663   -2.823  20.050  1.00 65.08  ? 1953 THR A CB  1 
ATOM   651  O OG1 . THR A 1 94 ? 4.847   -1.555  20.696  1.00 63.86  ? 1953 THR A OG1 1 
ATOM   652  C CG2 . THR A 1 94 ? 5.951   -3.242  19.350  1.00 65.69  ? 1953 THR A CG2 1 
ATOM   653  N N   . GLY A 1 95 ? 1.853   -3.964  20.310  1.00 70.17  ? 1954 GLY A N   1 
ATOM   654  C CA  . GLY A 1 95 ? 0.635   -4.216  21.074  1.00 72.46  ? 1954 GLY A CA  1 
ATOM   655  C C   . GLY A 1 95 ? 0.733   -3.682  22.491  1.00 75.09  ? 1954 GLY A C   1 
ATOM   656  O O   . GLY A 1 95 ? -0.201  -3.062  23.006  1.00 75.82  ? 1954 GLY A O   1 
ATOM   657  N N   . ASP A 1 96 ? 1.758   -3.855  23.157  1.00 76.84  ? 1955 ASP A N   1 
ATOM   658  N N   . CYS B 1 6  ? -10.103 5.101   2.536   1.00 96.31  ? 1865 CYS B N   1 
ATOM   659  C CA  . CYS B 1 6  ? -10.726 3.993   1.756   1.00 97.67  ? 1865 CYS B CA  1 
ATOM   660  C C   . CYS B 1 6  ? -10.411 2.605   2.343   1.00 96.97  ? 1865 CYS B C   1 
ATOM   661  O O   . CYS B 1 6  ? -10.927 2.263   3.408   1.00 97.65  ? 1865 CYS B O   1 
ATOM   662  C CB  . CYS B 1 6  ? -10.347 4.094   0.269   1.00 99.20  ? 1865 CYS B CB  1 
ATOM   663  S SG  . CYS B 1 6  ? -8.642  4.637   -0.059  1.00 99.20  ? 1865 CYS B SG  1 
ATOM   664  N N   . GLY B 1 7  ? -9.584  1.813   1.653   1.00 94.96  ? 1866 GLY B N   1 
ATOM   665  C CA  . GLY B 1 7  ? -9.253  0.445   2.078   1.00 90.08  ? 1866 GLY B CA  1 
ATOM   666  C C   . GLY B 1 7  ? -10.413 -0.538  1.955   1.00 88.19  ? 1866 GLY B C   1 
ATOM   667  O O   . GLY B 1 7  ? -10.629 -1.371  2.840   1.00 89.25  ? 1866 GLY B O   1 
ATOM   668  N N   . HIS B 1 8  ? -11.168 -0.439  0.864   1.00 84.86  ? 1867 HIS B N   1 
ATOM   669  C CA  . HIS B 1 8  ? -12.247 -1.390  0.567   1.00 79.36  ? 1867 HIS B CA  1 
ATOM   670  C C   . HIS B 1 8  ? -11.858 -2.453  -0.481  1.00 73.88  ? 1867 HIS B C   1 
ATOM   671  O O   . HIS B 1 8  ? -12.672 -3.319  -0.811  1.00 71.91  ? 1867 HIS B O   1 
ATOM   672  C CB  . HIS B 1 8  ? -13.521 -0.657  0.118   1.00 81.37  ? 1867 HIS B CB  1 
ATOM   673  C CG  . HIS B 1 8  ? -14.058 0.317   1.122   1.00 83.39  ? 1867 HIS B CG  1 
ATOM   674  N ND1 . HIS B 1 8  ? -14.484 -0.062  2.378   1.00 84.23  ? 1867 HIS B ND1 1 
ATOM   675  C CD2 . HIS B 1 8  ? -14.263 1.655   1.045   1.00 85.06  ? 1867 HIS B CD2 1 
ATOM   676  C CE1 . HIS B 1 8  ? -14.910 1.002   3.037   1.00 84.60  ? 1867 HIS B CE1 1 
ATOM   677  N NE2 . HIS B 1 8  ? -14.790 2.056   2.252   1.00 84.32  ? 1867 HIS B NE2 1 
ATOM   678  N N   . VAL B 1 9  ? -10.640 -2.364  -1.028  1.00 69.29  ? 1868 VAL B N   1 
ATOM   679  C CA  . VAL B 1 9  ? -10.094 -3.409  -1.927  1.00 65.43  ? 1868 VAL B CA  1 
ATOM   680  C C   . VAL B 1 9  ? -8.712  -3.871  -1.458  1.00 63.66  ? 1868 VAL B C   1 
ATOM   681  O O   . VAL B 1 9  ? -7.803  -3.064  -1.199  1.00 61.84  ? 1868 VAL B O   1 
ATOM   682  C CB  . VAL B 1 9  ? -9.997  -2.980  -3.388  1.00 65.26  ? 1868 VAL B CB  1 
ATOM   683  C CG1 . VAL B 1 9  ? -9.649  -4.190  -4.270  1.00 65.62  ? 1868 VAL B CG1 1 
ATOM   684  C CG2 . VAL B 1 9  ? -11.287 -2.363  -3.835  1.00 67.54  ? 1868 VAL B CG2 1 
ATOM   685  N N   . THR B 1 10 ? -8.565  -5.181  -1.340  1.00 59.39  ? 1869 THR B N   1 
ATOM   686  C CA  . THR B 1 10 ? -7.443  -5.731  -0.591  1.00 55.98  ? 1869 THR B CA  1 
ATOM   687  C C   . THR B 1 10 ? -6.930  -7.017  -1.237  1.00 48.06  ? 1869 THR B C   1 
ATOM   688  O O   . THR B 1 10 ? -7.682  -7.737  -1.875  1.00 48.06  ? 1869 THR B O   1 
ATOM   689  C CB  . THR B 1 10 ? -7.831  -5.869  0.922   1.00 55.51  ? 1869 THR B CB  1 
ATOM   690  O OG1 . THR B 1 10 ? -6.667  -6.067  1.724   1.00 61.20  ? 1869 THR B OG1 1 
ATOM   691  C CG2 . THR B 1 10 ? -8.810  -6.996  1.149   1.00 57.55  ? 1869 THR B CG2 1 
ATOM   692  N N   . ALA B 1 11 ? -5.637  -7.274  -1.093  1.00 46.15  ? 1870 ALA B N   1 
ATOM   693  C CA  . ALA B 1 11 ? -5.011  -8.444  -1.695  1.00 42.17  ? 1870 ALA B CA  1 
ATOM   694  C C   . ALA B 1 11 ? -3.963  -8.964  -0.755  1.00 40.74  ? 1870 ALA B C   1 
ATOM   695  O O   . ALA B 1 11 ? -3.174  -8.197  -0.200  1.00 45.77  ? 1870 ALA B O   1 
ATOM   696  C CB  . ALA B 1 11 ? -4.390  -8.099  -3.056  1.00 44.17  ? 1870 ALA B CB  1 
ATOM   697  N N   . TYR B 1 12 ? -3.939  -10.277 -0.580  1.00 40.12  ? 1871 TYR B N   1 
ATOM   698  C CA  . TYR B 1 12 ? -3.150  -10.882 0.484   1.00 38.17  ? 1871 TYR B CA  1 
ATOM   699  C C   . TYR B 1 12 ? -3.064  -12.344 0.194   1.00 38.32  ? 1871 TYR B C   1 
ATOM   700  O O   . TYR B 1 12 ? -3.983  -12.899 -0.375  1.00 46.02  ? 1871 TYR B O   1 
ATOM   701  C CB  . TYR B 1 12 ? -3.803  -10.651 1.853   1.00 40.56  ? 1871 TYR B CB  1 
ATOM   702  C CG  . TYR B 1 12 ? -5.314  -10.934 1.893   1.00 41.42  ? 1871 TYR B CG  1 
ATOM   703  C CD1 . TYR B 1 12 ? -5.816  -12.194 2.255   1.00 40.46  ? 1871 TYR B CD1 1 
ATOM   704  C CD2 . TYR B 1 12 ? -6.230  -9.939  1.573   1.00 40.46  ? 1871 TYR B CD2 1 
ATOM   705  C CE1 . TYR B 1 12 ? -7.214  -12.445 2.291   1.00 39.23  ? 1871 TYR B CE1 1 
ATOM   706  C CE2 . TYR B 1 12 ? -7.607  -10.181 1.607   1.00 43.10  ? 1871 TYR B CE2 1 
ATOM   707  C CZ  . TYR B 1 12 ? -8.085  -11.423 1.977   1.00 40.61  ? 1871 TYR B CZ  1 
ATOM   708  O OH  . TYR B 1 12 ? -9.449  -11.605 1.986   1.00 46.82  ? 1871 TYR B OH  1 
ATOM   709  N N   . GLY B 1 13 ? -1.973  -12.984 0.598   1.00 42.48  ? 1872 GLY B N   1 
ATOM   710  C CA  . GLY B 1 13 ? -1.820  -14.409 0.365   1.00 41.00  ? 1872 GLY B CA  1 
ATOM   711  C C   . GLY B 1 13 ? -0.379  -14.845 0.233   1.00 45.72  ? 1872 GLY B C   1 
ATOM   712  O O   . GLY B 1 13 ? 0.525   -14.002 0.055   1.00 42.97  ? 1872 GLY B O   1 
ATOM   713  N N   . PRO B 1 14 ? -0.148  -16.170 0.307   1.00 43.47  ? 1873 PRO B N   1 
ATOM   714  C CA  . PRO B 1 14 ? 1.213   -16.629 0.403   1.00 46.44  ? 1873 PRO B CA  1 
ATOM   715  C C   . PRO B 1 14 ? 1.973   -16.356 -0.883  1.00 45.22  ? 1873 PRO B C   1 
ATOM   716  O O   . PRO B 1 14 ? 3.154   -16.083 -0.827  1.00 47.81  ? 1873 PRO B O   1 
ATOM   717  C CB  . PRO B 1 14 ? 1.066   -18.131 0.671   1.00 48.28  ? 1873 PRO B CB  1 
ATOM   718  C CG  . PRO B 1 14 ? -0.269  -18.488 0.165   1.00 47.47  ? 1873 PRO B CG  1 
ATOM   719  C CD  . PRO B 1 14 ? -1.114  -17.278 0.313   1.00 47.14  ? 1873 PRO B CD  1 
ATOM   720  N N   . GLY B 1 15 ? 1.287   -16.382 -2.020  1.00 45.77  ? 1874 GLY B N   1 
ATOM   721  C CA  . GLY B 1 15 ? 1.936   -16.143 -3.303  1.00 47.31  ? 1874 GLY B CA  1 
ATOM   722  C C   . GLY B 1 15 ? 2.460   -14.726 -3.514  1.00 47.71  ? 1874 GLY B C   1 
ATOM   723  O O   . GLY B 1 15 ? 3.132   -14.449 -4.507  1.00 51.16  ? 1874 GLY B O   1 
ATOM   724  N N   . LEU B 1 16 ? 2.167   -13.827 -2.585  1.00 44.64  ? 1875 LEU B N   1 
ATOM   725  C CA  . LEU B 1 16 ? 2.576   -12.441 -2.721  1.00 42.31  ? 1875 LEU B CA  1 
ATOM   726  C C   . LEU B 1 16 ? 3.955   -12.238 -2.120  1.00 44.83  ? 1875 LEU B C   1 
ATOM   727  O O   . LEU B 1 16 ? 4.606   -11.219 -2.386  1.00 43.16  ? 1875 LEU B O   1 
ATOM   728  C CB  . LEU B 1 16 ? 1.546   -11.495 -2.100  1.00 41.27  ? 1875 LEU B CB  1 
ATOM   729  C CG  . LEU B 1 16 ? 0.214   -11.397 -2.844  1.00 42.34  ? 1875 LEU B CG  1 
ATOM   730  C CD1 . LEU B 1 16 ? -0.774  -10.537 -2.038  1.00 41.02  ? 1875 LEU B CD1 1 
ATOM   731  C CD2 . LEU B 1 16 ? 0.364   -10.873 -4.268  1.00 35.42  ? 1875 LEU B CD2 1 
ATOM   732  N N   . THR B 1 17 ? 4.417   -13.237 -1.357  1.00 45.41  ? 1876 THR B N   1 
ATOM   733  C CA  . THR B 1 17 ? 5.751   -13.207 -0.746  1.00 48.52  ? 1876 THR B CA  1 
ATOM   734  C C   . THR B 1 17 ? 6.686   -14.340 -1.172  1.00 48.18  ? 1876 THR B C   1 
ATOM   735  O O   . THR B 1 17 ? 7.909   -14.158 -1.260  1.00 45.45  ? 1876 THR B O   1 
ATOM   736  C CB  . THR B 1 17 ? 5.668   -13.180 0.797   1.00 49.42  ? 1876 THR B CB  1 
ATOM   737  O OG1 . THR B 1 17 ? 4.989   -14.351 1.267   1.00 53.08  ? 1876 THR B OG1 1 
ATOM   738  C CG2 . THR B 1 17 ? 4.892   -11.940 1.250   1.00 47.71  ? 1876 THR B CG2 1 
ATOM   739  N N   . HIS B 1 18 ? 6.131   -15.512 -1.439  1.00 49.19  ? 1877 HIS B N   1 
ATOM   740  C CA  . HIS B 1 18 ? 6.982   -16.647 -1.748  1.00 54.43  ? 1877 HIS B CA  1 
ATOM   741  C C   . HIS B 1 18 ? 6.262   -17.618 -2.649  1.00 54.03  ? 1877 HIS B C   1 
ATOM   742  O O   . HIS B 1 18 ? 5.037   -17.661 -2.699  1.00 54.10  ? 1877 HIS B O   1 
ATOM   743  C CB  . HIS B 1 18 ? 7.494   -17.340 -0.464  1.00 59.29  ? 1877 HIS B CB  1 
ATOM   744  C CG  . HIS B 1 18 ? 6.406   -17.915 0.388   1.00 67.99  ? 1877 HIS B CG  1 
ATOM   745  N ND1 . HIS B 1 18 ? 6.039   -19.244 0.331   1.00 70.79  ? 1877 HIS B ND1 1 
ATOM   746  C CD2 . HIS B 1 18 ? 5.596   -17.341 1.312   1.00 70.91  ? 1877 HIS B CD2 1 
ATOM   747  C CE1 . HIS B 1 18 ? 5.054   -19.466 1.185   1.00 72.43  ? 1877 HIS B CE1 1 
ATOM   748  N NE2 . HIS B 1 18 ? 4.765   -18.327 1.793   1.00 73.27  ? 1877 HIS B NE2 1 
ATOM   749  N N   . GLY B 1 19 ? 7.054   -18.387 -3.379  1.00 55.22  ? 1878 GLY B N   1 
ATOM   750  C CA  . GLY B 1 19 ? 6.542   -19.379 -4.287  1.00 54.20  ? 1878 GLY B CA  1 
ATOM   751  C C   . GLY B 1 19 ? 7.617   -20.408 -4.552  1.00 53.11  ? 1878 GLY B C   1 
ATOM   752  O O   . GLY B 1 19 ? 8.758   -20.264 -4.114  1.00 49.66  ? 1878 GLY B O   1 
ATOM   753  N N   . VAL B 1 20 ? 7.235   -21.456 -5.270  1.00 55.44  ? 1879 VAL B N   1 
ATOM   754  C CA  . VAL B 1 20 ? 8.170   -22.495 -5.680  1.00 56.34  ? 1879 VAL B CA  1 
ATOM   755  C C   . VAL B 1 20 ? 8.025   -22.672 -7.173  1.00 52.25  ? 1879 VAL B C   1 
ATOM   756  O O   . VAL B 1 20 ? 6.907   -22.780 -7.690  1.00 46.77  ? 1879 VAL B O   1 
ATOM   757  C CB  . VAL B 1 20 ? 7.908   -23.839 -4.965  1.00 57.90  ? 1879 VAL B CB  1 
ATOM   758  C CG1 . VAL B 1 20 ? 8.945   -24.896 -5.402  1.00 60.42  ? 1879 VAL B CG1 1 
ATOM   759  C CG2 . VAL B 1 20 ? 7.938   -23.651 -3.448  1.00 57.31  ? 1879 VAL B CG2 1 
ATOM   760  N N   . VAL B 1 21 ? 9.167   -22.652 -7.855  1.00 53.97  ? 1880 VAL B N   1 
ATOM   761  C CA  . VAL B 1 21 ? 9.266   -22.976 -9.282  1.00 57.47  ? 1880 VAL B CA  1 
ATOM   762  C C   . VAL B 1 21 ? 8.388   -24.187 -9.668  1.00 59.46  ? 1880 VAL B C   1 
ATOM   763  O O   . VAL B 1 21 ? 8.439   -25.236 -9.010  1.00 60.74  ? 1880 VAL B O   1 
ATOM   764  C CB  . VAL B 1 21 ? 10.760  -23.174 -9.650  1.00 59.00  ? 1880 VAL B CB  1 
ATOM   765  C CG1 . VAL B 1 21 ? 11.030  -24.497 -10.337 1.00 59.58  ? 1880 VAL B CG1 1 
ATOM   766  C CG2 . VAL B 1 21 ? 11.247  -22.024 -10.466 1.00 58.31  ? 1880 VAL B CG2 1 
ATOM   767  N N   . ASN B 1 22 ? 7.556   -24.003 -10.696 1.00 61.64  ? 1881 ASN B N   1 
ATOM   768  C CA  . ASN B 1 22 ? 6.641   -25.039 -11.231 1.00 63.95  ? 1881 ASN B CA  1 
ATOM   769  C C   . ASN B 1 22 ? 5.502   -25.484 -10.326 1.00 63.70  ? 1881 ASN B C   1 
ATOM   770  O O   . ASN B 1 22 ? 4.829   -26.474 -10.608 1.00 63.90  ? 1881 ASN B O   1 
ATOM   771  C CB  . ASN B 1 22 ? 7.411   -26.261 -11.750 1.00 63.03  ? 1881 ASN B CB  1 
ATOM   772  C CG  . ASN B 1 22 ? 8.387   -25.897 -12.805 1.00 66.73  ? 1881 ASN B CG  1 
ATOM   773  O OD1 . ASN B 1 22 ? 8.016   -25.405 -13.877 1.00 66.34  ? 1881 ASN B OD1 1 
ATOM   774  N ND2 . ASN B 1 22 ? 9.663   -26.111 -12.514 1.00 68.13  ? 1881 ASN B ND2 1 
ATOM   775  N N   . LYS B 1 23 ? 5.295   -24.767 -9.234  1.00 64.48  ? 1882 LYS B N   1 
ATOM   776  C CA  . LYS B 1 23 ? 4.057   -24.904 -8.478  1.00 65.45  ? 1882 LYS B CA  1 
ATOM   777  C C   . LYS B 1 23 ? 3.279   -23.588 -8.525  1.00 63.06  ? 1882 LYS B C   1 
ATOM   778  O O   . LYS B 1 23 ? 3.884   -22.514 -8.597  1.00 60.10  ? 1882 LYS B O   1 
ATOM   779  C CB  . LYS B 1 23 ? 4.342   -25.356 -7.044  1.00 68.20  ? 1882 LYS B CB  1 
ATOM   780  C CG  . LYS B 1 23 ? 4.600   -26.865 -6.948  1.00 73.06  ? 1882 LYS B CG  1 
ATOM   781  C CD  . LYS B 1 23 ? 5.737   -27.185 -5.986  1.00 75.50  ? 1882 LYS B CD  1 
ATOM   782  C CE  . LYS B 1 23 ? 6.348   -28.555 -6.285  1.00 77.32  ? 1882 LYS B CE  1 
ATOM   783  N NZ  . LYS B 1 23 ? 7.538   -28.843 -5.422  1.00 78.30  ? 1882 LYS B NZ  1 
ATOM   784  N N   . PRO B 1 24 ? 1.937   -23.663 -8.526  1.00 60.95  ? 1883 PRO B N   1 
ATOM   785  C CA  . PRO B 1 24 ? 1.190   -22.407 -8.471  1.00 58.90  ? 1883 PRO B CA  1 
ATOM   786  C C   . PRO B 1 24 ? 1.405   -21.667 -7.140  1.00 58.48  ? 1883 PRO B C   1 
ATOM   787  O O   . PRO B 1 24 ? 1.614   -22.283 -6.090  1.00 57.36  ? 1883 PRO B O   1 
ATOM   788  C CB  . PRO B 1 24 ? -0.262  -22.838 -8.673  1.00 60.28  ? 1883 PRO B CB  1 
ATOM   789  C CG  . PRO B 1 24 ? -0.294  -24.293 -8.298  1.00 61.93  ? 1883 PRO B CG  1 
ATOM   790  C CD  . PRO B 1 24 ? 1.058   -24.844 -8.612  1.00 60.85  ? 1883 PRO B CD  1 
ATOM   791  N N   . ALA B 1 25 ? 1.434   -20.348 -7.219  1.00 54.33  ? 1884 ALA B N   1 
ATOM   792  C CA  . ALA B 1 25 ? 1.574   -19.513 -6.055  1.00 50.74  ? 1884 ALA B CA  1 
ATOM   793  C C   . ALA B 1 25 ? 0.253   -18.743 -5.973  1.00 50.57  ? 1884 ALA B C   1 
ATOM   794  O O   . ALA B 1 25 ? -0.174  -18.131 -6.948  1.00 53.46  ? 1884 ALA B O   1 
ATOM   795  C CB  . ALA B 1 25 ? 2.740   -18.609 -6.228  1.00 49.47  ? 1884 ALA B CB  1 
ATOM   796  N N   . THR B 1 26 ? -0.417  -18.812 -4.826  1.00 46.88  ? 1885 THR B N   1 
ATOM   797  C CA  . THR B 1 26 ? -1.803  -18.395 -4.753  1.00 43.52  ? 1885 THR B CA  1 
ATOM   798  C C   . THR B 1 26 ? -2.042  -17.186 -3.826  1.00 42.51  ? 1885 THR B C   1 
ATOM   799  O O   . THR B 1 26 ? -1.318  -16.982 -2.843  1.00 41.62  ? 1885 THR B O   1 
ATOM   800  C CB  . THR B 1 26 ? -2.679  -19.615 -4.339  1.00 49.53  ? 1885 THR B CB  1 
ATOM   801  O OG1 . THR B 1 26 ? -2.416  -20.715 -5.238  1.00 49.37  ? 1885 THR B OG1 1 
ATOM   802  C CG2 . THR B 1 26 ? -4.205  -19.269 -4.364  1.00 49.41  ? 1885 THR B CG2 1 
ATOM   803  N N   . PHE B 1 27 ? -3.052  -16.380 -4.140  1.00 37.63  ? 1886 PHE B N   1 
ATOM   804  C CA  . PHE B 1 27 ? -3.448  -15.316 -3.236  1.00 37.57  ? 1886 PHE B CA  1 
ATOM   805  C C   . PHE B 1 27 ? -4.879  -14.881 -3.487  1.00 36.50  ? 1886 PHE B C   1 
ATOM   806  O O   . PHE B 1 27 ? -5.544  -15.371 -4.379  1.00 36.14  ? 1886 PHE B O   1 
ATOM   807  C CB  . PHE B 1 27 ? -2.473  -14.107 -3.286  1.00 39.31  ? 1886 PHE B CB  1 
ATOM   808  C CG  . PHE B 1 27 ? -2.463  -13.374 -4.611  1.00 38.27  ? 1886 PHE B CG  1 
ATOM   809  C CD1 . PHE B 1 27 ? -3.352  -12.320 -4.847  1.00 37.28  ? 1886 PHE B CD1 1 
ATOM   810  C CD2 . PHE B 1 27 ? -1.551  -13.736 -5.623  1.00 39.87  ? 1886 PHE B CD2 1 
ATOM   811  C CE1 . PHE B 1 27 ? -3.340  -11.613 -6.083  1.00 41.97  ? 1886 PHE B CE1 1 
ATOM   812  C CE2 . PHE B 1 27 ? -1.529  -13.039 -6.863  1.00 39.04  ? 1886 PHE B CE2 1 
ATOM   813  C CZ  . PHE B 1 27 ? -2.435  -11.984 -7.098  1.00 37.37  ? 1886 PHE B CZ  1 
ATOM   814  N N   . THR B 1 28 ? -5.353  -13.932 -2.692  1.00 41.66  ? 1887 THR B N   1 
ATOM   815  C CA  . THR B 1 28 ? -6.750  -13.535 -2.773  1.00 43.28  ? 1887 THR B CA  1 
ATOM   816  C C   . THR B 1 28 ? -6.833  -12.072 -3.013  1.00 40.64  ? 1887 THR B C   1 
ATOM   817  O O   . THR B 1 28 ? -5.972  -11.322 -2.608  1.00 46.27  ? 1887 THR B O   1 
ATOM   818  C CB  . THR B 1 28 ? -7.534  -13.908 -1.469  1.00 42.88  ? 1887 THR B CB  1 
ATOM   819  O OG1 . THR B 1 28 ? -7.308  -15.278 -1.169  1.00 44.35  ? 1887 THR B OG1 1 
ATOM   820  C CG2 . THR B 1 28 ? -8.997  -13.741 -1.659  1.00 45.47  ? 1887 THR B CG2 1 
ATOM   821  N N   . VAL B 1 29 ? -7.893  -11.680 -3.684  1.00 45.08  ? 1888 VAL B N   1 
ATOM   822  C CA  . VAL B 1 29 ? -8.184  -10.302 -3.930  1.00 48.92  ? 1888 VAL B CA  1 
ATOM   823  C C   . VAL B 1 29 ? -9.610  -10.111 -3.439  1.00 49.68  ? 1888 VAL B C   1 
ATOM   824  O O   . VAL B 1 29 ? -10.528 -10.750 -3.939  1.00 46.83  ? 1888 VAL B O   1 
ATOM   825  C CB  . VAL B 1 29 ? -8.051  -9.979  -5.444  1.00 48.01  ? 1888 VAL B CB  1 
ATOM   826  C CG1 . VAL B 1 29 ? -8.520  -8.570  -5.721  1.00 49.49  ? 1888 VAL B CG1 1 
ATOM   827  C CG2 . VAL B 1 29 ? -6.610  -10.155 -5.896  1.00 44.07  ? 1888 VAL B CG2 1 
ATOM   828  N N   . ASN B 1 30 ? -9.784  -9.235  -2.455  1.00 52.14  ? 1889 ASN B N   1 
ATOM   829  C CA  . ASN B 1 30 ? -11.057 -9.110  -1.744  1.00 52.90  ? 1889 ASN B CA  1 
ATOM   830  C C   . ASN B 1 30 ? -11.753 -7.801  -2.077  1.00 56.13  ? 1889 ASN B C   1 
ATOM   831  O O   . ASN B 1 30 ? -11.349 -6.731  -1.612  1.00 54.98  ? 1889 ASN B O   1 
ATOM   832  C CB  . ASN B 1 30 ? -10.809 -9.230  -0.237  1.00 52.89  ? 1889 ASN B CB  1 
ATOM   833  C CG  . ASN B 1 30 ? -12.089 -9.280  0.600   1.00 52.39  ? 1889 ASN B CG  1 
ATOM   834  O OD1 . ASN B 1 30 ? -12.066 -9.797  1.724   1.00 52.99  ? 1889 ASN B OD1 1 
ATOM   835  N ND2 . ASN B 1 30 ? -13.187 -8.731  0.088   1.00 51.99  ? 1889 ASN B ND2 1 
ATOM   836  N N   . THR B 1 31 ? -12.821 -7.915  -2.859  1.00 60.03  ? 1890 THR B N   1 
ATOM   837  C CA  . THR B 1 31 ? -13.597 -6.777  -3.348  1.00 65.76  ? 1890 THR B CA  1 
ATOM   838  C C   . THR B 1 31 ? -14.988 -6.607  -2.682  1.00 68.94  ? 1890 THR B C   1 
ATOM   839  O O   . THR B 1 31 ? -15.862 -5.954  -3.251  1.00 67.61  ? 1890 THR B O   1 
ATOM   840  C CB  . THR B 1 31 ? -13.776 -6.881  -4.894  1.00 64.37  ? 1890 THR B CB  1 
ATOM   841  O OG1 . THR B 1 31 ? -14.074 -8.236  -5.260  1.00 65.05  ? 1890 THR B OG1 1 
ATOM   842  C CG2 . THR B 1 31 ? -12.505 -6.447  -5.617  1.00 64.71  ? 1890 THR B CG2 1 
ATOM   843  N N   . LYS B 1 32 ? -15.172 -7.169  -1.483  1.00 73.39  ? 1891 LYS B N   1 
ATOM   844  C CA  . LYS B 1 32 ? -16.509 -7.315  -0.852  1.00 77.70  ? 1891 LYS B CA  1 
ATOM   845  C C   . LYS B 1 32 ? -17.412 -6.092  -0.950  1.00 79.66  ? 1891 LYS B C   1 
ATOM   846  O O   . LYS B 1 32 ? -18.500 -6.181  -1.515  1.00 79.07  ? 1891 LYS B O   1 
ATOM   847  C CB  . LYS B 1 32 ? -16.414 -7.761  0.616   1.00 78.01  ? 1891 LYS B CB  1 
ATOM   848  C CG  . LYS B 1 32 ? -16.387 -9.268  0.840   1.00 77.81  ? 1891 LYS B CG  1 
ATOM   849  C CD  . LYS B 1 32 ? -16.052 -9.569  2.302   1.00 79.13  ? 1891 LYS B CD  1 
ATOM   850  C CE  . LYS B 1 32 ? -15.170 -10.810 2.472   1.00 79.68  ? 1891 LYS B CE  1 
ATOM   851  N NZ  . LYS B 1 32 ? -14.276 -10.665 3.669   1.00 74.36  ? 1891 LYS B NZ  1 
ATOM   852  N N   . ASP B 1 33 ? -16.973 -4.965  -0.393  1.00 82.68  ? 1892 ASP B N   1 
ATOM   853  C CA  . ASP B 1 33 ? -17.750 -3.723  -0.517  1.00 85.00  ? 1892 ASP B CA  1 
ATOM   854  C C   . ASP B 1 33 ? -16.961 -2.580  -1.178  1.00 83.92  ? 1892 ASP B C   1 
ATOM   855  O O   . ASP B 1 33 ? -16.728 -1.519  -0.589  1.00 83.78  ? 1892 ASP B O   1 
ATOM   856  C CB  . ASP B 1 33 ? -18.441 -3.317  0.804   1.00 86.91  ? 1892 ASP B CB  1 
ATOM   857  C CG  . ASP B 1 33 ? -17.478 -3.203  1.975   1.00 89.23  ? 1892 ASP B CG  1 
ATOM   858  O OD1 . ASP B 1 33 ? -16.705 -2.222  2.019   1.00 90.07  ? 1892 ASP B OD1 1 
ATOM   859  O OD2 . ASP B 1 33 ? -17.514 -4.081  2.871   1.00 91.14  ? 1892 ASP B OD2 1 
ATOM   860  N N   . ALA B 1 34 ? -16.560 -2.826  -2.421  1.00 82.27  ? 1893 ALA B N   1 
ATOM   861  C CA  . ALA B 1 34 ? -15.967 -1.789  -3.260  1.00 81.32  ? 1893 ALA B CA  1 
ATOM   862  C C   . ALA B 1 34 ? -16.947 -1.415  -4.361  1.00 78.94  ? 1893 ALA B C   1 
ATOM   863  O O   . ALA B 1 34 ? -17.971 -2.071  -4.539  1.00 76.93  ? 1893 ALA B O   1 
ATOM   864  C CB  . ALA B 1 34 ? -14.652 -2.272  -3.864  1.00 80.12  ? 1893 ALA B CB  1 
ATOM   865  N N   . GLY B 1 35 ? -16.630 -0.363  -5.106  1.00 77.67  ? 1894 GLY B N   1 
ATOM   866  C CA  . GLY B 1 35 ? -17.443 -0.004  -6.261  1.00 78.09  ? 1894 GLY B CA  1 
ATOM   867  C C   . GLY B 1 35 ? -17.226 -1.029  -7.352  1.00 76.35  ? 1894 GLY B C   1 
ATOM   868  O O   . GLY B 1 35 ? -16.462 -1.977  -7.170  1.00 76.06  ? 1894 GLY B O   1 
ATOM   869  N N   . GLU B 1 36 ? -17.907 -0.853  -8.478  1.00 75.28  ? 1895 GLU B N   1 
ATOM   870  C CA  . GLU B 1 36 ? -17.530 -1.557  -9.697  1.00 74.60  ? 1895 GLU B CA  1 
ATOM   871  C C   . GLU B 1 36 ? -16.201 -0.983  -10.211 1.00 70.29  ? 1895 GLU B C   1 
ATOM   872  O O   . GLU B 1 36 ? -15.868 0.167   -9.928  1.00 64.83  ? 1895 GLU B O   1 
ATOM   873  C CB  . GLU B 1 36 ? -18.626 -1.463  -10.753 1.00 76.52  ? 1895 GLU B CB  1 
ATOM   874  C CG  . GLU B 1 36 ? -18.969 -0.057  -11.212 1.00 79.97  ? 1895 GLU B CG  1 
ATOM   875  C CD  . GLU B 1 36 ? -20.054 -0.057  -12.283 1.00 81.54  ? 1895 GLU B CD  1 
ATOM   876  O OE1 . GLU B 1 36 ? -21.201 -0.460  -11.970 1.00 83.51  ? 1895 GLU B OE1 1 
ATOM   877  O OE2 . GLU B 1 36 ? -19.760 0.345   -13.437 1.00 84.03  ? 1895 GLU B OE2 1 
ATOM   878  N N   . GLY B 1 37 ? -15.433 -1.795  -10.931 1.00 67.62  ? 1896 GLY B N   1 
ATOM   879  C CA  . GLY B 1 37 ? -14.095 -1.384  -11.318 1.00 64.76  ? 1896 GLY B CA  1 
ATOM   880  C C   . GLY B 1 37 ? -13.348 -2.344  -12.214 1.00 61.37  ? 1896 GLY B C   1 
ATOM   881  O O   . GLY B 1 37 ? -13.729 -3.498  -12.386 1.00 60.87  ? 1896 GLY B O   1 
ATOM   882  N N   . GLY B 1 38 ? -12.286 -1.837  -12.810 1.00 59.01  ? 1897 GLY B N   1 
ATOM   883  C CA  . GLY B 1 38 ? -11.401 -2.668  -13.596 1.00 59.68  ? 1897 GLY B CA  1 
ATOM   884  C C   . GLY B 1 38 ? -10.292 -3.172  -12.696 1.00 58.64  ? 1897 GLY B C   1 
ATOM   885  O O   . GLY B 1 38 ? -9.583  -2.379  -12.080 1.00 60.99  ? 1897 GLY B O   1 
ATOM   886  N N   . LEU B 1 39 ? -10.170 -4.487  -12.587 1.00 57.17  ? 1898 LEU B N   1 
ATOM   887  C CA  . LEU B 1 39 ? -9.154  -5.083  -11.741 1.00 56.50  ? 1898 LEU B CA  1 
ATOM   888  C C   . LEU B 1 39 ? -8.055  -5.590  -12.626 1.00 54.09  ? 1898 LEU B C   1 
ATOM   889  O O   . LEU B 1 39 ? -8.258  -6.511  -13.401 1.00 54.96  ? 1898 LEU B O   1 
ATOM   890  C CB  . LEU B 1 39 ? -9.726  -6.243  -10.927 1.00 56.94  ? 1898 LEU B CB  1 
ATOM   891  C CG  . LEU B 1 39 ? -8.731  -6.983  -10.027 1.00 59.22  ? 1898 LEU B CG  1 
ATOM   892  C CD1 . LEU B 1 39 ? -8.239  -6.090  -8.901  1.00 58.90  ? 1898 LEU B CD1 1 
ATOM   893  C CD2 . LEU B 1 39 ? -9.351  -8.254  -9.471  1.00 59.38  ? 1898 LEU B CD2 1 
ATOM   894  N N   . SER B 1 40 ? -6.883  -4.994  -12.501 1.00 49.59  ? 1899 SER B N   1 
ATOM   895  C CA  . SER B 1 40 ? -5.759  -5.395  -13.326 1.00 50.77  ? 1899 SER B CA  1 
ATOM   896  C C   . SER B 1 40 ? -4.695  -6.154  -12.522 1.00 50.78  ? 1899 SER B C   1 
ATOM   897  O O   . SER B 1 40 ? -4.264  -5.709  -11.448 1.00 52.89  ? 1899 SER B O   1 
ATOM   898  C CB  . SER B 1 40 ? -5.155  -4.168  -13.999 1.00 48.33  ? 1899 SER B CB  1 
ATOM   899  O OG  . SER B 1 40 ? -3.761  -4.227  -13.892 1.00 54.02  ? 1899 SER B OG  1 
ATOM   900  N N   . LEU B 1 41 ? -4.283  -7.296  -13.055 1.00 50.08  ? 1900 LEU B N   1 
ATOM   901  C CA  . LEU B 1 41 ? -3.330  -8.173  -12.402 1.00 51.06  ? 1900 LEU B CA  1 
ATOM   902  C C   . LEU B 1 41 ? -2.140  -8.384  -13.323 1.00 50.81  ? 1900 LEU B C   1 
ATOM   903  O O   . LEU B 1 41 ? -2.299  -8.698  -14.495 1.00 52.47  ? 1900 LEU B O   1 
ATOM   904  C CB  . LEU B 1 41 ? -3.975  -9.520  -12.072 1.00 50.79  ? 1900 LEU B CB  1 
ATOM   905  C CG  . LEU B 1 41 ? -5.283  -9.550  -11.270 1.00 52.82  ? 1900 LEU B CG  1 
ATOM   906  C CD1 . LEU B 1 41 ? -5.851  -10.982 -11.239 1.00 51.16  ? 1900 LEU B CD1 1 
ATOM   907  C CD2 . LEU B 1 41 ? -5.082  -9.011  -9.845  1.00 52.63  ? 1900 LEU B CD2 1 
ATOM   908  N N   . ALA B 1 42 ? -0.945  -8.209  -12.784 1.00 51.30  ? 1901 ALA B N   1 
ATOM   909  C CA  . ALA B 1 42 ? 0.261   -8.392  -13.570 1.00 49.53  ? 1901 ALA B CA  1 
ATOM   910  C C   . ALA B 1 42 ? 1.398   -8.962  -12.727 1.00 46.87  ? 1901 ALA B C   1 
ATOM   911  O O   . ALA B 1 42 ? 1.633   -8.556  -11.577 1.00 47.23  ? 1901 ALA B O   1 
ATOM   912  C CB  . ALA B 1 42 ? 0.660   -7.087  -14.252 1.00 46.23  ? 1901 ALA B CB  1 
ATOM   913  N N   . ILE B 1 43 ? 2.073   -9.938  -13.305 1.00 45.26  ? 1902 ILE B N   1 
ATOM   914  C CA  . ILE B 1 43 ? 3.262   -10.534 -12.723 1.00 44.05  ? 1902 ILE B CA  1 
ATOM   915  C C   . ILE B 1 43 ? 4.406   -10.139 -13.654 1.00 47.37  ? 1902 ILE B C   1 
ATOM   916  O O   . ILE B 1 43 ? 4.318   -10.363 -14.880 1.00 45.08  ? 1902 ILE B O   1 
ATOM   917  C CB  . ILE B 1 43 ? 3.172   -12.095 -12.698 1.00 47.64  ? 1902 ILE B CB  1 
ATOM   918  C CG1 . ILE B 1 43 ? 1.767   -12.593 -12.329 1.00 51.91  ? 1902 ILE B CG1 1 
ATOM   919  C CG2 . ILE B 1 43 ? 4.281   -12.705 -11.837 1.00 47.13  ? 1902 ILE B CG2 1 
ATOM   920  C CD1 . ILE B 1 43 ? 1.278   -12.229 -10.900 1.00 55.92  ? 1902 ILE B CD1 1 
ATOM   921  N N   . GLU B 1 44 ? 5.462   -9.546  -13.094 1.00 45.79  ? 1903 GLU B N   1 
ATOM   922  C CA  . GLU B 1 44 ? 6.700   -9.306  -13.838 1.00 52.07  ? 1903 GLU B CA  1 
ATOM   923  C C   . GLU B 1 44 ? 7.858   -10.008 -13.170 1.00 50.68  ? 1903 GLU B C   1 
ATOM   924  O O   . GLU B 1 44 ? 8.047   -9.886  -11.959 1.00 51.05  ? 1903 GLU B O   1 
ATOM   925  C CB  . GLU B 1 44 ? 7.015   -7.810  -13.946 1.00 53.27  ? 1903 GLU B CB  1 
ATOM   926  C CG  . GLU B 1 44 ? 6.031   -7.054  -14.817 1.00 59.16  ? 1903 GLU B CG  1 
ATOM   927  C CD  . GLU B 1 44 ? 6.273   -5.541  -14.856 1.00 62.71  ? 1903 GLU B CD  1 
ATOM   928  O OE1 . GLU B 1 44 ? 7.012   -5.015  -13.979 1.00 65.65  ? 1903 GLU B OE1 1 
ATOM   929  O OE2 . GLU B 1 44 ? 5.690   -4.879  -15.762 1.00 66.02  ? 1903 GLU B OE2 1 
ATOM   930  N N   . GLY B 1 45 ? 8.642   -10.743 -13.946 1.00 50.48  ? 1904 GLY B N   1 
ATOM   931  C CA  . GLY B 1 45 ? 9.796   -11.403 -13.364 1.00 50.75  ? 1904 GLY B CA  1 
ATOM   932  C C   . GLY B 1 45 ? 10.675  -12.067 -14.388 1.00 51.18  ? 1904 GLY B C   1 
ATOM   933  O O   . GLY B 1 45 ? 10.500  -11.817 -15.577 1.00 52.98  ? 1904 GLY B O   1 
ATOM   934  N N   . PRO B 1 46 ? 11.624  -12.913 -13.929 1.00 51.15  ? 1905 PRO B N   1 
ATOM   935  C CA  . PRO B 1 46 ? 12.589  -13.648 -14.770 1.00 53.90  ? 1905 PRO B CA  1 
ATOM   936  C C   . PRO B 1 46 ? 11.944  -14.591 -15.801 1.00 52.34  ? 1905 PRO B C   1 
ATOM   937  O O   . PRO B 1 46 ? 12.535  -14.829 -16.847 1.00 55.44  ? 1905 PRO B O   1 
ATOM   938  C CB  . PRO B 1 46 ? 13.429  -14.439 -13.752 1.00 52.51  ? 1905 PRO B CB  1 
ATOM   939  C CG  . PRO B 1 46 ? 12.588  -14.497 -12.541 1.00 55.92  ? 1905 PRO B CG  1 
ATOM   940  C CD  . PRO B 1 46 ? 11.826  -13.207 -12.502 1.00 53.28  ? 1905 PRO B CD  1 
ATOM   941  N N   . SER B 1 47 ? 10.751  -15.111 -15.513 1.00 50.78  ? 1906 SER B N   1 
ATOM   942  C CA  . SER B 1 47 ? 9.976   -15.844 -16.519 1.00 49.28  ? 1906 SER B CA  1 
ATOM   943  C C   . SER B 1 47 ? 8.603   -15.206 -16.707 1.00 47.93  ? 1906 SER B C   1 
ATOM   944  O O   . SER B 1 47 ? 8.257   -14.251 -16.015 1.00 44.51  ? 1906 SER B O   1 
ATOM   945  C CB  . SER B 1 47 ? 9.831   -17.317 -16.139 1.00 48.36  ? 1906 SER B CB  1 
ATOM   946  O OG  . SER B 1 47 ? 8.845   -17.535 -15.135 1.00 50.77  ? 1906 SER B OG  1 
ATOM   947  N N   . LYS B 1 48 ? 7.848   -15.738 -17.657 1.00 44.96  ? 1907 LYS B N   1 
ATOM   948  C CA  . LYS B 1 48 ? 6.479   -15.320 -17.926 1.00 49.23  ? 1907 LYS B CA  1 
ATOM   949  C C   . LYS B 1 48 ? 5.506   -16.259 -17.209 1.00 51.42  ? 1907 LYS B C   1 
ATOM   950  O O   . LYS B 1 48 ? 5.301   -17.387 -17.624 1.00 52.63  ? 1907 LYS B O   1 
ATOM   951  C CB  . LYS B 1 48 ? 6.222   -15.319 -19.433 1.00 48.60  ? 1907 LYS B CB  1 
ATOM   952  C CG  . LYS B 1 48 ? 5.107   -14.425 -19.891 1.00 51.62  ? 1907 LYS B CG  1 
ATOM   953  C CD  . LYS B 1 48 ? 5.169   -14.229 -21.401 1.00 52.41  ? 1907 LYS B CD  1 
ATOM   954  C CE  . LYS B 1 48 ? 4.190   -13.145 -21.885 1.00 53.84  ? 1907 LYS B CE  1 
ATOM   955  N NZ  . LYS B 1 48 ? 2.768   -13.621 -21.971 1.00 52.03  ? 1907 LYS B NZ  1 
ATOM   956  N N   . ALA B 1 49 ? 4.927   -15.798 -16.107 1.00 57.14  ? 1908 ALA B N   1 
ATOM   957  C CA  . ALA B 1 49 ? 4.047   -16.653 -15.316 1.00 59.23  ? 1908 ALA B CA  1 
ATOM   958  C C   . ALA B 1 49 ? 2.695   -16.765 -15.994 1.00 60.16  ? 1908 ALA B C   1 
ATOM   959  O O   . ALA B 1 49 ? 2.281   -15.851 -16.697 1.00 62.11  ? 1908 ALA B O   1 
ATOM   960  C CB  . ALA B 1 49 ? 3.909   -16.113 -13.891 1.00 59.97  ? 1908 ALA B CB  1 
ATOM   961  N N   . GLU B 1 50 ? 2.024   -17.897 -15.821 1.00 60.39  ? 1909 GLU B N   1 
ATOM   962  C CA  . GLU B 1 50 ? 0.652   -18.011 -16.280 1.00 62.41  ? 1909 GLU B CA  1 
ATOM   963  C C   . GLU B 1 50 ? -0.252  -17.561 -15.132 1.00 62.11  ? 1909 GLU B C   1 
ATOM   964  O O   . GLU B 1 50 ? -0.152  -18.075 -14.018 1.00 63.39  ? 1909 GLU B O   1 
ATOM   965  C CB  . GLU B 1 50 ? 0.338   -19.442 -16.743 1.00 67.18  ? 1909 GLU B CB  1 
ATOM   966  C CG  . GLU B 1 50 ? -1.141  -19.725 -17.118 1.00 73.31  ? 1909 GLU B CG  1 
ATOM   967  C CD  . GLU B 1 50 ? -1.599  -19.085 -18.443 1.00 78.07  ? 1909 GLU B CD  1 
ATOM   968  O OE1 . GLU B 1 50 ? -0.743  -18.589 -19.222 1.00 79.30  ? 1909 GLU B OE1 1 
ATOM   969  O OE2 . GLU B 1 50 ? -2.830  -19.084 -18.709 1.00 79.29  ? 1909 GLU B OE2 1 
ATOM   970  N N   . ILE B 1 51 ? -1.103  -16.577 -15.393 1.00 60.10  ? 1910 ILE B N   1 
ATOM   971  C CA  . ILE B 1 51 ? -2.058  -16.119 -14.388 1.00 59.38  ? 1910 ILE B CA  1 
ATOM   972  C C   . ILE B 1 51 ? -3.430  -16.676 -14.699 1.00 61.32  ? 1910 ILE B C   1 
ATOM   973  O O   . ILE B 1 51 ? -3.854  -16.663 -15.856 1.00 62.03  ? 1910 ILE B O   1 
ATOM   974  C CB  . ILE B 1 51 ? -2.179  -14.592 -14.351 1.00 57.47  ? 1910 ILE B CB  1 
ATOM   975  C CG1 . ILE B 1 51 ? -0.851  -13.937 -14.714 1.00 59.12  ? 1910 ILE B CG1 1 
ATOM   976  C CG2 . ILE B 1 51 ? -2.616  -14.152 -12.996 1.00 59.45  ? 1910 ILE B CG2 1 
ATOM   977  C CD1 . ILE B 1 51 ? -0.969  -12.468 -15.028 1.00 59.57  ? 1910 ILE B CD1 1 
ATOM   978  N N   . SER B 1 52 ? -4.111  -17.169 -13.664 1.00 62.74  ? 1911 SER B N   1 
ATOM   979  C CA  . SER B 1 52 ? -5.515  -17.562 -13.752 1.00 66.55  ? 1911 SER B CA  1 
ATOM   980  C C   . SER B 1 52 ? -6.263  -17.120 -12.493 1.00 69.96  ? 1911 SER B C   1 
ATOM   981  O O   . SER B 1 52 ? -5.643  -16.858 -11.464 1.00 70.04  ? 1911 SER B O   1 
ATOM   982  C CB  . SER B 1 52 ? -5.650  -19.068 -13.973 1.00 67.20  ? 1911 SER B CB  1 
ATOM   983  O OG  . SER B 1 52 ? -4.877  -19.798 -13.040 1.00 69.40  ? 1911 SER B OG  1 
ATOM   984  N N   . CYS B 1 53 ? -7.593  -17.048 -12.574 1.00 76.84  ? 1912 CYS B N   1 
ATOM   985  C CA  . CYS B 1 53 ? -8.396  -16.406 -11.522 1.00 78.84  ? 1912 CYS B CA  1 
ATOM   986  C C   . CYS B 1 53 ? -9.829  -16.931 -11.374 1.00 80.34  ? 1912 CYS B C   1 
ATOM   987  O O   . CYS B 1 53 ? -10.712 -16.558 -12.149 1.00 81.59  ? 1912 CYS B O   1 
ATOM   988  C CB  . CYS B 1 53 ? -8.438  -14.891 -11.758 1.00 79.60  ? 1912 CYS B CB  1 
ATOM   989  S SG  . CYS B 1 53 ? -9.460  -13.995 -10.558 1.00 82.60  ? 1912 CYS B SG  1 
ATOM   990  N N   . THR B 1 54 ? -10.062 -17.757 -10.355 1.00 80.35  ? 1913 THR B N   1 
ATOM   991  C CA  . THR B 1 54 ? -11.409 -18.262 -10.053 1.00 80.44  ? 1913 THR B CA  1 
ATOM   992  C C   . THR B 1 54 ? -12.161 -17.431 -9.007  1.00 79.38  ? 1913 THR B C   1 
ATOM   993  O O   . THR B 1 54 ? -11.772 -17.387 -7.839  1.00 78.31  ? 1913 THR B O   1 
ATOM   994  C CB  . THR B 1 54 ? -11.385 -19.730 -9.582  1.00 81.82  ? 1913 THR B CB  1 
ATOM   995  O OG1 . THR B 1 54 ? -10.533 -19.857 -8.433  1.00 82.24  ? 1913 THR B OG1 1 
ATOM   996  C CG2 . THR B 1 54 ? -10.895 -20.650 -10.703 1.00 84.52  ? 1913 THR B CG2 1 
ATOM   997  N N   . ASP B 1 55 ? -13.247 -16.795 -9.444  1.00 81.16  ? 1914 ASP B N   1 
ATOM   998  C CA  . ASP B 1 55 ? -14.158 -16.040 -8.571  1.00 83.22  ? 1914 ASP B CA  1 
ATOM   999  C C   . ASP B 1 55 ? -14.856 -16.928 -7.542  1.00 82.98  ? 1914 ASP B C   1 
ATOM   1000 O O   . ASP B 1 55 ? -15.587 -17.840 -7.909  1.00 84.29  ? 1914 ASP B O   1 
ATOM   1001 C CB  . ASP B 1 55 ? -15.204 -15.310 -9.421  1.00 85.64  ? 1914 ASP B CB  1 
ATOM   1002 C CG  . ASP B 1 55 ? -16.399 -14.829 -8.604  1.00 88.07  ? 1914 ASP B CG  1 
ATOM   1003 O OD1 . ASP B 1 55 ? -17.466 -15.461 -8.710  1.00 90.24  ? 1914 ASP B OD1 1 
ATOM   1004 O OD2 . ASP B 1 55 ? -16.279 -13.834 -7.855  1.00 87.72  ? 1914 ASP B OD2 1 
ATOM   1005 N N   . ASN B 1 56 ? -14.634 -16.646 -6.258  1.00 82.24  ? 1915 ASN B N   1 
ATOM   1006 C CA  . ASN B 1 56 ? -15.253 -17.400 -5.162  1.00 81.35  ? 1915 ASN B CA  1 
ATOM   1007 C C   . ASN B 1 56 ? -16.714 -17.013 -4.874  1.00 83.37  ? 1915 ASN B C   1 
ATOM   1008 O O   . ASN B 1 56 ? -17.339 -17.565 -3.961  1.00 83.31  ? 1915 ASN B O   1 
ATOM   1009 C CB  . ASN B 1 56 ? -14.422 -17.263 -3.879  1.00 79.33  ? 1915 ASN B CB  1 
ATOM   1010 C CG  . ASN B 1 56 ? -13.010 -17.796 -4.022  1.00 77.95  ? 1915 ASN B CG  1 
ATOM   1011 O OD1 . ASN B 1 56 ? -12.057 -17.138 -3.625  1.00 77.18  ? 1915 ASN B OD1 1 
ATOM   1012 N ND2 . ASN B 1 56 ? -12.870 -18.993 -4.576  1.00 78.30  ? 1915 ASN B ND2 1 
ATOM   1013 N N   . GLN B 1 57 ? -17.240 -16.054 -5.639  1.00 85.28  ? 1916 GLN B N   1 
ATOM   1014 C CA  . GLN B 1 57 ? -18.662 -15.645 -5.590  1.00 88.76  ? 1916 GLN B CA  1 
ATOM   1015 C C   . GLN B 1 57 ? -19.107 -14.858 -4.340  1.00 89.03  ? 1916 GLN B C   1 
ATOM   1016 O O   . GLN B 1 57 ? -20.257 -14.427 -4.247  1.00 90.28  ? 1916 GLN B O   1 
ATOM   1017 C CB  . GLN B 1 57 ? -19.590 -16.843 -5.869  1.00 90.82  ? 1916 GLN B CB  1 
ATOM   1018 C CG  . GLN B 1 57 ? -19.562 -17.291 -7.321  1.00 93.93  ? 1916 GLN B CG  1 
ATOM   1019 C CD  . GLN B 1 57 ? -19.855 -18.764 -7.494  1.00 96.20  ? 1916 GLN B CD  1 
ATOM   1020 O OE1 . GLN B 1 57 ? -21.016 -19.179 -7.516  1.00 97.62  ? 1916 GLN B OE1 1 
ATOM   1021 N NE2 . GLN B 1 57 ? -18.800 -19.568 -7.636  1.00 96.51  ? 1916 GLN B NE2 1 
ATOM   1022 N N   . ASP B 1 58 ? -18.189 -14.646 -3.404  1.00 88.34  ? 1917 ASP B N   1 
ATOM   1023 C CA  . ASP B 1 58 ? -18.469 -13.916 -2.170  1.00 85.76  ? 1917 ASP B CA  1 
ATOM   1024 C C   . ASP B 1 58 ? -17.746 -12.565 -2.138  1.00 82.60  ? 1917 ASP B C   1 
ATOM   1025 O O   . ASP B 1 58 ? -17.320 -12.099 -1.078  1.00 81.41  ? 1917 ASP B O   1 
ATOM   1026 C CB  . ASP B 1 58 ? -18.043 -14.772 -0.970  1.00 88.38  ? 1917 ASP B CB  1 
ATOM   1027 C CG  . ASP B 1 58 ? -16.585 -15.224 -1.057  1.00 90.18  ? 1917 ASP B CG  1 
ATOM   1028 O OD1 . ASP B 1 58 ? -15.969 -15.073 -2.135  1.00 91.32  ? 1917 ASP B OD1 1 
ATOM   1029 O OD2 . ASP B 1 58 ? -16.052 -15.733 -0.048  1.00 90.27  ? 1917 ASP B OD2 1 
ATOM   1030 N N   . GLY B 1 59 ? -17.603 -11.943 -3.305  1.00 80.24  ? 1918 GLY B N   1 
ATOM   1031 C CA  . GLY B 1 59 ? -16.794 -10.728 -3.439  1.00 77.97  ? 1918 GLY B CA  1 
ATOM   1032 C C   . GLY B 1 59 ? -15.281 -10.945 -3.338  1.00 75.45  ? 1918 GLY B C   1 
ATOM   1033 O O   . GLY B 1 59 ? -14.514 -9.985  -3.383  1.00 76.18  ? 1918 GLY B O   1 
ATOM   1034 N N   . THR B 1 60 ? -14.865 -12.203 -3.197  1.00 71.15  ? 1919 THR B N   1 
ATOM   1035 C CA  . THR B 1 60 ? -13.459 -12.604 -3.094  1.00 68.99  ? 1919 THR B CA  1 
ATOM   1036 C C   . THR B 1 60 ? -13.113 -13.467 -4.294  1.00 67.39  ? 1919 THR B C   1 
ATOM   1037 O O   . THR B 1 60 ? -13.950 -14.249 -4.733  1.00 65.94  ? 1919 THR B O   1 
ATOM   1038 C CB  . THR B 1 60 ? -13.219 -13.417 -1.792  1.00 68.20  ? 1919 THR B CB  1 
ATOM   1039 O OG1 . THR B 1 60 ? -12.761 -12.545 -0.755  1.00 70.98  ? 1919 THR B OG1 1 
ATOM   1040 C CG2 . THR B 1 60 ? -12.201 -14.513 -1.983  1.00 67.21  ? 1919 THR B CG2 1 
ATOM   1041 N N   . CYS B 1 61 ? -11.900 -13.331 -4.832  1.00 65.95  ? 1920 CYS B N   1 
ATOM   1042 C CA  . CYS B 1 61 ? -11.450 -14.265 -5.868  1.00 67.03  ? 1920 CYS B CA  1 
ATOM   1043 C C   . CYS B 1 61 ? -10.050 -14.823 -5.601  1.00 64.04  ? 1920 CYS B C   1 
ATOM   1044 O O   . CYS B 1 61 ? -9.274  -14.231 -4.864  1.00 64.47  ? 1920 CYS B O   1 
ATOM   1045 C CB  . CYS B 1 61 ? -11.533 -13.632 -7.252  1.00 70.33  ? 1920 CYS B CB  1 
ATOM   1046 S SG  . CYS B 1 61 ? -10.200 -12.502 -7.561  1.00 82.82  ? 1920 CYS B SG  1 
ATOM   1047 N N   . SER B 1 62 ? -9.743  -15.969 -6.197  1.00 59.51  ? 1921 SER B N   1 
ATOM   1048 C CA  . SER B 1 62 ? -8.473  -16.633 -5.956  1.00 58.22  ? 1921 SER B CA  1 
ATOM   1049 C C   . SER B 1 62 ? -7.599  -16.503 -7.183  1.00 55.86  ? 1921 SER B C   1 
ATOM   1050 O O   . SER B 1 62 ? -8.016  -16.877 -8.290  1.00 52.43  ? 1921 SER B O   1 
ATOM   1051 C CB  . SER B 1 62 ? -8.683  -18.112 -5.630  1.00 60.46  ? 1921 SER B CB  1 
ATOM   1052 O OG  . SER B 1 62 ? -9.636  -18.264 -4.596  1.00 62.84  ? 1921 SER B OG  1 
ATOM   1053 N N   . VAL B 1 63 ? -6.395  -15.963 -6.991  1.00 50.30  ? 1922 VAL B N   1 
ATOM   1054 C CA  . VAL B 1 63 ? -5.446  -15.833 -8.099  1.00 49.49  ? 1922 VAL B CA  1 
ATOM   1055 C C   . VAL B 1 63 ? -4.319  -16.811 -7.900  1.00 46.43  ? 1922 VAL B C   1 
ATOM   1056 O O   . VAL B 1 63 ? -3.777  -16.959 -6.805  1.00 46.01  ? 1922 VAL B O   1 
ATOM   1057 C CB  . VAL B 1 63 ? -4.894  -14.386 -8.251  1.00 50.46  ? 1922 VAL B CB  1 
ATOM   1058 C CG1 . VAL B 1 63 ? -3.875  -14.292 -9.387  1.00 51.45  ? 1922 VAL B CG1 1 
ATOM   1059 C CG2 . VAL B 1 63 ? -6.011  -13.419 -8.503  1.00 47.55  ? 1922 VAL B CG2 1 
ATOM   1060 N N   . SER B 1 64 ? -3.985  -17.518 -8.958  1.00 47.05  ? 1923 SER B N   1 
ATOM   1061 C CA  . SER B 1 64 ? -2.779  -18.325 -8.925  1.00 50.77  ? 1923 SER B CA  1 
ATOM   1062 C C   . SER B 1 64 ? -1.866  -17.882 -10.049 1.00 46.98  ? 1923 SER B C   1 
ATOM   1063 O O   . SER B 1 64 ? -2.328  -17.370 -11.062 1.00 47.32  ? 1923 SER B O   1 
ATOM   1064 C CB  . SER B 1 64 ? -3.101  -19.825 -9.036  1.00 53.66  ? 1923 SER B CB  1 
ATOM   1065 O OG  . SER B 1 64 ? -3.799  -20.085 -10.243 1.00 58.48  ? 1923 SER B OG  1 
ATOM   1066 N N   . TYR B 1 65 ? -0.570  -18.074 -9.867  1.00 45.87  ? 1924 TYR B N   1 
ATOM   1067 C CA  . TYR B 1 65 ? 0.344   -17.875 -10.970 1.00 47.50  ? 1924 TYR B CA  1 
ATOM   1068 C C   . TYR B 1 65 ? 1.413   -18.961 -10.974 1.00 48.31  ? 1924 TYR B C   1 
ATOM   1069 O O   . TYR B 1 65 ? 1.690   -19.573 -9.941  1.00 48.59  ? 1924 TYR B O   1 
ATOM   1070 C CB  . TYR B 1 65 ? 0.917   -16.452 -10.974 1.00 42.69  ? 1924 TYR B CB  1 
ATOM   1071 C CG  . TYR B 1 65 ? 1.839   -16.132 -9.825  1.00 42.63  ? 1924 TYR B CG  1 
ATOM   1072 C CD1 . TYR B 1 65 ? 1.354   -15.496 -8.655  1.00 38.62  ? 1924 TYR B CD1 1 
ATOM   1073 C CD2 . TYR B 1 65 ? 3.202   -16.413 -9.912  1.00 39.41  ? 1924 TYR B CD2 1 
ATOM   1074 C CE1 . TYR B 1 65 ? 2.205   -15.160 -7.622  1.00 36.18  ? 1924 TYR B CE1 1 
ATOM   1075 C CE2 . TYR B 1 65 ? 4.070   -16.104 -8.864  1.00 38.50  ? 1924 TYR B CE2 1 
ATOM   1076 C CZ  . TYR B 1 65 ? 3.565   -15.474 -7.725  1.00 41.37  ? 1924 TYR B CZ  1 
ATOM   1077 O OH  . TYR B 1 65 ? 4.423   -15.183 -6.688  1.00 42.16  ? 1924 TYR B OH  1 
ATOM   1078 N N   . LEU B 1 66 ? 1.997   -19.206 -12.141 1.00 47.49  ? 1925 LEU B N   1 
ATOM   1079 C CA  . LEU B 1 66 ? 2.896   -20.347 -12.315 1.00 49.13  ? 1925 LEU B CA  1 
ATOM   1080 C C   . LEU B 1 66 ? 4.196   -19.826 -12.852 1.00 47.14  ? 1925 LEU B C   1 
ATOM   1081 O O   . LEU B 1 66 ? 4.285   -19.545 -14.055 1.00 50.11  ? 1925 LEU B O   1 
ATOM   1082 C CB  . LEU B 1 66 ? 2.292   -21.391 -13.286 1.00 50.29  ? 1925 LEU B CB  1 
ATOM   1083 C CG  . LEU B 1 66 ? 2.771   -22.857 -13.290 1.00 51.91  ? 1925 LEU B CG  1 
ATOM   1084 C CD1 . LEU B 1 66 ? 4.252   -23.014 -13.673 1.00 46.57  ? 1925 LEU B CD1 1 
ATOM   1085 C CD2 . LEU B 1 66 ? 2.476   -23.599 -11.968 1.00 51.36  ? 1925 LEU B CD2 1 
ATOM   1086 N N   . PRO B 1 67 ? 5.199   -19.672 -11.964 1.00 45.24  ? 1926 PRO B N   1 
ATOM   1087 C CA  . PRO B 1 67 ? 6.537   -19.231 -12.345 1.00 45.36  ? 1926 PRO B CA  1 
ATOM   1088 C C   . PRO B 1 67 ? 7.418   -20.426 -12.725 1.00 44.38  ? 1926 PRO B C   1 
ATOM   1089 O O   . PRO B 1 67 ? 7.276   -21.495 -12.147 1.00 43.07  ? 1926 PRO B O   1 
ATOM   1090 C CB  . PRO B 1 67 ? 7.051   -18.560 -11.064 1.00 43.58  ? 1926 PRO B CB  1 
ATOM   1091 C CG  . PRO B 1 67 ? 6.227   -19.230 -9.918  1.00 41.16  ? 1926 PRO B CG  1 
ATOM   1092 C CD  . PRO B 1 67 ? 5.100   -19.965 -10.515 1.00 42.54  ? 1926 PRO B CD  1 
ATOM   1093 N N   . VAL B 1 68 ? 8.299   -20.263 -13.706 1.00 48.38  ? 1927 VAL B N   1 
ATOM   1094 C CA  . VAL B 1 68 ? 9.095   -21.413 -14.190 1.00 47.73  ? 1927 VAL B CA  1 
ATOM   1095 C C   . VAL B 1 68 ? 10.565  -21.239 -13.953 1.00 50.18  ? 1927 VAL B C   1 
ATOM   1096 O O   . VAL B 1 68 ? 11.338  -22.177 -14.176 1.00 52.88  ? 1927 VAL B O   1 
ATOM   1097 C CB  . VAL B 1 68 ? 8.835   -21.772 -15.676 1.00 44.97  ? 1927 VAL B CB  1 
ATOM   1098 C CG1 . VAL B 1 68 ? 7.522   -22.509 -15.832 1.00 44.00  ? 1927 VAL B CG1 1 
ATOM   1099 C CG2 . VAL B 1 68 ? 8.851   -20.538 -16.545 1.00 45.57  ? 1927 VAL B CG2 1 
ATOM   1100 N N   . LEU B 1 69 ? 10.926  -20.039 -13.488 1.00 48.77  ? 1928 LEU B N   1 
ATOM   1101 C CA  . LEU B 1 69 ? 12.283  -19.668 -13.124 1.00 47.01  ? 1928 LEU B CA  1 
ATOM   1102 C C   . LEU B 1 69 ? 12.342  -19.100 -11.689 1.00 48.78  ? 1928 LEU B C   1 
ATOM   1103 O O   . LEU B 1 69 ? 11.407  -18.416 -11.241 1.00 48.83  ? 1928 LEU B O   1 
ATOM   1104 C CB  . LEU B 1 69 ? 12.839  -18.634 -14.132 1.00 46.54  ? 1928 LEU B CB  1 
ATOM   1105 C CG  . LEU B 1 69 ? 13.389  -19.071 -15.512 1.00 43.62  ? 1928 LEU B CG  1 
ATOM   1106 C CD1 . LEU B 1 69 ? 14.053  -17.914 -16.181 1.00 45.60  ? 1928 LEU B CD1 1 
ATOM   1107 C CD2 . LEU B 1 69 ? 14.416  -20.201 -15.412 1.00 44.35  ? 1928 LEU B CD2 1 
ATOM   1108 N N   . PRO B 1 70 ? 13.429  -19.409 -10.951 1.00 47.20  ? 1929 PRO B N   1 
ATOM   1109 C CA  . PRO B 1 70 ? 13.748  -18.793 -9.653  1.00 45.74  ? 1929 PRO B CA  1 
ATOM   1110 C C   . PRO B 1 70 ? 14.038  -17.307 -9.746  1.00 46.25  ? 1929 PRO B C   1 
ATOM   1111 O O   . PRO B 1 70 ? 14.501  -16.824 -10.797 1.00 51.03  ? 1929 PRO B O   1 
ATOM   1112 C CB  . PRO B 1 70 ? 15.050  -19.496 -9.212  1.00 46.43  ? 1929 PRO B CB  1 
ATOM   1113 C CG  . PRO B 1 70 ? 15.232  -20.649 -10.121 1.00 47.35  ? 1929 PRO B CG  1 
ATOM   1114 C CD  . PRO B 1 70 ? 14.413  -20.436 -11.351 1.00 47.80  ? 1929 PRO B CD  1 
ATOM   1115 N N   . GLY B 1 71 ? 13.810  -16.586 -8.652  1.00 43.29  ? 1930 GLY B N   1 
ATOM   1116 C CA  . GLY B 1 71 ? 14.121  -15.153 -8.608  1.00 40.69  ? 1930 GLY B CA  1 
ATOM   1117 C C   . GLY B 1 71 ? 13.003  -14.328 -8.017  1.00 45.14  ? 1930 GLY B C   1 
ATOM   1118 O O   . GLY B 1 71 ? 12.019  -14.871 -7.465  1.00 46.40  ? 1930 GLY B O   1 
ATOM   1119 N N   . ASP B 1 72 ? 13.153  -13.016 -8.136  1.00 43.58  ? 1931 ASP B N   1 
ATOM   1120 C CA  . ASP B 1 72 ? 12.189  -12.071 -7.599  1.00 48.19  ? 1931 ASP B CA  1 
ATOM   1121 C C   . ASP B 1 72 ? 11.155  -11.689 -8.626  1.00 47.25  ? 1931 ASP B C   1 
ATOM   1122 O O   . ASP B 1 72 ? 11.495  -11.293 -9.736  1.00 49.22  ? 1931 ASP B O   1 
ATOM   1123 C CB  . ASP B 1 72 ? 12.900  -10.830 -7.050  1.00 48.34  ? 1931 ASP B CB  1 
ATOM   1124 C CG  . ASP B 1 72 ? 13.577  -11.091 -5.705  1.00 55.97  ? 1931 ASP B CG  1 
ATOM   1125 O OD1 . ASP B 1 72 ? 13.485  -12.227 -5.163  1.00 58.73  ? 1931 ASP B OD1 1 
ATOM   1126 O OD2 . ASP B 1 72 ? 14.199  -10.147 -5.173  1.00 60.97  ? 1931 ASP B OD2 1 
ATOM   1127 N N   . TYR B 1 73 ? 9.888   -11.815 -8.248  1.00 45.78  ? 1932 TYR B N   1 
ATOM   1128 C CA  . TYR B 1 73 ? 8.780   -11.467 -9.122  1.00 44.77  ? 1932 TYR B CA  1 
ATOM   1129 C C   . TYR B 1 73 ? 7.981   -10.321 -8.524  1.00 48.68  ? 1932 TYR B C   1 
ATOM   1130 O O   . TYR B 1 73 ? 7.706   -10.318 -7.325  1.00 48.90  ? 1932 TYR B O   1 
ATOM   1131 C CB  . TYR B 1 73 ? 7.842   -12.653 -9.298  1.00 42.58  ? 1932 TYR B CB  1 
ATOM   1132 C CG  . TYR B 1 73 ? 8.343   -13.742 -10.204 1.00 44.30  ? 1932 TYR B CG  1 
ATOM   1133 C CD1 . TYR B 1 73 ? 7.786   -13.945 -11.470 1.00 43.35  ? 1932 TYR B CD1 1 
ATOM   1134 C CD2 . TYR B 1 73 ? 9.362   -14.596 -9.790  1.00 42.66  ? 1932 TYR B CD2 1 
ATOM   1135 C CE1 . TYR B 1 73 ? 8.235   -14.975 -12.275 1.00 41.62  ? 1932 TYR B CE1 1 
ATOM   1136 C CE2 . TYR B 1 73 ? 9.809   -15.593 -10.581 1.00 38.14  ? 1932 TYR B CE2 1 
ATOM   1137 C CZ  . TYR B 1 73 ? 9.258   -15.786 -11.817 1.00 41.52  ? 1932 TYR B CZ  1 
ATOM   1138 O OH  . TYR B 1 73 ? 9.761   -16.809 -12.590 1.00 42.81  ? 1932 TYR B OH  1 
ATOM   1139 N N   . SER B 1 74 ? 7.609   -9.355  -9.357  1.00 46.48  ? 1933 SER B N   1 
ATOM   1140 C CA  . SER B 1 74 ? 6.729   -8.283  -8.927  1.00 46.18  ? 1933 SER B CA  1 
ATOM   1141 C C   . SER B 1 74 ? 5.296   -8.639  -9.268  1.00 46.37  ? 1933 SER B C   1 
ATOM   1142 O O   . SER B 1 74 ? 5.006   -9.030  -10.404 1.00 43.72  ? 1933 SER B O   1 
ATOM   1143 C CB  . SER B 1 74 ? 7.089   -6.970  -9.606  1.00 46.37  ? 1933 SER B CB  1 
ATOM   1144 O OG  . SER B 1 74 ? 8.414   -6.641  -9.293  1.00 49.83  ? 1933 SER B OG  1 
ATOM   1145 N N   . ILE B 1 75 ? 4.410   -8.516  -8.277  1.00 42.83  ? 1934 ILE B N   1 
ATOM   1146 C CA  . ILE B 1 75 ? 3.002   -8.741  -8.499  1.00 39.33  ? 1934 ILE B CA  1 
ATOM   1147 C C   . ILE B 1 75 ? 2.332   -7.375  -8.361  1.00 41.80  ? 1934 ILE B C   1 
ATOM   1148 O O   . ILE B 1 75 ? 2.407   -6.752  -7.306  1.00 41.11  ? 1934 ILE B O   1 
ATOM   1149 C CB  . ILE B 1 75 ? 2.419   -9.756  -7.485  1.00 39.53  ? 1934 ILE B CB  1 
ATOM   1150 C CG1 . ILE B 1 75 ? 3.388   -10.926 -7.225  1.00 39.02  ? 1934 ILE B CG1 1 
ATOM   1151 C CG2 . ILE B 1 75 ? 1.015   -10.207 -7.885  1.00 35.04  ? 1934 ILE B CG2 1 
ATOM   1152 C CD1 . ILE B 1 75 ? 3.580   -11.826 -8.394  1.00 47.14  ? 1934 ILE B CD1 1 
ATOM   1153 N N   . LEU B 1 76 ? 1.726   -6.903  -9.449  1.00 42.36  ? 1935 LEU B N   1 
ATOM   1154 C CA  . LEU B 1 76 ? 0.979   -5.658  -9.452  1.00 43.73  ? 1935 LEU B CA  1 
ATOM   1155 C C   . LEU B 1 76 ? -0.533  -5.900  -9.405  1.00 44.49  ? 1935 LEU B C   1 
ATOM   1156 O O   . LEU B 1 76 ? -1.105  -6.592  -10.251 1.00 44.97  ? 1935 LEU B O   1 
ATOM   1157 C CB  . LEU B 1 76 ? 1.306   -4.809  -10.682 1.00 46.42  ? 1935 LEU B CB  1 
ATOM   1158 C CG  . LEU B 1 76 ? 2.727   -4.697  -11.258 1.00 50.45  ? 1935 LEU B CG  1 
ATOM   1159 C CD1 . LEU B 1 76 ? 2.819   -3.446  -12.144 1.00 51.13  ? 1935 LEU B CD1 1 
ATOM   1160 C CD2 . LEU B 1 76 ? 3.809   -4.653  -10.217 1.00 47.18  ? 1935 LEU B CD2 1 
ATOM   1161 N N   . VAL B 1 77 ? -1.178  -5.327  -8.397  1.00 43.37  ? 1936 VAL B N   1 
ATOM   1162 C CA  . VAL B 1 77 ? -2.616  -5.370  -8.336  1.00 42.74  ? 1936 VAL B CA  1 
ATOM   1163 C C   . VAL B 1 77 ? -3.118  -3.955  -8.310  1.00 41.80  ? 1936 VAL B C   1 
ATOM   1164 O O   . VAL B 1 77 ? -2.705  -3.160  -7.465  1.00 45.33  ? 1936 VAL B O   1 
ATOM   1165 C CB  . VAL B 1 77 ? -3.113  -6.172  -7.120  1.00 41.81  ? 1936 VAL B CB  1 
ATOM   1166 C CG1 . VAL B 1 77 ? -4.642  -6.355  -7.189  1.00 40.21  ? 1936 VAL B CG1 1 
ATOM   1167 C CG2 . VAL B 1 77 ? -2.394  -7.526  -7.074  1.00 35.73  ? 1936 VAL B CG2 1 
ATOM   1168 N N   . LYS B 1 78 ? -3.984  -3.645  -9.267  1.00 42.58  ? 1937 LYS B N   1 
ATOM   1169 C CA  . LYS B 1 78 ? -4.503  -2.305  -9.440  1.00 44.72  ? 1937 LYS B CA  1 
ATOM   1170 C C   . LYS B 1 78 ? -5.988  -2.386  -9.652  1.00 46.14  ? 1937 LYS B C   1 
ATOM   1171 O O   . LYS B 1 78 ? -6.506  -3.311  -10.280 1.00 45.55  ? 1937 LYS B O   1 
ATOM   1172 C CB  . LYS B 1 78 ? -3.872  -1.617  -10.648 1.00 47.59  ? 1937 LYS B CB  1 
ATOM   1173 C CG  . LYS B 1 78 ? -2.469  -1.146  -10.435 1.00 51.23  ? 1937 LYS B CG  1 
ATOM   1174 C CD  . LYS B 1 78 ? -1.830  -0.853  -11.784 1.00 59.90  ? 1937 LYS B CD  1 
ATOM   1175 C CE  . LYS B 1 78 ? -1.929  0.613   -12.169 1.00 63.06  ? 1937 LYS B CE  1 
ATOM   1176 N NZ  . LYS B 1 78 ? -0.666  1.344   -11.817 1.00 68.98  ? 1937 LYS B NZ  1 
ATOM   1177 N N   . TYR B 1 79 ? -6.666  -1.381  -9.135  1.00 48.56  ? 1938 TYR B N   1 
ATOM   1178 C CA  . TYR B 1 79 ? -8.095  -1.325  -9.187  1.00 50.36  ? 1938 TYR B CA  1 
ATOM   1179 C C   . TYR B 1 79 ? -8.451  0.079   -9.590  1.00 50.88  ? 1938 TYR B C   1 
ATOM   1180 O O   . TYR B 1 79 ? -8.060  1.019   -8.905  1.00 51.28  ? 1938 TYR B O   1 
ATOM   1181 C CB  . TYR B 1 79 ? -8.663  -1.610  -7.808  1.00 55.79  ? 1938 TYR B CB  1 
ATOM   1182 C CG  . TYR B 1 79 ? -10.127 -1.897  -7.852  1.00 59.19  ? 1938 TYR B CG  1 
ATOM   1183 C CD1 . TYR B 1 79 ? -10.594 -3.045  -8.485  1.00 59.58  ? 1938 TYR B CD1 1 
ATOM   1184 C CD2 . TYR B 1 79 ? -11.052 -1.019  -7.285  1.00 59.33  ? 1938 TYR B CD2 1 
ATOM   1185 C CE1 . TYR B 1 79 ? -11.923 -3.327  -8.554  1.00 60.65  ? 1938 TYR B CE1 1 
ATOM   1186 C CE2 . TYR B 1 79 ? -12.410 -1.296  -7.345  1.00 58.93  ? 1938 TYR B CE2 1 
ATOM   1187 C CZ  . TYR B 1 79 ? -12.830 -2.457  -7.985  1.00 61.14  ? 1938 TYR B CZ  1 
ATOM   1188 O OH  . TYR B 1 79 ? -14.161 -2.782  -8.058  1.00 63.55  ? 1938 TYR B OH  1 
ATOM   1189 N N   . ASN B 1 80 ? -9.179  0.217   -10.699 1.00 50.08  ? 1939 ASN B N   1 
ATOM   1190 C CA  . ASN B 1 80 ? -9.514  1.530   -11.272 1.00 51.93  ? 1939 ASN B CA  1 
ATOM   1191 C C   . ASN B 1 80 ? -8.256  2.389   -11.355 1.00 49.54  ? 1939 ASN B C   1 
ATOM   1192 O O   . ASN B 1 80 ? -8.238  3.568   -10.965 1.00 47.52  ? 1939 ASN B O   1 
ATOM   1193 C CB  . ASN B 1 80 ? -10.636 2.225   -10.486 1.00 51.18  ? 1939 ASN B CB  1 
ATOM   1194 C CG  . ASN B 1 80 ? -11.994 1.553   -10.679 1.00 55.62  ? 1939 ASN B CG  1 
ATOM   1195 O OD1 . ASN B 1 80 ? -12.250 0.872   -11.687 1.00 56.74  ? 1939 ASN B OD1 1 
ATOM   1196 N ND2 . ASN B 1 80 ? -12.873 1.746   -9.712  1.00 53.42  ? 1939 ASN B ND2 1 
ATOM   1197 N N   . GLU B 1 81 ? -7.197  1.727   -11.806 1.00 49.88  ? 1940 GLU B N   1 
ATOM   1198 C CA  . GLU B 1 81 ? -5.897  2.331   -12.082 1.00 54.82  ? 1940 GLU B CA  1 
ATOM   1199 C C   . GLU B 1 81 ? -5.112  2.753   -10.838 1.00 53.29  ? 1940 GLU B C   1 
ATOM   1200 O O   . GLU B 1 81 ? -4.063  3.390   -10.949 1.00 53.96  ? 1940 GLU B O   1 
ATOM   1201 C CB  . GLU B 1 81 ? -6.023  3.484   -13.100 1.00 59.18  ? 1940 GLU B CB  1 
ATOM   1202 C CG  . GLU B 1 81 ? -6.603  3.063   -14.463 1.00 67.47  ? 1940 GLU B CG  1 
ATOM   1203 C CD  . GLU B 1 81 ? -7.991  3.656   -14.731 1.00 77.64  ? 1940 GLU B CD  1 
ATOM   1204 O OE1 . GLU B 1 81 ? -8.281  4.768   -14.208 1.00 80.82  ? 1940 GLU B OE1 1 
ATOM   1205 O OE2 . GLU B 1 81 ? -8.799  3.025   -15.471 1.00 80.21  ? 1940 GLU B OE2 1 
ATOM   1206 N N   . GLN B 1 82 ? -5.601  2.366   -9.662  1.00 51.05  ? 1941 GLN B N   1 
ATOM   1207 C CA  . GLN B 1 82 ? -4.902  2.638   -8.407  1.00 49.61  ? 1941 GLN B CA  1 
ATOM   1208 C C   . GLN B 1 82 ? -4.315  1.354   -7.812  1.00 45.94  ? 1941 GLN B C   1 
ATOM   1209 O O   . GLN B 1 82 ? -4.986  0.326   -7.760  1.00 44.94  ? 1941 GLN B O   1 
ATOM   1210 C CB  . GLN B 1 82 ? -5.862  3.290   -7.409  1.00 54.08  ? 1941 GLN B CB  1 
ATOM   1211 C CG  . GLN B 1 82 ? -5.283  3.599   -6.017  1.00 55.23  ? 1941 GLN B CG  1 
ATOM   1212 C CD  . GLN B 1 82 ? -4.292  4.736   -6.040  1.00 61.02  ? 1941 GLN B CD  1 
ATOM   1213 O OE1 . GLN B 1 82 ? -3.082  4.516   -6.045  1.00 65.57  ? 1941 GLN B OE1 1 
ATOM   1214 N NE2 . GLN B 1 82 ? -4.797  5.967   -6.066  1.00 63.27  ? 1941 GLN B NE2 1 
ATOM   1215 N N   . HIS B 1 83 ? -3.071  1.415   -7.359  1.00 44.68  ? 1942 HIS B N   1 
ATOM   1216 C CA  . HIS B 1 83 ? -2.454  0.275   -6.665  1.00 48.05  ? 1942 HIS B CA  1 
ATOM   1217 C C   . HIS B 1 83 ? -3.169  -0.053  -5.385  1.00 47.18  ? 1942 HIS B C   1 
ATOM   1218 O O   . HIS B 1 83 ? -3.222  0.747   -4.479  1.00 48.95  ? 1942 HIS B O   1 
ATOM   1219 C CB  . HIS B 1 83 ? -0.989  0.540   -6.326  1.00 46.80  ? 1942 HIS B CB  1 
ATOM   1220 C CG  . HIS B 1 83 ? -0.047  0.189   -7.428  1.00 53.80  ? 1942 HIS B CG  1 
ATOM   1221 N ND1 . HIS B 1 83 ? 0.110   -1.103  -7.891  1.00 53.99  ? 1942 HIS B ND1 1 
ATOM   1222 C CD2 . HIS B 1 83 ? 0.804   0.956   -8.149  1.00 52.22  ? 1942 HIS B CD2 1 
ATOM   1223 C CE1 . HIS B 1 83 ? 1.016   -1.117  -8.853  1.00 52.36  ? 1942 HIS B CE1 1 
ATOM   1224 N NE2 . HIS B 1 83 ? 1.458   0.117   -9.020  1.00 55.55  ? 1942 HIS B NE2 1 
ATOM   1225 N N   . VAL B 1 84 ? -3.708  -1.251  -5.335  1.00 49.18  ? 1943 VAL B N   1 
ATOM   1226 C CA  . VAL B 1 84 ? -4.228  -1.865  -4.118  1.00 49.47  ? 1943 VAL B CA  1 
ATOM   1227 C C   . VAL B 1 84 ? -3.154  -1.723  -3.013  1.00 49.66  ? 1943 VAL B C   1 
ATOM   1228 O O   . VAL B 1 84 ? -1.956  -1.765  -3.298  1.00 47.88  ? 1943 VAL B O   1 
ATOM   1229 C CB  . VAL B 1 84 ? -4.582  -3.337  -4.484  1.00 51.45  ? 1943 VAL B CB  1 
ATOM   1230 C CG1 . VAL B 1 84 ? -4.670  -4.256  -3.294  1.00 52.34  ? 1943 VAL B CG1 1 
ATOM   1231 C CG2 . VAL B 1 84 ? -5.843  -3.370  -5.354  1.00 47.58  ? 1943 VAL B CG2 1 
ATOM   1232 N N   . PRO B 1 85 ? -3.567  -1.516  -1.751  1.00 48.06  ? 1944 PRO B N   1 
ATOM   1233 C CA  . PRO B 1 85 ? -2.566  -1.345  -0.701  1.00 46.43  ? 1944 PRO B CA  1 
ATOM   1234 C C   . PRO B 1 85 ? -1.512  -2.469  -0.678  1.00 46.42  ? 1944 PRO B C   1 
ATOM   1235 O O   . PRO B 1 85 ? -1.846  -3.642  -0.823  1.00 51.44  ? 1944 PRO B O   1 
ATOM   1236 C CB  . PRO B 1 85 ? -3.417  -1.357  0.578   1.00 48.61  ? 1944 PRO B CB  1 
ATOM   1237 C CG  . PRO B 1 85 ? -4.708  -0.823  0.150   1.00 48.65  ? 1944 PRO B CG  1 
ATOM   1238 C CD  . PRO B 1 85 ? -4.932  -1.418  -1.216  1.00 47.02  ? 1944 PRO B CD  1 
ATOM   1239 N N   . GLY B 1 86 ? -0.255  -2.093  -0.518  1.00 44.03  ? 1945 GLY B N   1 
ATOM   1240 C CA  . GLY B 1 86 ? 0.862   -3.023  -0.532  1.00 42.88  ? 1945 GLY B CA  1 
ATOM   1241 C C   . GLY B 1 86 ? 1.381   -3.347  -1.924  1.00 43.18  ? 1945 GLY B C   1 
ATOM   1242 O O   . GLY B 1 86 ? 2.473   -3.860  -2.057  1.00 43.30  ? 1945 GLY B O   1 
ATOM   1243 N N   . SER B 1 87 ? 0.595   -3.065  -2.961  1.00 40.91  ? 1946 SER B N   1 
ATOM   1244 C CA  . SER B 1 87 ? 1.028   -3.359  -4.319  1.00 43.39  ? 1946 SER B CA  1 
ATOM   1245 C C   . SER B 1 87 ? 1.960   -2.226  -4.775  1.00 46.11  ? 1946 SER B C   1 
ATOM   1246 O O   . SER B 1 87 ? 1.687   -1.070  -4.494  1.00 46.56  ? 1946 SER B O   1 
ATOM   1247 C CB  . SER B 1 87 ? -0.176  -3.522  -5.228  1.00 40.41  ? 1946 SER B CB  1 
ATOM   1248 O OG  . SER B 1 87 ? 0.179   -3.449  -6.594  1.00 46.23  ? 1946 SER B OG  1 
ATOM   1249 N N   . PRO B 1 88 ? 3.073   -2.548  -5.465  1.00 49.82  ? 1947 PRO B N   1 
ATOM   1250 C CA  . PRO B 1 88 ? 3.467   -3.827  -6.056  1.00 46.78  ? 1947 PRO B CA  1 
ATOM   1251 C C   . PRO B 1 88 ? 4.130   -4.747  -5.034  1.00 42.94  ? 1947 PRO B C   1 
ATOM   1252 O O   . PRO B 1 88 ? 4.970   -4.298  -4.271  1.00 39.39  ? 1947 PRO B O   1 
ATOM   1253 C CB  . PRO B 1 88 ? 4.511   -3.408  -7.104  1.00 49.50  ? 1947 PRO B CB  1 
ATOM   1254 C CG  . PRO B 1 88 ? 4.680   -1.876  -6.942  1.00 49.55  ? 1947 PRO B CG  1 
ATOM   1255 C CD  . PRO B 1 88 ? 4.139   -1.534  -5.645  1.00 47.53  ? 1947 PRO B CD  1 
ATOM   1256 N N   . PHE B 1 89 ? 3.782   -6.027  -5.053  1.00 38.49  ? 1948 PHE B N   1 
ATOM   1257 C CA  . PHE B 1 89 ? 4.326   -6.980  -4.096  1.00 41.31  ? 1948 PHE B CA  1 
ATOM   1258 C C   . PHE B 1 89 ? 5.517   -7.636  -4.741  1.00 43.45  ? 1948 PHE B C   1 
ATOM   1259 O O   . PHE B 1 89 ? 5.566   -7.760  -5.966  1.00 44.71  ? 1948 PHE B O   1 
ATOM   1260 C CB  . PHE B 1 89 ? 3.284   -8.060  -3.738  1.00 38.19  ? 1948 PHE B CB  1 
ATOM   1261 C CG  . PHE B 1 89 ? 2.012   -7.501  -3.143  1.00 39.40  ? 1948 PHE B CG  1 
ATOM   1262 C CD1 . PHE B 1 89 ? 1.890   -7.333  -1.760  1.00 38.49  ? 1948 PHE B CD1 1 
ATOM   1263 C CD2 . PHE B 1 89 ? 0.928   -7.160  -3.967  1.00 36.54  ? 1948 PHE B CD2 1 
ATOM   1264 C CE1 . PHE B 1 89 ? 0.717   -6.822  -1.206  1.00 33.44  ? 1948 PHE B CE1 1 
ATOM   1265 C CE2 . PHE B 1 89 ? -0.267  -6.653  -3.442  1.00 37.29  ? 1948 PHE B CE2 1 
ATOM   1266 C CZ  . PHE B 1 89 ? -0.372  -6.477  -2.042  1.00 37.53  ? 1948 PHE B CZ  1 
ATOM   1267 N N   . THR B 1 90 ? 6.477   -8.076  -3.942  1.00 43.04  ? 1949 THR B N   1 
ATOM   1268 C CA  . THR B 1 90 ? 7.571   -8.815  -4.551  1.00 48.11  ? 1949 THR B CA  1 
ATOM   1269 C C   . THR B 1 90 ? 7.736   -10.190 -3.923  1.00 48.00  ? 1949 THR B C   1 
ATOM   1270 O O   . THR B 1 90 ? 7.995   -10.300 -2.724  1.00 46.95  ? 1949 THR B O   1 
ATOM   1271 C CB  . THR B 1 90 ? 8.920   -8.017  -4.687  1.00 47.82  ? 1949 THR B CB  1 
ATOM   1272 O OG1 . THR B 1 90 ? 9.871   -8.481  -3.742  1.00 53.93  ? 1949 THR B OG1 1 
ATOM   1273 C CG2 . THR B 1 90 ? 8.746   -6.516  -4.547  1.00 47.83  ? 1949 THR B CG2 1 
ATOM   1274 N N   . ALA B 1 91 ? 7.531   -11.231 -4.733  1.00 47.01  ? 1950 ALA B N   1 
ATOM   1275 C CA  . ALA B 1 91 ? 7.630   -12.601 -4.247  1.00 48.49  ? 1950 ALA B CA  1 
ATOM   1276 C C   . ALA B 1 91 ? 8.980   -13.220 -4.608  1.00 45.77  ? 1950 ALA B C   1 
ATOM   1277 O O   . ALA B 1 91 ? 9.449   -13.071 -5.721  1.00 46.19  ? 1950 ALA B O   1 
ATOM   1278 C CB  . ALA B 1 91 ? 6.436   -13.453 -4.743  1.00 44.82  ? 1950 ALA B CB  1 
ATOM   1279 N N   . ARG B 1 92 ? 9.617   -13.855 -3.633  1.00 47.87  ? 1951 ARG B N   1 
ATOM   1280 C CA  . ARG B 1 92 ? 10.809  -14.668 -3.857  1.00 50.68  ? 1951 ARG B CA  1 
ATOM   1281 C C   . ARG B 1 92 ? 10.436  -16.072 -4.316  1.00 48.21  ? 1951 ARG B C   1 
ATOM   1282 O O   . ARG B 1 92 ? 9.826   -16.854 -3.569  1.00 47.59  ? 1951 ARG B O   1 
ATOM   1283 C CB  . ARG B 1 92 ? 11.639  -14.784 -2.576  1.00 58.13  ? 1951 ARG B CB  1 
ATOM   1284 C CG  . ARG B 1 92 ? 12.043  -13.459 -1.957  1.00 69.47  ? 1951 ARG B CG  1 
ATOM   1285 C CD  . ARG B 1 92 ? 13.355  -13.603 -1.177  1.00 75.06  ? 1951 ARG B CD  1 
ATOM   1286 N NE  . ARG B 1 92 ? 13.809  -12.327 -0.616  1.00 79.77  ? 1951 ARG B NE  1 
ATOM   1287 C CZ  . ARG B 1 92 ? 14.960  -12.160 0.031   1.00 81.27  ? 1951 ARG B CZ  1 
ATOM   1288 N NH1 . ARG B 1 92 ? 15.787  -13.188 0.201   1.00 81.71  ? 1951 ARG B NH1 1 
ATOM   1289 N NH2 . ARG B 1 92 ? 15.287  -10.964 0.510   1.00 80.92  ? 1951 ARG B NH2 1 
ATOM   1290 N N   . VAL B 1 93 ? 10.792  -16.405 -5.547  1.00 49.56  ? 1952 VAL B N   1 
ATOM   1291 C CA  . VAL B 1 93 ? 10.504  -17.755 -6.061  1.00 48.86  ? 1952 VAL B CA  1 
ATOM   1292 C C   . VAL B 1 93 ? 11.771  -18.590 -6.008  1.00 50.13  ? 1952 VAL B C   1 
ATOM   1293 O O   . VAL B 1 93 ? 12.754  -18.238 -6.650  1.00 48.69  ? 1952 VAL B O   1 
ATOM   1294 C CB  . VAL B 1 93 ? 9.954   -17.713 -7.495  1.00 42.18  ? 1952 VAL B CB  1 
ATOM   1295 C CG1 . VAL B 1 93 ? 9.899   -19.102 -8.094  1.00 36.49  ? 1952 VAL B CG1 1 
ATOM   1296 C CG2 . VAL B 1 93 ? 8.574   -17.039 -7.517  1.00 44.82  ? 1952 VAL B CG2 1 
ATOM   1297 N N   . THR B 1 94 ? 11.753  -19.670 -5.229  1.00 52.64  ? 1953 THR B N   1 
ATOM   1298 C CA  . THR B 1 94 ? 12.918  -20.548 -5.100  1.00 56.83  ? 1953 THR B CA  1 
ATOM   1299 C C   . THR B 1 94 ? 12.804  -21.799 -5.980  1.00 59.16  ? 1953 THR B C   1 
ATOM   1300 O O   . THR B 1 94 ? 11.708  -22.150 -6.426  1.00 56.95  ? 1953 THR B O   1 
ATOM   1301 C CB  . THR B 1 94 ? 13.116  -21.024 -3.647  1.00 57.31  ? 1953 THR B CB  1 
ATOM   1302 O OG1 . THR B 1 94 ? 11.953  -21.755 -3.240  1.00 58.85  ? 1953 THR B OG1 1 
ATOM   1303 C CG2 . THR B 1 94 ? 13.358  -19.838 -2.702  1.00 57.51  ? 1953 THR B CG2 1 
ATOM   1304 N N   . GLY B 1 95 ? 13.944  -22.464 -6.203  1.00 63.37  ? 1954 GLY B N   1 
ATOM   1305 C CA  . GLY B 1 95 ? 14.005  -23.769 -6.886  1.00 68.00  ? 1954 GLY B CA  1 
ATOM   1306 C C   . GLY B 1 95 ? 13.303  -24.901 -6.137  1.00 71.63  ? 1954 GLY B C   1 
ATOM   1307 O O   . GLY B 1 95 ? 13.005  -24.814 -4.941  1.00 73.72  ? 1954 GLY B O   1 
ATOM   1308 N N   . ASP B 1 96 ? 12.994  -25.957 -6.700  1.00 72.63  ? 1955 ASP B N   1 
ATOM   1309 N N   . THR C 2 7  ? 13.171  -9.082  -17.726 1.00 67.74  ? 562  THR S N   1 
ATOM   1310 C CA  . THR C 2 7  ? 11.804  -9.281  -17.175 1.00 66.03  ? 562  THR S CA  1 
ATOM   1311 C C   . THR C 2 7  ? 10.746  -9.535  -18.237 1.00 63.52  ? 562  THR S C   1 
ATOM   1312 O O   . THR C 2 7  ? 10.680  -8.866  -19.271 1.00 60.86  ? 562  THR S O   1 
ATOM   1313 C CB  . THR C 2 7  ? 11.314  -8.076  -16.320 1.00 67.19  ? 562  THR S CB  1 
ATOM   1314 O OG1 . THR C 2 7  ? 11.422  -6.881  -17.093 1.00 68.49  ? 562  THR S OG1 1 
ATOM   1315 C CG2 . THR C 2 7  ? 12.107  -7.941  -14.998 1.00 67.15  ? 562  THR S CG2 1 
ATOM   1316 N N   . PHE C 2 8  ? 9.893   -10.503 -17.936 1.00 61.30  ? 563  PHE S N   1 
ATOM   1317 C CA  . PHE C 2 8  ? 8.719   -10.764 -18.719 1.00 56.20  ? 563  PHE S CA  1 
ATOM   1318 C C   . PHE C 2 8  ? 7.559   -10.240 -17.951 1.00 57.11  ? 563  PHE S C   1 
ATOM   1319 O O   . PHE C 2 8  ? 7.692   -9.905  -16.783 1.00 63.11  ? 563  PHE S O   1 
ATOM   1320 C CB  . PHE C 2 8  ? 8.564   -12.255 -18.938 1.00 53.22  ? 563  PHE S CB  1 
ATOM   1321 C CG  . PHE C 2 8  ? 9.606   -12.831 -19.848 1.00 52.87  ? 563  PHE S CG  1 
ATOM   1322 C CD1 . PHE C 2 8  ? 10.784  -13.350 -19.332 1.00 50.02  ? 563  PHE S CD1 1 
ATOM   1323 C CD2 . PHE C 2 8  ? 9.409   -12.842 -21.231 1.00 52.41  ? 563  PHE S CD2 1 
ATOM   1324 C CE1 . PHE C 2 8  ? 11.756  -13.885 -20.178 1.00 51.88  ? 563  PHE S CE1 1 
ATOM   1325 C CE2 . PHE C 2 8  ? 10.373  -13.378 -22.084 1.00 52.24  ? 563  PHE S CE2 1 
ATOM   1326 C CZ  . PHE C 2 8  ? 11.544  -13.906 -21.553 1.00 51.60  ? 563  PHE S CZ  1 
ATOM   1327 N N   . ARG C 2 9  ? 6.416   -10.174 -18.611 1.00 57.51  ? 564  ARG S N   1 
ATOM   1328 C CA  . ARG C 2 9  ? 5.217   -9.628  -18.039 1.00 57.24  ? 564  ARG S CA  1 
ATOM   1329 C C   . ARG C 2 9  ? 4.007   -10.403 -18.549 1.00 56.63  ? 564  ARG S C   1 
ATOM   1330 O O   . ARG C 2 9  ? 3.795   -10.505 -19.751 1.00 62.20  ? 564  ARG S O   1 
ATOM   1331 C CB  . ARG C 2 9  ? 5.106   -8.142  -18.399 1.00 59.55  ? 564  ARG S CB  1 
ATOM   1332 C CG  . ARG C 2 9  ? 3.688   -7.632  -18.462 1.00 63.51  ? 564  ARG S CG  1 
ATOM   1333 C CD  . ARG C 2 9  ? 3.649   -6.147  -18.697 1.00 68.46  ? 564  ARG S CD  1 
ATOM   1334 N NE  . ARG C 2 9  ? 3.436   -5.412  -17.452 1.00 69.60  ? 564  ARG S NE  1 
ATOM   1335 C CZ  . ARG C 2 9  ? 2.262   -4.920  -17.065 1.00 67.81  ? 564  ARG S CZ  1 
ATOM   1336 N NH1 . ARG C 2 9  ? 1.185   -5.091  -17.819 1.00 65.79  ? 564  ARG S NH1 1 
ATOM   1337 N NH2 . ARG C 2 9  ? 2.165   -4.255  -15.920 1.00 68.64  ? 564  ARG S NH2 1 
ATOM   1338 N N   . SER C 2 10 ? 3.235   -10.965 -17.633 1.00 55.54  ? 565  SER S N   1 
ATOM   1339 C CA  . SER C 2 10 ? 1.916   -11.489 -17.950 1.00 59.01  ? 565  SER S CA  1 
ATOM   1340 C C   . SER C 2 10 ? 0.887   -10.632 -17.234 1.00 58.36  ? 565  SER S C   1 
ATOM   1341 O O   . SER C 2 10 ? 1.116   -10.161 -16.109 1.00 56.78  ? 565  SER S O   1 
ATOM   1342 C CB  . SER C 2 10 ? 1.771   -12.937 -17.505 1.00 61.15  ? 565  SER S CB  1 
ATOM   1343 O OG  . SER C 2 10 ? 3.044   -13.544 -17.400 1.00 67.66  ? 565  SER S OG  1 
ATOM   1344 N N   . SER C 2 11 ? -0.245  -10.423 -17.890 1.00 59.37  ? 566  SER S N   1 
ATOM   1345 C CA  . SER C 2 11 ? -1.299  -9.615  -17.308 1.00 60.70  ? 566  SER S CA  1 
ATOM   1346 C C   . SER C 2 11 ? -2.677  -10.209 -17.526 1.00 60.23  ? 566  SER S C   1 
ATOM   1347 O O   . SER C 2 11 ? -2.857  -11.147 -18.298 1.00 58.98  ? 566  SER S O   1 
ATOM   1348 C CB  . SER C 2 11 ? -1.236  -8.174  -17.829 1.00 63.18  ? 566  SER S CB  1 
ATOM   1349 O OG  . SER C 2 11 ? -1.158  -8.154  -19.241 1.00 65.93  ? 566  SER S OG  1 
ATOM   1350 N N   . LEU C 2 12 ? -3.648  -9.640  -16.828 1.00 59.66  ? 567  LEU S N   1 
ATOM   1351 C CA  . LEU C 2 12 ? -5.007  -10.109 -16.869 1.00 60.28  ? 567  LEU S CA  1 
ATOM   1352 C C   . LEU C 2 12 ? -5.872  -8.943  -16.431 1.00 59.87  ? 567  LEU S C   1 
ATOM   1353 O O   . LEU C 2 12 ? -5.569  -8.284  -15.432 1.00 59.72  ? 567  LEU S O   1 
ATOM   1354 C CB  . LEU C 2 12 ? -5.163  -11.316 -15.933 1.00 61.69  ? 567  LEU S CB  1 
ATOM   1355 C CG  . LEU C 2 12 ? -6.460  -12.121 -15.911 1.00 65.85  ? 567  LEU S CG  1 
ATOM   1356 C CD1 . LEU C 2 12 ? -6.695  -12.846 -17.246 1.00 67.70  ? 567  LEU S CD1 1 
ATOM   1357 C CD2 . LEU C 2 12 ? -6.467  -13.107 -14.749 1.00 62.80  ? 567  LEU S CD2 1 
ATOM   1358 N N   . PHE C 2 13 ? -6.908  -8.654  -17.214 1.00 58.12  ? 568  PHE S N   1 
ATOM   1359 C CA  . PHE C 2 13 ? -7.907  -7.669  -16.832 1.00 58.71  ? 568  PHE S CA  1 
ATOM   1360 C C   . PHE C 2 13 ? -9.236  -8.351  -16.466 1.00 59.55  ? 568  PHE S C   1 
ATOM   1361 O O   . PHE C 2 13 ? -9.686  -9.267  -17.155 1.00 58.72  ? 568  PHE S O   1 
ATOM   1362 C CB  . PHE C 2 13 ? -8.087  -6.609  -17.928 1.00 60.21  ? 568  PHE S CB  1 
ATOM   1363 C CG  . PHE C 2 13 ? -8.991  -5.485  -17.528 1.00 62.56  ? 568  PHE S CG  1 
ATOM   1364 C CD1 . PHE C 2 13 ? -8.533  -4.469  -16.703 1.00 63.84  ? 568  PHE S CD1 1 
ATOM   1365 C CD2 . PHE C 2 13 ? -10.316 -5.462  -17.945 1.00 63.68  ? 568  PHE S CD2 1 
ATOM   1366 C CE1 . PHE C 2 13 ? -9.377  -3.439  -16.314 1.00 64.73  ? 568  PHE S CE1 1 
ATOM   1367 C CE2 . PHE C 2 13 ? -11.162 -4.435  -17.562 1.00 65.39  ? 568  PHE S CE2 1 
ATOM   1368 C CZ  . PHE C 2 13 ? -10.692 -3.422  -16.748 1.00 64.10  ? 568  PHE S CZ  1 
ATOM   1369 N N   . LEU C 2 14 ? -9.842  -7.913  -15.362 1.00 60.81  ? 569  LEU S N   1 
ATOM   1370 C CA  . LEU C 2 14 ? -11.143 -8.415  -14.913 1.00 60.57  ? 569  LEU S CA  1 
ATOM   1371 C C   . LEU C 2 14 ? -12.031 -7.247  -14.571 1.00 61.57  ? 569  LEU S C   1 
ATOM   1372 O O   . LEU C 2 14 ? -11.630 -6.359  -13.820 1.00 60.53  ? 569  LEU S O   1 
ATOM   1373 C CB  . LEU C 2 14 ? -10.997 -9.256  -13.650 1.00 62.37  ? 569  LEU S CB  1 
ATOM   1374 C CG  . LEU C 2 14 ? -10.572 -10.730 -13.573 1.00 64.27  ? 569  LEU S CG  1 
ATOM   1375 C CD1 . LEU C 2 14 ? -10.107 -11.355 -14.891 1.00 64.27  ? 569  LEU S CD1 1 
ATOM   1376 C CD2 . LEU C 2 14 ? -9.493  -10.845 -12.507 1.00 63.00  ? 569  LEU S CD2 1 
ATOM   1377 N N   . TRP C 2 15 ? -13.241 -7.241  -15.117 1.00 64.68  ? 570  TRP S N   1 
ATOM   1378 C CA  . TRP C 2 15 ? -14.229 -6.280  -14.692 1.00 67.90  ? 570  TRP S CA  1 
ATOM   1379 C C   . TRP C 2 15 ? -14.917 -6.817  -13.434 1.00 70.35  ? 570  TRP S C   1 
ATOM   1380 O O   . TRP C 2 15 ? -15.266 -7.996  -13.376 1.00 71.06  ? 570  TRP S O   1 
ATOM   1381 C CB  . TRP C 2 15 ? -15.232 -5.990  -15.813 1.00 72.66  ? 570  TRP S CB  1 
ATOM   1382 C CG  . TRP C 2 15 ? -16.035 -4.758  -15.524 1.00 75.33  ? 570  TRP S CG  1 
ATOM   1383 C CD1 . TRP C 2 15 ? -17.356 -4.698  -15.175 1.00 76.32  ? 570  TRP S CD1 1 
ATOM   1384 C CD2 . TRP C 2 15 ? -15.555 -3.408  -15.505 1.00 75.36  ? 570  TRP S CD2 1 
ATOM   1385 N NE1 . TRP C 2 15 ? -17.731 -3.391  -14.952 1.00 75.60  ? 570  TRP S NE1 1 
ATOM   1386 C CE2 . TRP C 2 15 ? -16.645 -2.581  -15.143 1.00 75.56  ? 570  TRP S CE2 1 
ATOM   1387 C CE3 . TRP C 2 15 ? -14.313 -2.815  -15.767 1.00 75.22  ? 570  TRP S CE3 1 
ATOM   1388 C CZ2 . TRP C 2 15 ? -16.532 -1.193  -15.048 1.00 75.51  ? 570  TRP S CZ2 1 
ATOM   1389 C CZ3 . TRP C 2 15 ? -14.199 -1.435  -15.664 1.00 75.17  ? 570  TRP S CZ3 1 
ATOM   1390 C CH2 . TRP C 2 15 ? -15.306 -0.642  -15.307 1.00 75.18  ? 570  TRP S CH2 1 
ATOM   1391 N N   . VAL C 2 16 ? -15.078 -5.981  -12.410 1.00 70.80  ? 571  VAL S N   1 
ATOM   1392 C CA  . VAL C 2 16 ? -15.888 -6.392  -11.258 1.00 75.41  ? 571  VAL S CA  1 
ATOM   1393 C C   . VAL C 2 16 ? -17.095 -5.462  -11.071 1.00 80.58  ? 571  VAL S C   1 
ATOM   1394 O O   . VAL C 2 16 ? -17.003 -4.264  -11.356 1.00 79.42  ? 571  VAL S O   1 
ATOM   1395 C CB  . VAL C 2 16 ? -15.067 -6.555  -9.940  1.00 72.00  ? 571  VAL S CB  1 
ATOM   1396 C CG1 . VAL C 2 16 ? -13.690 -7.146  -10.215 1.00 70.89  ? 571  VAL S CG1 1 
ATOM   1397 C CG2 . VAL C 2 16 ? -14.938 -5.247  -9.222  1.00 73.26  ? 571  VAL S CG2 1 
ATOM   1398 N N   . ARG C 2 17 ? -18.217 -6.035  -10.620 1.00 87.16  ? 572  ARG S N   1 
ATOM   1399 C CA  . ARG C 2 17 ? -19.482 -5.298  -10.420 1.00 93.96  ? 572  ARG S CA  1 
ATOM   1400 C C   . ARG C 2 17 ? -20.149 -5.631  -9.080  1.00 95.35  ? 572  ARG S C   1 
ATOM   1401 O O   . ARG C 2 17 ? -21.290 -5.235  -8.805  1.00 97.27  ? 572  ARG S O   1 
ATOM   1402 C CB  . ARG C 2 17 ? -20.463 -5.560  -11.573 1.00 94.49  ? 572  ARG S CB  1 
ATOM   1403 C CG  . ARG C 2 17 ? -20.129 -4.826  -12.867 1.00 97.78  ? 572  ARG S CG  1 
ATOM   1404 C CD  . ARG C 2 17 ? -20.954 -5.334  -14.054 1.00 99.35  ? 572  ARG S CD  1 
ATOM   1405 N NE  . ARG C 2 17 ? -20.434 -4.836  -15.334 1.00 103.20 ? 572  ARG S NE  1 
ATOM   1406 C CZ  . ARG C 2 17 ? -21.056 -4.925  -16.512 1.00 104.08 ? 572  ARG S CZ  1 
ATOM   1407 N NH1 . ARG C 2 17 ? -22.256 -5.490  -16.610 1.00 104.77 ? 572  ARG S NH1 1 
ATOM   1408 N NH2 . ARG C 2 17 ? -20.475 -4.436  -17.602 1.00 103.78 ? 572  ARG S NH2 1 
ATOM   1409 N N   . PRO C 2 18 ? -19.569 -6.302  -8.225  1.00 95.79  ? 573  PRO S N   1 
ATOM   1410 N N   . ARG D 2 2  ? 5.227   -8.305  3.630   1.00 61.72  ? 557  ARG T N   1 
ATOM   1411 C CA  . ARG D 2 2  ? 4.145   -7.499  2.982   1.00 59.56  ? 557  ARG T CA  1 
ATOM   1412 C C   . ARG D 2 2  ? 3.391   -8.374  1.973   1.00 57.00  ? 557  ARG T C   1 
ATOM   1413 O O   . ARG D 2 2  ? 3.982   -8.909  1.030   1.00 56.26  ? 557  ARG T O   1 
ATOM   1414 C CB  . ARG D 2 2  ? 4.707   -6.223  2.324   1.00 60.34  ? 557  ARG T CB  1 
ATOM   1415 C CG  . ARG D 2 2  ? 3.659   -5.340  1.617   1.00 63.08  ? 557  ARG T CG  1 
ATOM   1416 C CD  . ARG D 2 2  ? 4.274   -4.068  0.999   1.00 65.93  ? 557  ARG T CD  1 
ATOM   1417 N NE  . ARG D 2 2  ? 4.837   -4.275  -0.342  1.00 70.24  ? 557  ARG T NE  1 
ATOM   1418 C CZ  . ARG D 2 2  ? 6.118   -4.560  -0.591  1.00 73.98  ? 557  ARG T CZ  1 
ATOM   1419 N NH1 . ARG D 2 2  ? 6.988   -4.677  0.412   1.00 74.51  ? 557  ARG T NH1 1 
ATOM   1420 N NH2 . ARG D 2 2  ? 6.540   -4.740  -1.845  1.00 74.12  ? 557  ARG T NH2 1 
ATOM   1421 N N   . GLY D 2 3  ? 2.086   -8.529  2.198   1.00 54.96  ? 558  GLY T N   1 
ATOM   1422 C CA  . GLY D 2 3  ? 1.241   -9.369  1.359   1.00 52.35  ? 558  GLY T CA  1 
ATOM   1423 C C   . GLY D 2 3  ? 0.650   -10.575 2.071   1.00 51.32  ? 558  GLY T C   1 
ATOM   1424 O O   . GLY D 2 3  ? -0.313  -11.169 1.592   1.00 49.67  ? 558  GLY T O   1 
ATOM   1425 N N   . SER D 2 4  ? 1.209   -10.945 3.217   1.00 51.49  ? 559  SER T N   1 
ATOM   1426 C CA  . SER D 2 4  ? 0.736   -12.145 3.930   1.00 54.73  ? 559  SER T CA  1 
ATOM   1427 C C   . SER D 2 4  ? -0.601  -11.921 4.622   1.00 53.91  ? 559  SER T C   1 
ATOM   1428 O O   . SER D 2 4  ? -1.447  -12.814 4.650   1.00 56.36  ? 559  SER T O   1 
ATOM   1429 C CB  . SER D 2 4  ? 1.802   -12.707 4.884   1.00 55.07  ? 559  SER T CB  1 
ATOM   1430 O OG  . SER D 2 4  ? 2.877   -11.792 5.052   1.00 62.23  ? 559  SER T OG  1 
ATOM   1431 N N   . LEU D 2 5  ? -0.783  -10.721 5.164   1.00 52.22  ? 560  LEU T N   1 
ATOM   1432 C CA  . LEU D 2 5  ? -2.027  -10.308 5.806   1.00 51.34  ? 560  LEU T CA  1 
ATOM   1433 C C   . LEU D 2 5  ? -2.647  -9.228  4.926   1.00 51.44  ? 560  LEU T C   1 
ATOM   1434 O O   . LEU D 2 5  ? -1.937  -8.623  4.105   1.00 50.92  ? 560  LEU T O   1 
ATOM   1435 C CB  . LEU D 2 5  ? -1.747  -9.725  7.201   1.00 52.26  ? 560  LEU T CB  1 
ATOM   1436 C CG  . LEU D 2 5  ? -1.677  -10.589 8.463   1.00 52.03  ? 560  LEU T CG  1 
ATOM   1437 C CD1 . LEU D 2 5  ? -0.886  -11.846 8.257   1.00 55.67  ? 560  LEU T CD1 1 
ATOM   1438 C CD2 . LEU D 2 5  ? -1.081  -9.778  9.594   1.00 50.94  ? 560  LEU T CD2 1 
ATOM   1439 N N   . PRO D 2 6  ? -3.972  -9.007  5.055   1.00 48.74  ? 561  PRO T N   1 
ATOM   1440 C CA  . PRO D 2 6  ? -4.589  -7.883  4.356   1.00 48.56  ? 561  PRO T CA  1 
ATOM   1441 C C   . PRO D 2 6  ? -3.928  -6.560  4.710   1.00 48.33  ? 561  PRO T C   1 
ATOM   1442 O O   . PRO D 2 6  ? -3.502  -6.360  5.853   1.00 44.72  ? 561  PRO T O   1 
ATOM   1443 C CB  . PRO D 2 6  ? -6.030  -7.903  4.846   1.00 44.71  ? 561  PRO T CB  1 
ATOM   1444 C CG  . PRO D 2 6  ? -6.258  -9.310  5.242   1.00 48.75  ? 561  PRO T CG  1 
ATOM   1445 C CD  . PRO D 2 6  ? -4.971  -9.811  5.785   1.00 50.06  ? 561  PRO T CD  1 
ATOM   1446 N N   . THR D 2 7  ? -3.831  -5.682  3.712   1.00 46.13  ? 562  THR T N   1 
ATOM   1447 C CA  . THR D 2 7  ? -3.273  -4.353  3.896   1.00 43.27  ? 562  THR T CA  1 
ATOM   1448 C C   . THR D 2 7  ? -4.378  -3.346  3.583   1.00 41.25  ? 562  THR T C   1 
ATOM   1449 O O   . THR D 2 7  ? -5.174  -3.557  2.685   1.00 44.52  ? 562  THR T O   1 
ATOM   1450 C CB  . THR D 2 7  ? -2.056  -4.160  2.977   1.00 46.23  ? 562  THR T CB  1 
ATOM   1451 O OG1 . THR D 2 7  ? -1.132  -5.234  3.181   1.00 43.10  ? 562  THR T OG1 1 
ATOM   1452 C CG2 . THR D 2 7  ? -1.320  -2.837  3.277   1.00 50.08  ? 562  THR T CG2 1 
ATOM   1453 N N   . PHE D 2 8  ? -4.458  -2.264  4.347   1.00 39.87  ? 563  PHE T N   1 
ATOM   1454 C CA  . PHE D 2 8  ? -5.472  -1.237  4.090   1.00 38.80  ? 563  PHE T CA  1 
ATOM   1455 C C   . PHE D 2 8  ? -4.762  0.109   3.883   1.00 41.45  ? 563  PHE T C   1 
ATOM   1456 O O   . PHE D 2 8  ? -3.580  0.248   4.188   1.00 41.40  ? 563  PHE T O   1 
ATOM   1457 C CB  . PHE D 2 8  ? -6.447  -1.139  5.275   1.00 38.59  ? 563  PHE T CB  1 
ATOM   1458 C CG  . PHE D 2 8  ? -7.134  -2.450  5.627   1.00 38.67  ? 563  PHE T CG  1 
ATOM   1459 C CD1 . PHE D 2 8  ? -8.424  -2.705  5.197   1.00 37.90  ? 563  PHE T CD1 1 
ATOM   1460 C CD2 . PHE D 2 8  ? -6.483  -3.415  6.389   1.00 35.15  ? 563  PHE T CD2 1 
ATOM   1461 C CE1 . PHE D 2 8  ? -9.054  -3.925  5.504   1.00 41.03  ? 563  PHE T CE1 1 
ATOM   1462 C CE2 . PHE D 2 8  ? -7.116  -4.623  6.701   1.00 39.40  ? 563  PHE T CE2 1 
ATOM   1463 C CZ  . PHE D 2 8  ? -8.396  -4.880  6.246   1.00 35.69  ? 563  PHE T CZ  1 
ATOM   1464 N N   . ARG D 2 9  ? -5.492  1.093   3.378   1.00 41.83  ? 564  ARG T N   1 
ATOM   1465 C CA  . ARG D 2 9  ? -4.963  2.415   3.173   1.00 43.86  ? 564  ARG T CA  1 
ATOM   1466 C C   . ARG D 2 9  ? -5.960  3.402   3.736   1.00 42.98  ? 564  ARG T C   1 
ATOM   1467 O O   . ARG D 2 9  ? -7.141  3.274   3.465   1.00 39.62  ? 564  ARG T O   1 
ATOM   1468 C CB  . ARG D 2 9  ? -4.775  2.680   1.678   1.00 44.57  ? 564  ARG T CB  1 
ATOM   1469 C CG  . ARG D 2 9  ? -4.069  4.005   1.343   1.00 52.72  ? 564  ARG T CG  1 
ATOM   1470 C CD  . ARG D 2 9  ? -3.201  3.883   0.097   1.00 50.85  ? 564  ARG T CD  1 
ATOM   1471 N NE  . ARG D 2 9  ? -4.024  3.481   -1.024  1.00 55.90  ? 564  ARG T NE  1 
ATOM   1472 C CZ  . ARG D 2 9  ? -3.654  2.645   -1.995  1.00 51.61  ? 564  ARG T CZ  1 
ATOM   1473 N NH1 . ARG D 2 9  ? -2.442  2.112   -2.034  1.00 47.86  ? 564  ARG T NH1 1 
ATOM   1474 N NH2 . ARG D 2 9  ? -4.525  2.354   -2.940  1.00 50.26  ? 564  ARG T NH2 1 
ATOM   1475 N N   . SER D 2 10 ? -5.475  4.357   4.523   1.00 40.60  ? 565  SER T N   1 
ATOM   1476 C CA  . SER D 2 10 ? -6.191  5.620   4.786   1.00 47.24  ? 565  SER T CA  1 
ATOM   1477 C C   . SER D 2 10 ? -5.484  6.774   4.079   1.00 47.47  ? 565  SER T C   1 
ATOM   1478 O O   . SER D 2 10 ? -4.259  6.832   4.061   1.00 46.60  ? 565  SER T O   1 
ATOM   1479 C CB  . SER D 2 10 ? -6.206  5.946   6.272   1.00 48.02  ? 565  SER T CB  1 
ATOM   1480 O OG  . SER D 2 10 ? -6.786  4.895   7.008   1.00 57.76  ? 565  SER T OG  1 
ATOM   1481 N N   . SER D 2 11 ? -6.248  7.718   3.542   1.00 49.10  ? 566  SER T N   1 
ATOM   1482 C CA  . SER D 2 11 ? -5.662  8.802   2.766   1.00 50.07  ? 566  SER T CA  1 
ATOM   1483 C C   . SER D 2 11 ? -6.263  10.161  3.078   1.00 53.87  ? 566  SER T C   1 
ATOM   1484 O O   . SER D 2 11 ? -7.435  10.285  3.451   1.00 51.00  ? 566  SER T O   1 
ATOM   1485 C CB  . SER D 2 11 ? -5.819  8.515   1.277   1.00 50.92  ? 566  SER T CB  1 
ATOM   1486 O OG  . SER D 2 11 ? -5.175  7.296   0.937   1.00 52.00  ? 566  SER T OG  1 
ATOM   1487 N N   . LEU D 2 12 ? -5.431  11.176  2.913   1.00 53.59  ? 567  LEU T N   1 
ATOM   1488 C CA  . LEU D 2 12 ? -5.834  12.545  3.055   1.00 54.00  ? 567  LEU T CA  1 
ATOM   1489 C C   . LEU D 2 12 ? -5.048  13.364  2.025   1.00 52.47  ? 567  LEU T C   1 
ATOM   1490 O O   . LEU D 2 12 ? -3.859  13.144  1.834   1.00 50.48  ? 567  LEU T O   1 
ATOM   1491 C CB  . LEU D 2 12 ? -5.511  13.000  4.476   1.00 59.33  ? 567  LEU T CB  1 
ATOM   1492 C CG  . LEU D 2 12 ? -6.173  14.229  5.087   1.00 62.51  ? 567  LEU T CG  1 
ATOM   1493 C CD1 . LEU D 2 12 ? -7.682  14.310  4.758   1.00 65.04  ? 567  LEU T CD1 1 
ATOM   1494 C CD2 . LEU D 2 12 ? -5.952  14.170  6.587   1.00 63.28  ? 567  LEU T CD2 1 
ATOM   1495 N N   . PHE D 2 13 ? -5.726  14.278  1.339   1.00 50.73  ? 568  PHE T N   1 
ATOM   1496 C CA  . PHE D 2 13 ? -5.066  15.209  0.432   1.00 53.03  ? 568  PHE T CA  1 
ATOM   1497 C C   . PHE D 2 13 ? -5.406  16.644  0.827   1.00 55.39  ? 568  PHE T C   1 
ATOM   1498 O O   . PHE D 2 13 ? -6.577  16.985  1.020   1.00 54.00  ? 568  PHE T O   1 
ATOM   1499 C CB  . PHE D 2 13 ? -5.503  14.941  -1.007  1.00 50.62  ? 568  PHE T CB  1 
ATOM   1500 C CG  . PHE D 2 13 ? -4.761  15.750  -2.044  1.00 49.21  ? 568  PHE T CG  1 
ATOM   1501 C CD1 . PHE D 2 13 ? -3.634  15.218  -2.684  1.00 50.32  ? 568  PHE T CD1 1 
ATOM   1502 C CD2 . PHE D 2 13 ? -5.208  17.025  -2.412  1.00 48.24  ? 568  PHE T CD2 1 
ATOM   1503 C CE1 . PHE D 2 13 ? -2.948  15.948  -3.673  1.00 50.14  ? 568  PHE T CE1 1 
ATOM   1504 C CE2 . PHE D 2 13 ? -4.551  17.768  -3.389  1.00 51.04  ? 568  PHE T CE2 1 
ATOM   1505 C CZ  . PHE D 2 13 ? -3.409  17.235  -4.030  1.00 52.61  ? 568  PHE T CZ  1 
ATOM   1506 N N   . LEU D 2 14 ? -4.380  17.479  0.934   1.00 56.71  ? 569  LEU T N   1 
ATOM   1507 C CA  . LEU D 2 14 ? -4.566  18.898  1.242   1.00 55.79  ? 569  LEU T CA  1 
ATOM   1508 C C   . LEU D 2 14 ? -3.894  19.775  0.195   1.00 54.44  ? 569  LEU T C   1 
ATOM   1509 O O   . LEU D 2 14 ? -2.777  19.489  -0.277  1.00 54.36  ? 569  LEU T O   1 
ATOM   1510 C CB  . LEU D 2 14 ? -3.978  19.240  2.614   1.00 60.74  ? 569  LEU T CB  1 
ATOM   1511 C CG  . LEU D 2 14 ? -4.514  18.531  3.864   1.00 65.98  ? 569  LEU T CG  1 
ATOM   1512 C CD1 . LEU D 2 14 ? -3.473  18.537  4.976   1.00 65.51  ? 569  LEU T CD1 1 
ATOM   1513 C CD2 . LEU D 2 14 ? -5.802  19.188  4.344   1.00 67.46  ? 569  LEU T CD2 1 
ATOM   1514 N N   . TRP D 2 15 ? -4.569  20.850  -0.171  1.00 48.62  ? 570  TRP T N   1 
ATOM   1515 C CA  . TRP D 2 15 ? -3.890  21.867  -0.937  1.00 48.81  ? 570  TRP T CA  1 
ATOM   1516 C C   . TRP D 2 15 ? -3.210  22.817  0.046   1.00 51.10  ? 570  TRP T C   1 
ATOM   1517 O O   . TRP D 2 15 ? -3.855  23.349  0.964   1.00 47.96  ? 570  TRP T O   1 
ATOM   1518 C CB  . TRP D 2 15 ? -4.826  22.614  -1.891  1.00 43.80  ? 570  TRP T CB  1 
ATOM   1519 C CG  . TRP D 2 15 ? -4.054  23.397  -2.886  1.00 46.23  ? 570  TRP T CG  1 
ATOM   1520 C CD1 . TRP D 2 15 ? -3.879  24.744  -2.898  1.00 44.10  ? 570  TRP T CD1 1 
ATOM   1521 C CD2 . TRP D 2 15 ? -3.291  22.878  -4.007  1.00 44.33  ? 570  TRP T CD2 1 
ATOM   1522 N NE1 . TRP D 2 15 ? -3.073  25.099  -3.951  1.00 45.73  ? 570  TRP T NE1 1 
ATOM   1523 C CE2 . TRP D 2 15 ? -2.697  23.977  -4.645  1.00 44.18  ? 570  TRP T CE2 1 
ATOM   1524 C CE3 . TRP D 2 15 ? -3.088  21.600  -4.537  1.00 42.67  ? 570  TRP T CE3 1 
ATOM   1525 C CZ2 . TRP D 2 15 ? -1.898  23.843  -5.797  1.00 45.61  ? 570  TRP T CZ2 1 
ATOM   1526 C CZ3 . TRP D 2 15 ? -2.262  21.459  -5.680  1.00 43.23  ? 570  TRP T CZ3 1 
ATOM   1527 C CH2 . TRP D 2 15 ? -1.687  22.574  -6.290  1.00 44.41  ? 570  TRP T CH2 1 
ATOM   1528 N N   . VAL D 2 16 ? -1.906  23.018  -0.137  1.00 51.26  ? 571  VAL T N   1 
ATOM   1529 C CA  . VAL D 2 16 ? -1.193  23.983  0.700   1.00 53.14  ? 571  VAL T CA  1 
ATOM   1530 C C   . VAL D 2 16 ? -0.849  25.263  -0.069  1.00 53.35  ? 571  VAL T C   1 
ATOM   1531 O O   . VAL D 2 16 ? -0.255  25.242  -1.169  1.00 51.02  ? 571  VAL T O   1 
ATOM   1532 C CB  . VAL D 2 16 ? 0.030   23.367  1.473   1.00 54.06  ? 571  VAL T CB  1 
ATOM   1533 C CG1 . VAL D 2 16 ? 0.873   24.478  2.124   1.00 53.03  ? 571  VAL T CG1 1 
ATOM   1534 C CG2 . VAL D 2 16 ? -0.470  22.411  2.549   1.00 51.14  ? 571  VAL T CG2 1 
ATOM   1535 N N   . ARG D 2 17 ? -1.240  26.364  0.551   1.00 53.13  ? 572  ARG T N   1 
ATOM   1536 C CA  . ARG D 2 17 ? -1.193  27.678  -0.050  1.00 57.88  ? 572  ARG T CA  1 
ATOM   1537 C C   . ARG D 2 17 ? -0.899  28.712  1.046   1.00 59.75  ? 572  ARG T C   1 
ATOM   1538 O O   . ARG D 2 17 ? -1.461  28.643  2.149   1.00 60.69  ? 572  ARG T O   1 
ATOM   1539 C CB  . ARG D 2 17 ? -2.554  27.955  -0.693  1.00 56.94  ? 572  ARG T CB  1 
ATOM   1540 C CG  . ARG D 2 17 ? -2.666  29.234  -1.502  1.00 58.44  ? 572  ARG T CG  1 
ATOM   1541 C CD  . ARG D 2 17 ? -4.027  29.313  -2.169  1.00 57.24  ? 572  ARG T CD  1 
ATOM   1542 N NE  . ARG D 2 17 ? -4.049  28.565  -3.427  1.00 57.26  ? 572  ARG T NE  1 
ATOM   1543 C CZ  . ARG D 2 17 ? -5.139  28.010  -3.958  1.00 56.96  ? 572  ARG T CZ  1 
ATOM   1544 N NH1 . ARG D 2 17 ? -6.310  28.099  -3.327  1.00 53.03  ? 572  ARG T NH1 1 
ATOM   1545 N NH2 . ARG D 2 17 ? -5.058  27.359  -5.124  1.00 53.79  ? 572  ARG T NH2 1 
ATOM   1546 N N   . PRO D 2 18 ? -0.026  29.685  0.751   1.00 62.39  ? 573  PRO T N   1 
ATOM   1547 C CA  . PRO D 2 18 ? 0.182   30.766  1.725   1.00 63.78  ? 573  PRO T CA  1 
ATOM   1548 C C   . PRO D 2 18 ? -1.122  31.539  2.024   1.00 65.36  ? 573  PRO T C   1 
ATOM   1549 O O   . PRO D 2 18 ? -1.451  31.880  3.167   1.00 66.86  ? 573  PRO T O   1 
ATOM   1550 C CB  . PRO D 2 18 ? 1.214   31.656  1.033   1.00 63.45  ? 573  PRO T CB  1 
ATOM   1551 C CG  . PRO D 2 18 ? 1.072   31.336  -0.439  1.00 63.72  ? 573  PRO T CG  1 
ATOM   1552 C CD  . PRO D 2 18 ? 0.785   29.872  -0.467  1.00 62.29  ? 573  PRO T CD  1 
ATOM   1553 N N   . ASN D 2 19 ? -1.918  31.827  1.133   1.00 66.15  ? 574  ASN T N   1 
HETATM 1554 C C1  . GOL E 3 .  ? 3.972   28.024  2.564   1.00 93.99  ? 2955 GOL A C1  1 
HETATM 1555 O O1  . GOL E 3 .  ? 3.731   27.722  1.212   1.00 95.17  ? 2955 GOL A O1  1 
HETATM 1556 C C2  . GOL E 3 .  ? 2.644   28.437  3.183   1.00 94.58  ? 2955 GOL A C2  1 
HETATM 1557 O O2  . GOL E 3 .  ? 2.817   29.567  4.010   1.00 94.71  ? 2955 GOL A O2  1 
HETATM 1558 C C3  . GOL E 3 .  ? 2.048   27.286  3.978   1.00 93.89  ? 2955 GOL A C3  1 
HETATM 1559 O O3  . GOL E 3 .  ? 2.687   27.198  5.230   1.00 93.86  ? 2955 GOL A O3  1 
HETATM 1560 C C1  . GOL F 3 .  ? 1.086   4.665   -5.298  1.00 112.94 ? 2955 GOL B C1  1 
HETATM 1561 O O1  . GOL F 3 .  ? 2.129   5.113   -4.459  1.00 112.83 ? 2955 GOL B O1  1 
HETATM 1562 C C2  . GOL F 3 .  ? 0.956   5.603   -6.496  1.00 112.93 ? 2955 GOL B C2  1 
HETATM 1563 O O2  . GOL F 3 .  ? -0.388  6.020   -6.619  1.00 113.05 ? 2955 GOL B O2  1 
HETATM 1564 C C3  . GOL F 3 .  ? 1.420   4.880   -7.761  1.00 112.36 ? 2955 GOL B C3  1 
HETATM 1565 O O3  . GOL F 3 .  ? 0.851   5.465   -8.913  1.00 110.84 ? 2955 GOL B O3  1 
HETATM 1566 O O   . HOH G 4 .  ? 15.580  22.381  3.409   1.00 86.62  ? 2001 HOH A O   1 
HETATM 1567 O O   . HOH G 4 .  ? 16.364  23.211  0.532   1.00 76.47  ? 2002 HOH A O   1 
HETATM 1568 O O   . HOH G 4 .  ? 7.944   8.881   22.142  1.00 66.60  ? 2003 HOH A O   1 
HETATM 1569 O O   . HOH G 4 .  ? 6.462   15.765  15.859  1.00 69.91  ? 2004 HOH A O   1 
HETATM 1570 O O   . HOH G 4 .  ? 1.061   0.395   -1.736  1.00 62.66  ? 2005 HOH A O   1 
HETATM 1571 O O   . HOH G 4 .  ? 2.593   -2.357  5.480   1.00 64.08  ? 2006 HOH A O   1 
HETATM 1572 O O   . HOH G 4 .  ? 1.179   22.151  -7.707  1.00 54.71  ? 2007 HOH A O   1 
HETATM 1573 O O   . HOH G 4 .  ? 10.954  14.265  6.157   1.00 45.32  ? 2008 HOH A O   1 
HETATM 1574 O O   . HOH G 4 .  ? 13.026  9.845   0.421   1.00 59.75  ? 2009 HOH A O   1 
HETATM 1575 O O   . HOH G 4 .  ? 11.672  5.308   2.429   1.00 58.01  ? 2010 HOH A O   1 
HETATM 1576 O O   . HOH H 4 .  ? -11.524 -5.427  1.411   1.00 55.56  ? 2001 HOH B O   1 
HETATM 1577 O O   . HOH H 4 .  ? 3.167   -19.428 -2.007  1.00 54.54  ? 2002 HOH B O   1 
HETATM 1578 O O   . HOH H 4 .  ? 4.473   -21.769 -6.023  1.00 52.90  ? 2003 HOH B O   1 
HETATM 1579 O O   . HOH H 4 .  ? 1.108   -20.224 -2.751  1.00 54.43  ? 2004 HOH B O   1 
HETATM 1580 O O   . HOH H 4 .  ? -1.560  -20.520 -13.685 1.00 68.84  ? 2005 HOH B O   1 
HETATM 1581 O O   . HOH H 4 .  ? -8.296  -16.670 -16.743 1.00 61.04  ? 2006 HOH B O   1 
HETATM 1582 O O   . HOH H 4 .  ? 11.556  -24.836 -14.327 1.00 59.85  ? 2007 HOH B O   1 
HETATM 1583 O O   . HOH H 4 .  ? -1.600  3.491   -8.024  1.00 41.38  ? 2008 HOH B O   1 
HETATM 1584 O O   . HOH H 4 .  ? -4.055  -5.172  0.117   1.00 56.19  ? 2009 HOH B O   1 
HETATM 1585 O O   . HOH H 4 .  ? -0.203  3.857   -10.607 1.00 56.62  ? 2010 HOH B O   1 
HETATM 1586 O O   . HOH H 4 .  ? 4.901   6.600   -5.802  1.00 68.07  ? 2011 HOH B O   1 
HETATM 1587 O O   . HOH I 4 .  ? 15.625  -10.144 -18.546 1.00 66.71  ? 2001 HOH S O   1 
HETATM 1588 O O   . HOH I 4 .  ? 0.123   -11.411 -21.120 1.00 61.75  ? 2002 HOH S O   1 
HETATM 1589 O O   . HOH I 4 .  ? -17.496 -10.779 -16.244 1.00 70.91  ? 2003 HOH S O   1 
HETATM 1590 O O   . HOH J 4 .  ? -0.625  -15.443 3.913   1.00 61.08  ? 2001 HOH T O   1 
HETATM 1591 O O   . HOH J 4 .  ? -4.400  -7.119  8.245   1.00 37.72  ? 2002 HOH T O   1 
HETATM 1592 O O   . HOH J 4 .  ? -1.363  -7.258  1.561   1.00 45.68  ? 2003 HOH T O   1 
HETATM 1593 O O   . HOH J 4 .  ? -4.035  32.062  3.360   1.00 58.16  ? 2004 HOH T O   1 
# 
loop_
_pdbx_poly_seq_scheme.asym_id 
_pdbx_poly_seq_scheme.entity_id 
_pdbx_poly_seq_scheme.seq_id 
_pdbx_poly_seq_scheme.mon_id 
_pdbx_poly_seq_scheme.ndb_seq_num 
_pdbx_poly_seq_scheme.pdb_seq_num 
_pdbx_poly_seq_scheme.auth_seq_num 
_pdbx_poly_seq_scheme.pdb_mon_id 
_pdbx_poly_seq_scheme.auth_mon_id 
_pdbx_poly_seq_scheme.pdb_strand_id 
_pdbx_poly_seq_scheme.pdb_ins_code 
_pdbx_poly_seq_scheme.hetero 
A 1 1  GLY 1  -3   ?    ?   ?   A . n 
A 1 2  ALA 2  -2   ?    ?   ?   A . n 
A 1 3  MET 3  -1   -1   MET MET A . n 
A 1 4  VAL 4  1863 1863 VAL VAL A . n 
A 1 5  ASN 5  1864 1864 ASN ASN A . n 
A 1 6  CYS 6  1865 1865 CYS CYS A . n 
A 1 7  GLY 7  1866 ?    ?   ?   A . n 
A 1 8  HIS 8  1867 1867 HIS HIS A . n 
A 1 9  VAL 9  1868 1868 VAL VAL A . n 
A 1 10 THR 10 1869 1869 THR THR A . n 
A 1 11 ALA 11 1870 1870 ALA ALA A . n 
A 1 12 TYR 12 1871 1871 TYR TYR A . n 
A 1 13 GLY 13 1872 1872 GLY GLY A . n 
A 1 14 PRO 14 1873 1873 PRO PRO A . n 
A 1 15 GLY 15 1874 1874 GLY GLY A . n 
A 1 16 LEU 16 1875 1875 LEU LEU A . n 
A 1 17 THR 17 1876 1876 THR THR A . n 
A 1 18 HIS 18 1877 1877 HIS HIS A . n 
A 1 19 GLY 19 1878 1878 GLY GLY A . n 
A 1 20 VAL 20 1879 1879 VAL VAL A . n 
A 1 21 VAL 21 1880 1880 VAL VAL A . n 
A 1 22 ASN 22 1881 1881 ASN ASN A . n 
A 1 23 LYS 23 1882 1882 LYS LYS A . n 
A 1 24 PRO 24 1883 1883 PRO PRO A . n 
A 1 25 ALA 25 1884 1884 ALA ALA A . n 
A 1 26 THR 26 1885 1885 THR THR A . n 
A 1 27 PHE 27 1886 1886 PHE PHE A . n 
A 1 28 THR 28 1887 1887 THR THR A . n 
A 1 29 VAL 29 1888 1888 VAL VAL A . n 
A 1 30 ASN 30 1889 1889 ASN ASN A . n 
A 1 31 THR 31 1890 1890 THR THR A . n 
A 1 32 LYS 32 1891 1891 LYS LYS A . n 
A 1 33 ASP 33 1892 1892 ASP ASP A . n 
A 1 34 ALA 34 1893 1893 ALA ALA A . n 
A 1 35 GLY 35 1894 1894 GLY GLY A . n 
A 1 36 GLU 36 1895 1895 GLU GLU A . n 
A 1 37 GLY 37 1896 1896 GLY GLY A . n 
A 1 38 GLY 38 1897 1897 GLY GLY A . n 
A 1 39 LEU 39 1898 1898 LEU LEU A . n 
A 1 40 SER 40 1899 1899 SER SER A . n 
A 1 41 LEU 41 1900 1900 LEU LEU A . n 
A 1 42 ALA 42 1901 1901 ALA ALA A . n 
A 1 43 ILE 43 1902 1902 ILE ILE A . n 
A 1 44 GLU 44 1903 1903 GLU GLU A . n 
A 1 45 GLY 45 1904 1904 GLY GLY A . n 
A 1 46 PRO 46 1905 1905 PRO PRO A . n 
A 1 47 SER 47 1906 1906 SER SER A . n 
A 1 48 LYS 48 1907 1907 LYS LYS A . n 
A 1 49 ALA 49 1908 1908 ALA ALA A . n 
A 1 50 GLU 50 1909 1909 GLU GLU A . n 
A 1 51 ILE 51 1910 1910 ILE ILE A . n 
A 1 52 SER 52 1911 1911 SER SER A . n 
A 1 53 CYS 53 1912 1912 CYS CYS A . n 
A 1 54 THR 54 1913 1913 THR THR A . n 
A 1 55 ASP 55 1914 1914 ASP ASP A . n 
A 1 56 ASN 56 1915 1915 ASN ASN A . n 
A 1 57 GLN 57 1916 1916 GLN GLN A . n 
A 1 58 ASP 58 1917 1917 ASP ASP A . n 
A 1 59 GLY 59 1918 1918 GLY GLY A . n 
A 1 60 THR 60 1919 1919 THR THR A . n 
A 1 61 CYS 61 1920 1920 CYS CYS A . n 
A 1 62 SER 62 1921 1921 SER SER A . n 
A 1 63 VAL 63 1922 1922 VAL VAL A . n 
A 1 64 SER 64 1923 1923 SER SER A . n 
A 1 65 TYR 65 1924 1924 TYR TYR A . n 
A 1 66 LEU 66 1925 1925 LEU LEU A . n 
A 1 67 PRO 67 1926 1926 PRO PRO A . n 
A 1 68 VAL 68 1927 1927 VAL VAL A . n 
A 1 69 LEU 69 1928 1928 LEU LEU A . n 
A 1 70 PRO 70 1929 1929 PRO PRO A . n 
A 1 71 GLY 71 1930 1930 GLY GLY A . n 
A 1 72 ASP 72 1931 1931 ASP ASP A . n 
A 1 73 TYR 73 1932 1932 TYR TYR A . n 
A 1 74 SER 74 1933 1933 SER SER A . n 
A 1 75 ILE 75 1934 1934 ILE ILE A . n 
A 1 76 LEU 76 1935 1935 LEU LEU A . n 
A 1 77 VAL 77 1936 1936 VAL VAL A . n 
A 1 78 LYS 78 1937 1937 LYS LYS A . n 
A 1 79 TYR 79 1938 1938 TYR TYR A . n 
A 1 80 ASN 80 1939 1939 ASN ASN A . n 
A 1 81 GLU 81 1940 1940 GLU GLU A . n 
A 1 82 GLN 82 1941 1941 GLN GLN A . n 
A 1 83 HIS 83 1942 1942 HIS HIS A . n 
A 1 84 VAL 84 1943 1943 VAL VAL A . n 
A 1 85 PRO 85 1944 1944 PRO PRO A . n 
A 1 86 GLY 86 1945 1945 GLY GLY A . n 
A 1 87 SER 87 1946 1946 SER SER A . n 
A 1 88 PRO 88 1947 1947 PRO PRO A . n 
A 1 89 PHE 89 1948 1948 PHE PHE A . n 
A 1 90 THR 90 1949 1949 THR THR A . n 
A 1 91 ALA 91 1950 1950 ALA ALA A . n 
A 1 92 ARG 92 1951 1951 ARG ARG A . n 
A 1 93 VAL 93 1952 1952 VAL VAL A . n 
A 1 94 THR 94 1953 1953 THR THR A . n 
A 1 95 GLY 95 1954 1954 GLY GLY A . n 
A 1 96 ASP 96 1955 1955 ASP ASP A . n 
A 1 97 ASP 97 1956 ?    ?   ?   A . n 
B 1 1  GLY 1  -3   ?    ?   ?   B . n 
B 1 2  ALA 2  -2   ?    ?   ?   B . n 
B 1 3  MET 3  -1   ?    ?   ?   B . n 
B 1 4  VAL 4  1863 ?    ?   ?   B . n 
B 1 5  ASN 5  1864 ?    ?   ?   B . n 
B 1 6  CYS 6  1865 1865 CYS CYS B . n 
B 1 7  GLY 7  1866 1866 GLY GLY B . n 
B 1 8  HIS 8  1867 1867 HIS HIS B . n 
B 1 9  VAL 9  1868 1868 VAL VAL B . n 
B 1 10 THR 10 1869 1869 THR THR B . n 
B 1 11 ALA 11 1870 1870 ALA ALA B . n 
B 1 12 TYR 12 1871 1871 TYR TYR B . n 
B 1 13 GLY 13 1872 1872 GLY GLY B . n 
B 1 14 PRO 14 1873 1873 PRO PRO B . n 
B 1 15 GLY 15 1874 1874 GLY GLY B . n 
B 1 16 LEU 16 1875 1875 LEU LEU B . n 
B 1 17 THR 17 1876 1876 THR THR B . n 
B 1 18 HIS 18 1877 1877 HIS HIS B . n 
B 1 19 GLY 19 1878 1878 GLY GLY B . n 
B 1 20 VAL 20 1879 1879 VAL VAL B . n 
B 1 21 VAL 21 1880 1880 VAL VAL B . n 
B 1 22 ASN 22 1881 1881 ASN ASN B . n 
B 1 23 LYS 23 1882 1882 LYS LYS B . n 
B 1 24 PRO 24 1883 1883 PRO PRO B . n 
B 1 25 ALA 25 1884 1884 ALA ALA B . n 
B 1 26 THR 26 1885 1885 THR THR B . n 
B 1 27 PHE 27 1886 1886 PHE PHE B . n 
B 1 28 THR 28 1887 1887 THR THR B . n 
B 1 29 VAL 29 1888 1888 VAL VAL B . n 
B 1 30 ASN 30 1889 1889 ASN ASN B . n 
B 1 31 THR 31 1890 1890 THR THR B . n 
B 1 32 LYS 32 1891 1891 LYS LYS B . n 
B 1 33 ASP 33 1892 1892 ASP ASP B . n 
B 1 34 ALA 34 1893 1893 ALA ALA B . n 
B 1 35 GLY 35 1894 1894 GLY GLY B . n 
B 1 36 GLU 36 1895 1895 GLU GLU B . n 
B 1 37 GLY 37 1896 1896 GLY GLY B . n 
B 1 38 GLY 38 1897 1897 GLY GLY B . n 
B 1 39 LEU 39 1898 1898 LEU LEU B . n 
B 1 40 SER 40 1899 1899 SER SER B . n 
B 1 41 LEU 41 1900 1900 LEU LEU B . n 
B 1 42 ALA 42 1901 1901 ALA ALA B . n 
B 1 43 ILE 43 1902 1902 ILE ILE B . n 
B 1 44 GLU 44 1903 1903 GLU GLU B . n 
B 1 45 GLY 45 1904 1904 GLY GLY B . n 
B 1 46 PRO 46 1905 1905 PRO PRO B . n 
B 1 47 SER 47 1906 1906 SER SER B . n 
B 1 48 LYS 48 1907 1907 LYS LYS B . n 
B 1 49 ALA 49 1908 1908 ALA ALA B . n 
B 1 50 GLU 50 1909 1909 GLU GLU B . n 
B 1 51 ILE 51 1910 1910 ILE ILE B . n 
B 1 52 SER 52 1911 1911 SER SER B . n 
B 1 53 CYS 53 1912 1912 CYS CYS B . n 
B 1 54 THR 54 1913 1913 THR THR B . n 
B 1 55 ASP 55 1914 1914 ASP ASP B . n 
B 1 56 ASN 56 1915 1915 ASN ASN B . n 
B 1 57 GLN 57 1916 1916 GLN GLN B . n 
B 1 58 ASP 58 1917 1917 ASP ASP B . n 
B 1 59 GLY 59 1918 1918 GLY GLY B . n 
B 1 60 THR 60 1919 1919 THR THR B . n 
B 1 61 CYS 61 1920 1920 CYS CYS B . n 
B 1 62 SER 62 1921 1921 SER SER B . n 
B 1 63 VAL 63 1922 1922 VAL VAL B . n 
B 1 64 SER 64 1923 1923 SER SER B . n 
B 1 65 TYR 65 1924 1924 TYR TYR B . n 
B 1 66 LEU 66 1925 1925 LEU LEU B . n 
B 1 67 PRO 67 1926 1926 PRO PRO B . n 
B 1 68 VAL 68 1927 1927 VAL VAL B . n 
B 1 69 LEU 69 1928 1928 LEU LEU B . n 
B 1 70 PRO 70 1929 1929 PRO PRO B . n 
B 1 71 GLY 71 1930 1930 GLY GLY B . n 
B 1 72 ASP 72 1931 1931 ASP ASP B . n 
B 1 73 TYR 73 1932 1932 TYR TYR B . n 
B 1 74 SER 74 1933 1933 SER SER B . n 
B 1 75 ILE 75 1934 1934 ILE ILE B . n 
B 1 76 LEU 76 1935 1935 LEU LEU B . n 
B 1 77 VAL 77 1936 1936 VAL VAL B . n 
B 1 78 LYS 78 1937 1937 LYS LYS B . n 
B 1 79 TYR 79 1938 1938 TYR TYR B . n 
B 1 80 ASN 80 1939 1939 ASN ASN B . n 
B 1 81 GLU 81 1940 1940 GLU GLU B . n 
B 1 82 GLN 82 1941 1941 GLN GLN B . n 
B 1 83 HIS 83 1942 1942 HIS HIS B . n 
B 1 84 VAL 84 1943 1943 VAL VAL B . n 
B 1 85 PRO 85 1944 1944 PRO PRO B . n 
B 1 86 GLY 86 1945 1945 GLY GLY B . n 
B 1 87 SER 87 1946 1946 SER SER B . n 
B 1 88 PRO 88 1947 1947 PRO PRO B . n 
B 1 89 PHE 89 1948 1948 PHE PHE B . n 
B 1 90 THR 90 1949 1949 THR THR B . n 
B 1 91 ALA 91 1950 1950 ALA ALA B . n 
B 1 92 ARG 92 1951 1951 ARG ARG B . n 
B 1 93 VAL 93 1952 1952 VAL VAL B . n 
B 1 94 THR 94 1953 1953 THR THR B . n 
B 1 95 GLY 95 1954 1954 GLY GLY B . n 
B 1 96 ASP 96 1955 1955 ASP ASP B . n 
B 1 97 ASP 97 1956 ?    ?   ?   B . n 
C 2 1  LEU 1  556  ?    ?   ?   S . n 
C 2 2  ARG 2  557  ?    ?   ?   S . n 
C 2 3  GLY 3  558  ?    ?   ?   S . n 
C 2 4  SER 4  559  ?    ?   ?   S . n 
C 2 5  LEU 5  560  ?    ?   ?   S . n 
C 2 6  PRO 6  561  ?    ?   ?   S . n 
C 2 7  THR 7  562  562  THR THR S . n 
C 2 8  PHE 8  563  563  PHE PHE S . n 
C 2 9  ARG 9  564  564  ARG ARG S . n 
C 2 10 SER 10 565  565  SER SER S . n 
C 2 11 SER 11 566  566  SER SER S . n 
C 2 12 LEU 12 567  567  LEU LEU S . n 
C 2 13 PHE 13 568  568  PHE PHE S . n 
C 2 14 LEU 14 569  569  LEU LEU S . n 
C 2 15 TRP 15 570  570  TRP TRP S . n 
C 2 16 VAL 16 571  571  VAL VAL S . n 
C 2 17 ARG 17 572  572  ARG ARG S . n 
C 2 18 PRO 18 573  573  PRO PRO S . n 
C 2 19 ASN 19 574  ?    ?   ?   S . n 
C 2 20 GLY 20 575  ?    ?   ?   S . n 
C 2 21 ARG 21 576  ?    ?   ?   S . n 
C 2 22 VAL 22 577  ?    ?   ?   S . n 
D 2 1  LEU 1  556  ?    ?   ?   T . n 
D 2 2  ARG 2  557  557  ARG ARG T . n 
D 2 3  GLY 3  558  558  GLY GLY T . n 
D 2 4  SER 4  559  559  SER SER T . n 
D 2 5  LEU 5  560  560  LEU LEU T . n 
D 2 6  PRO 6  561  561  PRO PRO T . n 
D 2 7  THR 7  562  562  THR THR T . n 
D 2 8  PHE 8  563  563  PHE PHE T . n 
D 2 9  ARG 9  564  564  ARG ARG T . n 
D 2 10 SER 10 565  565  SER SER T . n 
D 2 11 SER 11 566  566  SER SER T . n 
D 2 12 LEU 12 567  567  LEU LEU T . n 
D 2 13 PHE 13 568  568  PHE PHE T . n 
D 2 14 LEU 14 569  569  LEU LEU T . n 
D 2 15 TRP 15 570  570  TRP TRP T . n 
D 2 16 VAL 16 571  571  VAL VAL T . n 
D 2 17 ARG 17 572  572  ARG ARG T . n 
D 2 18 PRO 18 573  573  PRO PRO T . n 
D 2 19 ASN 19 574  574  ASN ASN T . n 
D 2 20 GLY 20 575  ?    ?   ?   T . n 
D 2 21 ARG 21 576  ?    ?   ?   T . n 
D 2 22 VAL 22 577  ?    ?   ?   T . n 
# 
loop_
_pdbx_nonpoly_scheme.asym_id 
_pdbx_nonpoly_scheme.entity_id 
_pdbx_nonpoly_scheme.mon_id 
_pdbx_nonpoly_scheme.ndb_seq_num 
_pdbx_nonpoly_scheme.pdb_seq_num 
_pdbx_nonpoly_scheme.auth_seq_num 
_pdbx_nonpoly_scheme.pdb_mon_id 
_pdbx_nonpoly_scheme.auth_mon_id 
_pdbx_nonpoly_scheme.pdb_strand_id 
_pdbx_nonpoly_scheme.pdb_ins_code 
E 3 GOL 1  2955 2955 GOL GOL A . 
F 3 GOL 1  2955 2955 GOL GOL B . 
G 4 HOH 1  2001 2001 HOH HOH A . 
G 4 HOH 2  2002 2002 HOH HOH A . 
G 4 HOH 3  2003 2003 HOH HOH A . 
G 4 HOH 4  2004 2004 HOH HOH A . 
G 4 HOH 5  2005 2005 HOH HOH A . 
G 4 HOH 6  2006 2006 HOH HOH A . 
G 4 HOH 7  2007 2007 HOH HOH A . 
G 4 HOH 8  2008 2008 HOH HOH A . 
G 4 HOH 9  2009 2009 HOH HOH A . 
G 4 HOH 10 2010 2010 HOH HOH A . 
H 4 HOH 1  2001 2001 HOH HOH B . 
H 4 HOH 2  2002 2002 HOH HOH B . 
H 4 HOH 3  2003 2003 HOH HOH B . 
H 4 HOH 4  2004 2004 HOH HOH B . 
H 4 HOH 5  2005 2005 HOH HOH B . 
H 4 HOH 6  2006 2006 HOH HOH B . 
H 4 HOH 7  2007 2007 HOH HOH B . 
H 4 HOH 8  2008 2008 HOH HOH B . 
H 4 HOH 9  2009 2009 HOH HOH B . 
H 4 HOH 10 2010 2010 HOH HOH B . 
H 4 HOH 11 2011 2011 HOH HOH B . 
I 4 HOH 1  2001 2001 HOH HOH S . 
I 4 HOH 2  2002 2002 HOH HOH S . 
I 4 HOH 3  2003 2003 HOH HOH S . 
J 4 HOH 1  2001 2001 HOH HOH T . 
J 4 HOH 2  2002 2002 HOH HOH T . 
J 4 HOH 3  2003 2003 HOH HOH T . 
J 4 HOH 4  2004 2004 HOH HOH T . 
# 
loop_
_pdbx_struct_assembly.id 
_pdbx_struct_assembly.details 
_pdbx_struct_assembly.method_details 
_pdbx_struct_assembly.oligomeric_details 
_pdbx_struct_assembly.oligomeric_count 
1 author_and_software_defined_assembly PQS dimeric 2 
2 author_and_software_defined_assembly PQS dimeric 2 
# 
loop_
_pdbx_struct_assembly_gen.assembly_id 
_pdbx_struct_assembly_gen.oper_expression 
_pdbx_struct_assembly_gen.asym_id_list 
1 1 A,D,E,G,J 
2 1 B,C,F,H,I 
# 
_pdbx_struct_oper_list.id                   1 
_pdbx_struct_oper_list.type                 'identity operation' 
_pdbx_struct_oper_list.name                 1_555 
_pdbx_struct_oper_list.symmetry_operation   x,y,z 
_pdbx_struct_oper_list.matrix[1][1]         1.0000000000 
_pdbx_struct_oper_list.matrix[1][2]         0.0000000000 
_pdbx_struct_oper_list.matrix[1][3]         0.0000000000 
_pdbx_struct_oper_list.vector[1]            0.0000000000 
_pdbx_struct_oper_list.matrix[2][1]         0.0000000000 
_pdbx_struct_oper_list.matrix[2][2]         1.0000000000 
_pdbx_struct_oper_list.matrix[2][3]         0.0000000000 
_pdbx_struct_oper_list.vector[2]            0.0000000000 
_pdbx_struct_oper_list.matrix[3][1]         0.0000000000 
_pdbx_struct_oper_list.matrix[3][2]         0.0000000000 
_pdbx_struct_oper_list.matrix[3][3]         1.0000000000 
_pdbx_struct_oper_list.vector[3]            0.0000000000 
# 
loop_
_pdbx_audit_revision_history.ordinal 
_pdbx_audit_revision_history.data_content_type 
_pdbx_audit_revision_history.major_revision 
_pdbx_audit_revision_history.minor_revision 
_pdbx_audit_revision_history.revision_date 
1 'Structure model' 1 0 2005-11-30 
2 'Structure model' 1 1 2011-05-08 
3 'Structure model' 1 2 2011-07-13 
4 'Structure model' 1 3 2023-12-13 
# 
_pdbx_audit_revision_details.ordinal             1 
_pdbx_audit_revision_details.revision_ordinal    1 
_pdbx_audit_revision_details.data_content_type   'Structure model' 
_pdbx_audit_revision_details.provider            repository 
_pdbx_audit_revision_details.type                'Initial release' 
_pdbx_audit_revision_details.description         ? 
_pdbx_audit_revision_details.details             ? 
# 
loop_
_pdbx_audit_revision_group.ordinal 
_pdbx_audit_revision_group.revision_ordinal 
_pdbx_audit_revision_group.data_content_type 
_pdbx_audit_revision_group.group 
1 2 'Structure model' 'Version format compliance' 
2 3 'Structure model' 'Version format compliance' 
3 4 'Structure model' 'Data collection'           
4 4 'Structure model' 'Database references'       
5 4 'Structure model' Other                       
6 4 'Structure model' 'Refinement description'    
# 
loop_
_pdbx_audit_revision_category.ordinal 
_pdbx_audit_revision_category.revision_ordinal 
_pdbx_audit_revision_category.data_content_type 
_pdbx_audit_revision_category.category 
1 4 'Structure model' chem_comp_atom                
2 4 'Structure model' chem_comp_bond                
3 4 'Structure model' database_2                    
4 4 'Structure model' pdbx_database_status          
5 4 'Structure model' pdbx_initial_refinement_model 
# 
loop_
_pdbx_audit_revision_item.ordinal 
_pdbx_audit_revision_item.revision_ordinal 
_pdbx_audit_revision_item.data_content_type 
_pdbx_audit_revision_item.item 
1 4 'Structure model' '_database_2.pdbx_DOI'                 
2 4 'Structure model' '_database_2.pdbx_database_accession'  
3 4 'Structure model' '_pdbx_database_status.status_code_sf' 
# 
loop_
_software.name 
_software.classification 
_software.version 
_software.citation_id 
_software.pdbx_ordinal 
REFMAC refinement       5.2.0005 ? 1 
XDS    'data reduction' .        ? 2 
XDS    'data scaling'   .        ? 3 
PHASER phasing          .        ? 4 
# 
_pdbx_database_remark.id     700 
_pdbx_database_remark.text   
;
SHEET
THE SHEET STRUCTURE OF THIS MOLECULE IS BIFURCATED. IN
ORDER TO REPRESENT THIS FEATURE IN THE SHEET RECORDS BELOW,
TWO SHEETS ARE DEFINED.
;
# 
_pdbx_entry_details.entry_id                 2BP3 
_pdbx_entry_details.compound_details         ? 
_pdbx_entry_details.source_details           ? 
_pdbx_entry_details.nonpolymer_details       ? 
_pdbx_entry_details.sequence_details         
;THE THREE N-TERMINAL RESIDUES OF CHAINS A AND B ARE
FROM THE EXPRESSION VECTOR.
;
_pdbx_entry_details.has_ligand_of_interest   ? 
# 
loop_
_pdbx_validate_torsion.id 
_pdbx_validate_torsion.PDB_model_num 
_pdbx_validate_torsion.auth_comp_id 
_pdbx_validate_torsion.auth_asym_id 
_pdbx_validate_torsion.auth_seq_id 
_pdbx_validate_torsion.PDB_ins_code 
_pdbx_validate_torsion.label_alt_id 
_pdbx_validate_torsion.phi 
_pdbx_validate_torsion.psi 
1 1 GLN A 1916 ? ? 75.22 -8.47 
2 1 GLN B 1916 ? ? 71.82 -1.68 
# 
loop_
_pdbx_unobs_or_zero_occ_atoms.id 
_pdbx_unobs_or_zero_occ_atoms.PDB_model_num 
_pdbx_unobs_or_zero_occ_atoms.polymer_flag 
_pdbx_unobs_or_zero_occ_atoms.occupancy_flag 
_pdbx_unobs_or_zero_occ_atoms.auth_asym_id 
_pdbx_unobs_or_zero_occ_atoms.auth_comp_id 
_pdbx_unobs_or_zero_occ_atoms.auth_seq_id 
_pdbx_unobs_or_zero_occ_atoms.PDB_ins_code 
_pdbx_unobs_or_zero_occ_atoms.auth_atom_id 
_pdbx_unobs_or_zero_occ_atoms.label_alt_id 
_pdbx_unobs_or_zero_occ_atoms.label_asym_id 
_pdbx_unobs_or_zero_occ_atoms.label_comp_id 
_pdbx_unobs_or_zero_occ_atoms.label_seq_id 
_pdbx_unobs_or_zero_occ_atoms.label_atom_id 
1  1 Y 1 A MET -1   ? CG  ? A MET 3  CG  
2  1 Y 1 A MET -1   ? SD  ? A MET 3  SD  
3  1 Y 1 A MET -1   ? CE  ? A MET 3  CE  
4  1 Y 1 A VAL 1863 ? CG1 ? A VAL 4  CG1 
5  1 Y 1 A VAL 1863 ? CG2 ? A VAL 4  CG2 
6  1 Y 1 A ASN 1864 ? CG  ? A ASN 5  CG  
7  1 Y 1 A ASN 1864 ? OD1 ? A ASN 5  OD1 
8  1 Y 1 A ASN 1864 ? ND2 ? A ASN 5  ND2 
9  1 Y 1 A CYS 1865 ? CA  ? A CYS 6  CA  
10 1 Y 1 A CYS 1865 ? C   ? A CYS 6  C   
11 1 Y 1 A CYS 1865 ? O   ? A CYS 6  O   
12 1 Y 1 A CYS 1865 ? CB  ? A CYS 6  CB  
13 1 Y 1 A CYS 1865 ? SG  ? A CYS 6  SG  
14 1 Y 1 A ASP 1955 ? CA  ? A ASP 96 CA  
15 1 Y 1 A ASP 1955 ? C   ? A ASP 96 C   
16 1 Y 1 A ASP 1955 ? O   ? A ASP 96 O   
17 1 Y 1 A ASP 1955 ? CB  ? A ASP 96 CB  
18 1 Y 1 A ASP 1955 ? CG  ? A ASP 96 CG  
19 1 Y 1 A ASP 1955 ? OD1 ? A ASP 96 OD1 
20 1 Y 1 A ASP 1955 ? OD2 ? A ASP 96 OD2 
21 1 Y 1 B ASP 1955 ? CA  ? B ASP 96 CA  
22 1 Y 1 B ASP 1955 ? C   ? B ASP 96 C   
23 1 Y 1 B ASP 1955 ? O   ? B ASP 96 O   
24 1 Y 1 B ASP 1955 ? CB  ? B ASP 96 CB  
25 1 Y 1 B ASP 1955 ? CG  ? B ASP 96 CG  
26 1 Y 1 B ASP 1955 ? OD1 ? B ASP 96 OD1 
27 1 Y 1 B ASP 1955 ? OD2 ? B ASP 96 OD2 
28 1 Y 1 S PRO 573  ? CA  ? C PRO 18 CA  
29 1 Y 1 S PRO 573  ? C   ? C PRO 18 C   
30 1 Y 1 S PRO 573  ? O   ? C PRO 18 O   
31 1 Y 1 S PRO 573  ? CB  ? C PRO 18 CB  
32 1 Y 1 S PRO 573  ? CG  ? C PRO 18 CG  
33 1 Y 1 S PRO 573  ? CD  ? C PRO 18 CD  
34 1 Y 1 T ASN 574  ? CA  ? D ASN 19 CA  
35 1 Y 1 T ASN 574  ? C   ? D ASN 19 C   
36 1 Y 1 T ASN 574  ? O   ? D ASN 19 O   
37 1 Y 1 T ASN 574  ? CB  ? D ASN 19 CB  
38 1 Y 1 T ASN 574  ? CG  ? D ASN 19 CG  
39 1 Y 1 T ASN 574  ? OD1 ? D ASN 19 OD1 
40 1 Y 1 T ASN 574  ? ND2 ? D ASN 19 ND2 
# 
loop_
_pdbx_unobs_or_zero_occ_residues.id 
_pdbx_unobs_or_zero_occ_residues.PDB_model_num 
_pdbx_unobs_or_zero_occ_residues.polymer_flag 
_pdbx_unobs_or_zero_occ_residues.occupancy_flag 
_pdbx_unobs_or_zero_occ_residues.auth_asym_id 
_pdbx_unobs_or_zero_occ_residues.auth_comp_id 
_pdbx_unobs_or_zero_occ_residues.auth_seq_id 
_pdbx_unobs_or_zero_occ_residues.PDB_ins_code 
_pdbx_unobs_or_zero_occ_residues.label_asym_id 
_pdbx_unobs_or_zero_occ_residues.label_comp_id 
_pdbx_unobs_or_zero_occ_residues.label_seq_id 
1  1 Y 1 A GLY -3   ? A GLY 1  
2  1 Y 1 A ALA -2   ? A ALA 2  
3  1 Y 1 A GLY 1866 ? A GLY 7  
4  1 Y 1 A ASP 1956 ? A ASP 97 
5  1 Y 1 B GLY -3   ? B GLY 1  
6  1 Y 1 B ALA -2   ? B ALA 2  
7  1 Y 1 B MET -1   ? B MET 3  
8  1 Y 1 B VAL 1863 ? B VAL 4  
9  1 Y 1 B ASN 1864 ? B ASN 5  
10 1 Y 1 B ASP 1956 ? B ASP 97 
11 1 Y 1 S LEU 556  ? C LEU 1  
12 1 Y 1 S ARG 557  ? C ARG 2  
13 1 Y 1 S GLY 558  ? C GLY 3  
14 1 Y 1 S SER 559  ? C SER 4  
15 1 Y 1 S LEU 560  ? C LEU 5  
16 1 Y 1 S PRO 561  ? C PRO 6  
17 1 Y 1 S ASN 574  ? C ASN 19 
18 1 Y 1 S GLY 575  ? C GLY 20 
19 1 Y 1 S ARG 576  ? C ARG 21 
20 1 Y 1 S VAL 577  ? C VAL 22 
21 1 Y 1 T LEU 556  ? D LEU 1  
22 1 Y 1 T GLY 575  ? D GLY 20 
23 1 Y 1 T ARG 576  ? D ARG 21 
24 1 Y 1 T VAL 577  ? D VAL 22 
# 
loop_
_chem_comp_atom.comp_id 
_chem_comp_atom.atom_id 
_chem_comp_atom.type_symbol 
_chem_comp_atom.pdbx_aromatic_flag 
_chem_comp_atom.pdbx_stereo_config 
_chem_comp_atom.pdbx_ordinal 
ALA N    N N N 1   
ALA CA   C N S 2   
ALA C    C N N 3   
ALA O    O N N 4   
ALA CB   C N N 5   
ALA OXT  O N N 6   
ALA H    H N N 7   
ALA H2   H N N 8   
ALA HA   H N N 9   
ALA HB1  H N N 10  
ALA HB2  H N N 11  
ALA HB3  H N N 12  
ALA HXT  H N N 13  
ARG N    N N N 14  
ARG CA   C N S 15  
ARG C    C N N 16  
ARG O    O N N 17  
ARG CB   C N N 18  
ARG CG   C N N 19  
ARG CD   C N N 20  
ARG NE   N N N 21  
ARG CZ   C N N 22  
ARG NH1  N N N 23  
ARG NH2  N N N 24  
ARG OXT  O N N 25  
ARG H    H N N 26  
ARG H2   H N N 27  
ARG HA   H N N 28  
ARG HB2  H N N 29  
ARG HB3  H N N 30  
ARG HG2  H N N 31  
ARG HG3  H N N 32  
ARG HD2  H N N 33  
ARG HD3  H N N 34  
ARG HE   H N N 35  
ARG HH11 H N N 36  
ARG HH12 H N N 37  
ARG HH21 H N N 38  
ARG HH22 H N N 39  
ARG HXT  H N N 40  
ASN N    N N N 41  
ASN CA   C N S 42  
ASN C    C N N 43  
ASN O    O N N 44  
ASN CB   C N N 45  
ASN CG   C N N 46  
ASN OD1  O N N 47  
ASN ND2  N N N 48  
ASN OXT  O N N 49  
ASN H    H N N 50  
ASN H2   H N N 51  
ASN HA   H N N 52  
ASN HB2  H N N 53  
ASN HB3  H N N 54  
ASN HD21 H N N 55  
ASN HD22 H N N 56  
ASN HXT  H N N 57  
ASP N    N N N 58  
ASP CA   C N S 59  
ASP C    C N N 60  
ASP O    O N N 61  
ASP CB   C N N 62  
ASP CG   C N N 63  
ASP OD1  O N N 64  
ASP OD2  O N N 65  
ASP OXT  O N N 66  
ASP H    H N N 67  
ASP H2   H N N 68  
ASP HA   H N N 69  
ASP HB2  H N N 70  
ASP HB3  H N N 71  
ASP HD2  H N N 72  
ASP HXT  H N N 73  
CYS N    N N N 74  
CYS CA   C N R 75  
CYS C    C N N 76  
CYS O    O N N 77  
CYS CB   C N N 78  
CYS SG   S N N 79  
CYS OXT  O N N 80  
CYS H    H N N 81  
CYS H2   H N N 82  
CYS HA   H N N 83  
CYS HB2  H N N 84  
CYS HB3  H N N 85  
CYS HG   H N N 86  
CYS HXT  H N N 87  
GLN N    N N N 88  
GLN CA   C N S 89  
GLN C    C N N 90  
GLN O    O N N 91  
GLN CB   C N N 92  
GLN CG   C N N 93  
GLN CD   C N N 94  
GLN OE1  O N N 95  
GLN NE2  N N N 96  
GLN OXT  O N N 97  
GLN H    H N N 98  
GLN H2   H N N 99  
GLN HA   H N N 100 
GLN HB2  H N N 101 
GLN HB3  H N N 102 
GLN HG2  H N N 103 
GLN HG3  H N N 104 
GLN HE21 H N N 105 
GLN HE22 H N N 106 
GLN HXT  H N N 107 
GLU N    N N N 108 
GLU CA   C N S 109 
GLU C    C N N 110 
GLU O    O N N 111 
GLU CB   C N N 112 
GLU CG   C N N 113 
GLU CD   C N N 114 
GLU OE1  O N N 115 
GLU OE2  O N N 116 
GLU OXT  O N N 117 
GLU H    H N N 118 
GLU H2   H N N 119 
GLU HA   H N N 120 
GLU HB2  H N N 121 
GLU HB3  H N N 122 
GLU HG2  H N N 123 
GLU HG3  H N N 124 
GLU HE2  H N N 125 
GLU HXT  H N N 126 
GLY N    N N N 127 
GLY CA   C N N 128 
GLY C    C N N 129 
GLY O    O N N 130 
GLY OXT  O N N 131 
GLY H    H N N 132 
GLY H2   H N N 133 
GLY HA2  H N N 134 
GLY HA3  H N N 135 
GLY HXT  H N N 136 
GOL C1   C N N 137 
GOL O1   O N N 138 
GOL C2   C N N 139 
GOL O2   O N N 140 
GOL C3   C N N 141 
GOL O3   O N N 142 
GOL H11  H N N 143 
GOL H12  H N N 144 
GOL HO1  H N N 145 
GOL H2   H N N 146 
GOL HO2  H N N 147 
GOL H31  H N N 148 
GOL H32  H N N 149 
GOL HO3  H N N 150 
HIS N    N N N 151 
HIS CA   C N S 152 
HIS C    C N N 153 
HIS O    O N N 154 
HIS CB   C N N 155 
HIS CG   C Y N 156 
HIS ND1  N Y N 157 
HIS CD2  C Y N 158 
HIS CE1  C Y N 159 
HIS NE2  N Y N 160 
HIS OXT  O N N 161 
HIS H    H N N 162 
HIS H2   H N N 163 
HIS HA   H N N 164 
HIS HB2  H N N 165 
HIS HB3  H N N 166 
HIS HD1  H N N 167 
HIS HD2  H N N 168 
HIS HE1  H N N 169 
HIS HE2  H N N 170 
HIS HXT  H N N 171 
HOH O    O N N 172 
HOH H1   H N N 173 
HOH H2   H N N 174 
ILE N    N N N 175 
ILE CA   C N S 176 
ILE C    C N N 177 
ILE O    O N N 178 
ILE CB   C N S 179 
ILE CG1  C N N 180 
ILE CG2  C N N 181 
ILE CD1  C N N 182 
ILE OXT  O N N 183 
ILE H    H N N 184 
ILE H2   H N N 185 
ILE HA   H N N 186 
ILE HB   H N N 187 
ILE HG12 H N N 188 
ILE HG13 H N N 189 
ILE HG21 H N N 190 
ILE HG22 H N N 191 
ILE HG23 H N N 192 
ILE HD11 H N N 193 
ILE HD12 H N N 194 
ILE HD13 H N N 195 
ILE HXT  H N N 196 
LEU N    N N N 197 
LEU CA   C N S 198 
LEU C    C N N 199 
LEU O    O N N 200 
LEU CB   C N N 201 
LEU CG   C N N 202 
LEU CD1  C N N 203 
LEU CD2  C N N 204 
LEU OXT  O N N 205 
LEU H    H N N 206 
LEU H2   H N N 207 
LEU HA   H N N 208 
LEU HB2  H N N 209 
LEU HB3  H N N 210 
LEU HG   H N N 211 
LEU HD11 H N N 212 
LEU HD12 H N N 213 
LEU HD13 H N N 214 
LEU HD21 H N N 215 
LEU HD22 H N N 216 
LEU HD23 H N N 217 
LEU HXT  H N N 218 
LYS N    N N N 219 
LYS CA   C N S 220 
LYS C    C N N 221 
LYS O    O N N 222 
LYS CB   C N N 223 
LYS CG   C N N 224 
LYS CD   C N N 225 
LYS CE   C N N 226 
LYS NZ   N N N 227 
LYS OXT  O N N 228 
LYS H    H N N 229 
LYS H2   H N N 230 
LYS HA   H N N 231 
LYS HB2  H N N 232 
LYS HB3  H N N 233 
LYS HG2  H N N 234 
LYS HG3  H N N 235 
LYS HD2  H N N 236 
LYS HD3  H N N 237 
LYS HE2  H N N 238 
LYS HE3  H N N 239 
LYS HZ1  H N N 240 
LYS HZ2  H N N 241 
LYS HZ3  H N N 242 
LYS HXT  H N N 243 
MET N    N N N 244 
MET CA   C N S 245 
MET C    C N N 246 
MET O    O N N 247 
MET CB   C N N 248 
MET CG   C N N 249 
MET SD   S N N 250 
MET CE   C N N 251 
MET OXT  O N N 252 
MET H    H N N 253 
MET H2   H N N 254 
MET HA   H N N 255 
MET HB2  H N N 256 
MET HB3  H N N 257 
MET HG2  H N N 258 
MET HG3  H N N 259 
MET HE1  H N N 260 
MET HE2  H N N 261 
MET HE3  H N N 262 
MET HXT  H N N 263 
PHE N    N N N 264 
PHE CA   C N S 265 
PHE C    C N N 266 
PHE O    O N N 267 
PHE CB   C N N 268 
PHE CG   C Y N 269 
PHE CD1  C Y N 270 
PHE CD2  C Y N 271 
PHE CE1  C Y N 272 
PHE CE2  C Y N 273 
PHE CZ   C Y N 274 
PHE OXT  O N N 275 
PHE H    H N N 276 
PHE H2   H N N 277 
PHE HA   H N N 278 
PHE HB2  H N N 279 
PHE HB3  H N N 280 
PHE HD1  H N N 281 
PHE HD2  H N N 282 
PHE HE1  H N N 283 
PHE HE2  H N N 284 
PHE HZ   H N N 285 
PHE HXT  H N N 286 
PRO N    N N N 287 
PRO CA   C N S 288 
PRO C    C N N 289 
PRO O    O N N 290 
PRO CB   C N N 291 
PRO CG   C N N 292 
PRO CD   C N N 293 
PRO OXT  O N N 294 
PRO H    H N N 295 
PRO HA   H N N 296 
PRO HB2  H N N 297 
PRO HB3  H N N 298 
PRO HG2  H N N 299 
PRO HG3  H N N 300 
PRO HD2  H N N 301 
PRO HD3  H N N 302 
PRO HXT  H N N 303 
SER N    N N N 304 
SER CA   C N S 305 
SER C    C N N 306 
SER O    O N N 307 
SER CB   C N N 308 
SER OG   O N N 309 
SER OXT  O N N 310 
SER H    H N N 311 
SER H2   H N N 312 
SER HA   H N N 313 
SER HB2  H N N 314 
SER HB3  H N N 315 
SER HG   H N N 316 
SER HXT  H N N 317 
THR N    N N N 318 
THR CA   C N S 319 
THR C    C N N 320 
THR O    O N N 321 
THR CB   C N R 322 
THR OG1  O N N 323 
THR CG2  C N N 324 
THR OXT  O N N 325 
THR H    H N N 326 
THR H2   H N N 327 
THR HA   H N N 328 
THR HB   H N N 329 
THR HG1  H N N 330 
THR HG21 H N N 331 
THR HG22 H N N 332 
THR HG23 H N N 333 
THR HXT  H N N 334 
TRP N    N N N 335 
TRP CA   C N S 336 
TRP C    C N N 337 
TRP O    O N N 338 
TRP CB   C N N 339 
TRP CG   C Y N 340 
TRP CD1  C Y N 341 
TRP CD2  C Y N 342 
TRP NE1  N Y N 343 
TRP CE2  C Y N 344 
TRP CE3  C Y N 345 
TRP CZ2  C Y N 346 
TRP CZ3  C Y N 347 
TRP CH2  C Y N 348 
TRP OXT  O N N 349 
TRP H    H N N 350 
TRP H2   H N N 351 
TRP HA   H N N 352 
TRP HB2  H N N 353 
TRP HB3  H N N 354 
TRP HD1  H N N 355 
TRP HE1  H N N 356 
TRP HE3  H N N 357 
TRP HZ2  H N N 358 
TRP HZ3  H N N 359 
TRP HH2  H N N 360 
TRP HXT  H N N 361 
TYR N    N N N 362 
TYR CA   C N S 363 
TYR C    C N N 364 
TYR O    O N N 365 
TYR CB   C N N 366 
TYR CG   C Y N 367 
TYR CD1  C Y N 368 
TYR CD2  C Y N 369 
TYR CE1  C Y N 370 
TYR CE2  C Y N 371 
TYR CZ   C Y N 372 
TYR OH   O N N 373 
TYR OXT  O N N 374 
TYR H    H N N 375 
TYR H2   H N N 376 
TYR HA   H N N 377 
TYR HB2  H N N 378 
TYR HB3  H N N 379 
TYR HD1  H N N 380 
TYR HD2  H N N 381 
TYR HE1  H N N 382 
TYR HE2  H N N 383 
TYR HH   H N N 384 
TYR HXT  H N N 385 
VAL N    N N N 386 
VAL CA   C N S 387 
VAL C    C N N 388 
VAL O    O N N 389 
VAL CB   C N N 390 
VAL CG1  C N N 391 
VAL CG2  C N N 392 
VAL OXT  O N N 393 
VAL H    H N N 394 
VAL H2   H N N 395 
VAL HA   H N N 396 
VAL HB   H N N 397 
VAL HG11 H N N 398 
VAL HG12 H N N 399 
VAL HG13 H N N 400 
VAL HG21 H N N 401 
VAL HG22 H N N 402 
VAL HG23 H N N 403 
VAL HXT  H N N 404 
# 
loop_
_chem_comp_bond.comp_id 
_chem_comp_bond.atom_id_1 
_chem_comp_bond.atom_id_2 
_chem_comp_bond.value_order 
_chem_comp_bond.pdbx_aromatic_flag 
_chem_comp_bond.pdbx_stereo_config 
_chem_comp_bond.pdbx_ordinal 
ALA N   CA   sing N N 1   
ALA N   H    sing N N 2   
ALA N   H2   sing N N 3   
ALA CA  C    sing N N 4   
ALA CA  CB   sing N N 5   
ALA CA  HA   sing N N 6   
ALA C   O    doub N N 7   
ALA C   OXT  sing N N 8   
ALA CB  HB1  sing N N 9   
ALA CB  HB2  sing N N 10  
ALA CB  HB3  sing N N 11  
ALA OXT HXT  sing N N 12  
ARG N   CA   sing N N 13  
ARG N   H    sing N N 14  
ARG N   H2   sing N N 15  
ARG CA  C    sing N N 16  
ARG CA  CB   sing N N 17  
ARG CA  HA   sing N N 18  
ARG C   O    doub N N 19  
ARG C   OXT  sing N N 20  
ARG CB  CG   sing N N 21  
ARG CB  HB2  sing N N 22  
ARG CB  HB3  sing N N 23  
ARG CG  CD   sing N N 24  
ARG CG  HG2  sing N N 25  
ARG CG  HG3  sing N N 26  
ARG CD  NE   sing N N 27  
ARG CD  HD2  sing N N 28  
ARG CD  HD3  sing N N 29  
ARG NE  CZ   sing N N 30  
ARG NE  HE   sing N N 31  
ARG CZ  NH1  sing N N 32  
ARG CZ  NH2  doub N N 33  
ARG NH1 HH11 sing N N 34  
ARG NH1 HH12 sing N N 35  
ARG NH2 HH21 sing N N 36  
ARG NH2 HH22 sing N N 37  
ARG OXT HXT  sing N N 38  
ASN N   CA   sing N N 39  
ASN N   H    sing N N 40  
ASN N   H2   sing N N 41  
ASN CA  C    sing N N 42  
ASN CA  CB   sing N N 43  
ASN CA  HA   sing N N 44  
ASN C   O    doub N N 45  
ASN C   OXT  sing N N 46  
ASN CB  CG   sing N N 47  
ASN CB  HB2  sing N N 48  
ASN CB  HB3  sing N N 49  
ASN CG  OD1  doub N N 50  
ASN CG  ND2  sing N N 51  
ASN ND2 HD21 sing N N 52  
ASN ND2 HD22 sing N N 53  
ASN OXT HXT  sing N N 54  
ASP N   CA   sing N N 55  
ASP N   H    sing N N 56  
ASP N   H2   sing N N 57  
ASP CA  C    sing N N 58  
ASP CA  CB   sing N N 59  
ASP CA  HA   sing N N 60  
ASP C   O    doub N N 61  
ASP C   OXT  sing N N 62  
ASP CB  CG   sing N N 63  
ASP CB  HB2  sing N N 64  
ASP CB  HB3  sing N N 65  
ASP CG  OD1  doub N N 66  
ASP CG  OD2  sing N N 67  
ASP OD2 HD2  sing N N 68  
ASP OXT HXT  sing N N 69  
CYS N   CA   sing N N 70  
CYS N   H    sing N N 71  
CYS N   H2   sing N N 72  
CYS CA  C    sing N N 73  
CYS CA  CB   sing N N 74  
CYS CA  HA   sing N N 75  
CYS C   O    doub N N 76  
CYS C   OXT  sing N N 77  
CYS CB  SG   sing N N 78  
CYS CB  HB2  sing N N 79  
CYS CB  HB3  sing N N 80  
CYS SG  HG   sing N N 81  
CYS OXT HXT  sing N N 82  
GLN N   CA   sing N N 83  
GLN N   H    sing N N 84  
GLN N   H2   sing N N 85  
GLN CA  C    sing N N 86  
GLN CA  CB   sing N N 87  
GLN CA  HA   sing N N 88  
GLN C   O    doub N N 89  
GLN C   OXT  sing N N 90  
GLN CB  CG   sing N N 91  
GLN CB  HB2  sing N N 92  
GLN CB  HB3  sing N N 93  
GLN CG  CD   sing N N 94  
GLN CG  HG2  sing N N 95  
GLN CG  HG3  sing N N 96  
GLN CD  OE1  doub N N 97  
GLN CD  NE2  sing N N 98  
GLN NE2 HE21 sing N N 99  
GLN NE2 HE22 sing N N 100 
GLN OXT HXT  sing N N 101 
GLU N   CA   sing N N 102 
GLU N   H    sing N N 103 
GLU N   H2   sing N N 104 
GLU CA  C    sing N N 105 
GLU CA  CB   sing N N 106 
GLU CA  HA   sing N N 107 
GLU C   O    doub N N 108 
GLU C   OXT  sing N N 109 
GLU CB  CG   sing N N 110 
GLU CB  HB2  sing N N 111 
GLU CB  HB3  sing N N 112 
GLU CG  CD   sing N N 113 
GLU CG  HG2  sing N N 114 
GLU CG  HG3  sing N N 115 
GLU CD  OE1  doub N N 116 
GLU CD  OE2  sing N N 117 
GLU OE2 HE2  sing N N 118 
GLU OXT HXT  sing N N 119 
GLY N   CA   sing N N 120 
GLY N   H    sing N N 121 
GLY N   H2   sing N N 122 
GLY CA  C    sing N N 123 
GLY CA  HA2  sing N N 124 
GLY CA  HA3  sing N N 125 
GLY C   O    doub N N 126 
GLY C   OXT  sing N N 127 
GLY OXT HXT  sing N N 128 
GOL C1  O1   sing N N 129 
GOL C1  C2   sing N N 130 
GOL C1  H11  sing N N 131 
GOL C1  H12  sing N N 132 
GOL O1  HO1  sing N N 133 
GOL C2  O2   sing N N 134 
GOL C2  C3   sing N N 135 
GOL C2  H2   sing N N 136 
GOL O2  HO2  sing N N 137 
GOL C3  O3   sing N N 138 
GOL C3  H31  sing N N 139 
GOL C3  H32  sing N N 140 
GOL O3  HO3  sing N N 141 
HIS N   CA   sing N N 142 
HIS N   H    sing N N 143 
HIS N   H2   sing N N 144 
HIS CA  C    sing N N 145 
HIS CA  CB   sing N N 146 
HIS CA  HA   sing N N 147 
HIS C   O    doub N N 148 
HIS C   OXT  sing N N 149 
HIS CB  CG   sing N N 150 
HIS CB  HB2  sing N N 151 
HIS CB  HB3  sing N N 152 
HIS CG  ND1  sing Y N 153 
HIS CG  CD2  doub Y N 154 
HIS ND1 CE1  doub Y N 155 
HIS ND1 HD1  sing N N 156 
HIS CD2 NE2  sing Y N 157 
HIS CD2 HD2  sing N N 158 
HIS CE1 NE2  sing Y N 159 
HIS CE1 HE1  sing N N 160 
HIS NE2 HE2  sing N N 161 
HIS OXT HXT  sing N N 162 
HOH O   H1   sing N N 163 
HOH O   H2   sing N N 164 
ILE N   CA   sing N N 165 
ILE N   H    sing N N 166 
ILE N   H2   sing N N 167 
ILE CA  C    sing N N 168 
ILE CA  CB   sing N N 169 
ILE CA  HA   sing N N 170 
ILE C   O    doub N N 171 
ILE C   OXT  sing N N 172 
ILE CB  CG1  sing N N 173 
ILE CB  CG2  sing N N 174 
ILE CB  HB   sing N N 175 
ILE CG1 CD1  sing N N 176 
ILE CG1 HG12 sing N N 177 
ILE CG1 HG13 sing N N 178 
ILE CG2 HG21 sing N N 179 
ILE CG2 HG22 sing N N 180 
ILE CG2 HG23 sing N N 181 
ILE CD1 HD11 sing N N 182 
ILE CD1 HD12 sing N N 183 
ILE CD1 HD13 sing N N 184 
ILE OXT HXT  sing N N 185 
LEU N   CA   sing N N 186 
LEU N   H    sing N N 187 
LEU N   H2   sing N N 188 
LEU CA  C    sing N N 189 
LEU CA  CB   sing N N 190 
LEU CA  HA   sing N N 191 
LEU C   O    doub N N 192 
LEU C   OXT  sing N N 193 
LEU CB  CG   sing N N 194 
LEU CB  HB2  sing N N 195 
LEU CB  HB3  sing N N 196 
LEU CG  CD1  sing N N 197 
LEU CG  CD2  sing N N 198 
LEU CG  HG   sing N N 199 
LEU CD1 HD11 sing N N 200 
LEU CD1 HD12 sing N N 201 
LEU CD1 HD13 sing N N 202 
LEU CD2 HD21 sing N N 203 
LEU CD2 HD22 sing N N 204 
LEU CD2 HD23 sing N N 205 
LEU OXT HXT  sing N N 206 
LYS N   CA   sing N N 207 
LYS N   H    sing N N 208 
LYS N   H2   sing N N 209 
LYS CA  C    sing N N 210 
LYS CA  CB   sing N N 211 
LYS CA  HA   sing N N 212 
LYS C   O    doub N N 213 
LYS C   OXT  sing N N 214 
LYS CB  CG   sing N N 215 
LYS CB  HB2  sing N N 216 
LYS CB  HB3  sing N N 217 
LYS CG  CD   sing N N 218 
LYS CG  HG2  sing N N 219 
LYS CG  HG3  sing N N 220 
LYS CD  CE   sing N N 221 
LYS CD  HD2  sing N N 222 
LYS CD  HD3  sing N N 223 
LYS CE  NZ   sing N N 224 
LYS CE  HE2  sing N N 225 
LYS CE  HE3  sing N N 226 
LYS NZ  HZ1  sing N N 227 
LYS NZ  HZ2  sing N N 228 
LYS NZ  HZ3  sing N N 229 
LYS OXT HXT  sing N N 230 
MET N   CA   sing N N 231 
MET N   H    sing N N 232 
MET N   H2   sing N N 233 
MET CA  C    sing N N 234 
MET CA  CB   sing N N 235 
MET CA  HA   sing N N 236 
MET C   O    doub N N 237 
MET C   OXT  sing N N 238 
MET CB  CG   sing N N 239 
MET CB  HB2  sing N N 240 
MET CB  HB3  sing N N 241 
MET CG  SD   sing N N 242 
MET CG  HG2  sing N N 243 
MET CG  HG3  sing N N 244 
MET SD  CE   sing N N 245 
MET CE  HE1  sing N N 246 
MET CE  HE2  sing N N 247 
MET CE  HE3  sing N N 248 
MET OXT HXT  sing N N 249 
PHE N   CA   sing N N 250 
PHE N   H    sing N N 251 
PHE N   H2   sing N N 252 
PHE CA  C    sing N N 253 
PHE CA  CB   sing N N 254 
PHE CA  HA   sing N N 255 
PHE C   O    doub N N 256 
PHE C   OXT  sing N N 257 
PHE CB  CG   sing N N 258 
PHE CB  HB2  sing N N 259 
PHE CB  HB3  sing N N 260 
PHE CG  CD1  doub Y N 261 
PHE CG  CD2  sing Y N 262 
PHE CD1 CE1  sing Y N 263 
PHE CD1 HD1  sing N N 264 
PHE CD2 CE2  doub Y N 265 
PHE CD2 HD2  sing N N 266 
PHE CE1 CZ   doub Y N 267 
PHE CE1 HE1  sing N N 268 
PHE CE2 CZ   sing Y N 269 
PHE CE2 HE2  sing N N 270 
PHE CZ  HZ   sing N N 271 
PHE OXT HXT  sing N N 272 
PRO N   CA   sing N N 273 
PRO N   CD   sing N N 274 
PRO N   H    sing N N 275 
PRO CA  C    sing N N 276 
PRO CA  CB   sing N N 277 
PRO CA  HA   sing N N 278 
PRO C   O    doub N N 279 
PRO C   OXT  sing N N 280 
PRO CB  CG   sing N N 281 
PRO CB  HB2  sing N N 282 
PRO CB  HB3  sing N N 283 
PRO CG  CD   sing N N 284 
PRO CG  HG2  sing N N 285 
PRO CG  HG3  sing N N 286 
PRO CD  HD2  sing N N 287 
PRO CD  HD3  sing N N 288 
PRO OXT HXT  sing N N 289 
SER N   CA   sing N N 290 
SER N   H    sing N N 291 
SER N   H2   sing N N 292 
SER CA  C    sing N N 293 
SER CA  CB   sing N N 294 
SER CA  HA   sing N N 295 
SER C   O    doub N N 296 
SER C   OXT  sing N N 297 
SER CB  OG   sing N N 298 
SER CB  HB2  sing N N 299 
SER CB  HB3  sing N N 300 
SER OG  HG   sing N N 301 
SER OXT HXT  sing N N 302 
THR N   CA   sing N N 303 
THR N   H    sing N N 304 
THR N   H2   sing N N 305 
THR CA  C    sing N N 306 
THR CA  CB   sing N N 307 
THR CA  HA   sing N N 308 
THR C   O    doub N N 309 
THR C   OXT  sing N N 310 
THR CB  OG1  sing N N 311 
THR CB  CG2  sing N N 312 
THR CB  HB   sing N N 313 
THR OG1 HG1  sing N N 314 
THR CG2 HG21 sing N N 315 
THR CG2 HG22 sing N N 316 
THR CG2 HG23 sing N N 317 
THR OXT HXT  sing N N 318 
TRP N   CA   sing N N 319 
TRP N   H    sing N N 320 
TRP N   H2   sing N N 321 
TRP CA  C    sing N N 322 
TRP CA  CB   sing N N 323 
TRP CA  HA   sing N N 324 
TRP C   O    doub N N 325 
TRP C   OXT  sing N N 326 
TRP CB  CG   sing N N 327 
TRP CB  HB2  sing N N 328 
TRP CB  HB3  sing N N 329 
TRP CG  CD1  doub Y N 330 
TRP CG  CD2  sing Y N 331 
TRP CD1 NE1  sing Y N 332 
TRP CD1 HD1  sing N N 333 
TRP CD2 CE2  doub Y N 334 
TRP CD2 CE3  sing Y N 335 
TRP NE1 CE2  sing Y N 336 
TRP NE1 HE1  sing N N 337 
TRP CE2 CZ2  sing Y N 338 
TRP CE3 CZ3  doub Y N 339 
TRP CE3 HE3  sing N N 340 
TRP CZ2 CH2  doub Y N 341 
TRP CZ2 HZ2  sing N N 342 
TRP CZ3 CH2  sing Y N 343 
TRP CZ3 HZ3  sing N N 344 
TRP CH2 HH2  sing N N 345 
TRP OXT HXT  sing N N 346 
TYR N   CA   sing N N 347 
TYR N   H    sing N N 348 
TYR N   H2   sing N N 349 
TYR CA  C    sing N N 350 
TYR CA  CB   sing N N 351 
TYR CA  HA   sing N N 352 
TYR C   O    doub N N 353 
TYR C   OXT  sing N N 354 
TYR CB  CG   sing N N 355 
TYR CB  HB2  sing N N 356 
TYR CB  HB3  sing N N 357 
TYR CG  CD1  doub Y N 358 
TYR CG  CD2  sing Y N 359 
TYR CD1 CE1  sing Y N 360 
TYR CD1 HD1  sing N N 361 
TYR CD2 CE2  doub Y N 362 
TYR CD2 HD2  sing N N 363 
TYR CE1 CZ   doub Y N 364 
TYR CE1 HE1  sing N N 365 
TYR CE2 CZ   sing Y N 366 
TYR CE2 HE2  sing N N 367 
TYR CZ  OH   sing N N 368 
TYR OH  HH   sing N N 369 
TYR OXT HXT  sing N N 370 
VAL N   CA   sing N N 371 
VAL N   H    sing N N 372 
VAL N   H2   sing N N 373 
VAL CA  C    sing N N 374 
VAL CA  CB   sing N N 375 
VAL CA  HA   sing N N 376 
VAL C   O    doub N N 377 
VAL C   OXT  sing N N 378 
VAL CB  CG1  sing N N 379 
VAL CB  CG2  sing N N 380 
VAL CB  HB   sing N N 381 
VAL CG1 HG11 sing N N 382 
VAL CG1 HG12 sing N N 383 
VAL CG1 HG13 sing N N 384 
VAL CG2 HG21 sing N N 385 
VAL CG2 HG22 sing N N 386 
VAL CG2 HG23 sing N N 387 
VAL OXT HXT  sing N N 388 
# 
loop_
_pdbx_entity_nonpoly.entity_id 
_pdbx_entity_nonpoly.name 
_pdbx_entity_nonpoly.comp_id 
3 GLYCEROL GOL 
4 water    HOH 
# 
_pdbx_initial_refinement_model.id               1 
_pdbx_initial_refinement_model.entity_id_list   ? 
_pdbx_initial_refinement_model.type             'experimental model' 
_pdbx_initial_refinement_model.source_name      PDB 
_pdbx_initial_refinement_model.accession_code   1V05 
_pdbx_initial_refinement_model.details          'PDB ENTRY 1V05' 
# 
